data_3JVW
# 
_entry.id   3JVW 
# 
_audit_conform.dict_name       mmcif_pdbx.dic 
_audit_conform.dict_version    5.378 
_audit_conform.dict_location   http://mmcif.pdb.org/dictionaries/ascii/mmcif_pdbx.dic 
# 
loop_
_database_2.database_id 
_database_2.database_code 
_database_2.pdbx_database_accession 
_database_2.pdbx_DOI 
PDB   3JVW         pdb_00003jvw 10.2210/pdb3jvw/pdb 
RCSB  RCSB055225   ?            ?                   
WWPDB D_1000055225 ?            ?                   
# 
loop_
_pdbx_database_related.db_name 
_pdbx_database_related.db_id 
_pdbx_database_related.details 
_pdbx_database_related.content_type 
PDB 2IEN 'Wild-Type HIV-1 Protease with Darunavir'   unspecified 
PDB 3JW2 'HIV-1 Protease Mutant G86S with DARUNAVIR' unspecified 
PDB 3JVY 'HIV-1 Protease Mutant G86A with DARUNAVIR' unspecified 
# 
_pdbx_database_status.status_code                     REL 
_pdbx_database_status.entry_id                        3JVW 
_pdbx_database_status.recvd_initial_deposition_date   2009-09-17 
_pdbx_database_status.deposit_site                    RCSB 
_pdbx_database_status.process_site                    RCSB 
_pdbx_database_status.status_code_sf                  REL 
_pdbx_database_status.status_code_mr                  ? 
_pdbx_database_status.SG_entry                        ? 
_pdbx_database_status.pdb_format_compatible           Y 
_pdbx_database_status.status_code_cs                  ? 
_pdbx_database_status.methods_development_category    ? 
_pdbx_database_status.status_code_nmr_data            ? 
# 
loop_
_audit_author.name 
_audit_author.pdbx_ordinal 
'Tie, Y.'     1 
'Weber, I.T.' 2 
# 
_citation.id                        primary 
_citation.title                     
;Highly conserved glycine 86 and arginine 87 residues contribute differently to the structure and activity of the mature HIV-1 protease
;
_citation.journal_abbrev            Proteins 
_citation.journal_volume            78 
_citation.page_first                1015 
_citation.page_last                 1025 
_citation.year                      2009 
_citation.journal_id_ASTM           PSFGEY 
_citation.country                   US 
_citation.journal_id_ISSN           0887-3585 
_citation.journal_id_CSD            0867 
_citation.book_publisher            ? 
_citation.pdbx_database_id_PubMed   19899162 
_citation.pdbx_database_id_DOI      10.1002/prot.22625 
# 
loop_
_citation_author.citation_id 
_citation_author.name 
_citation_author.ordinal 
_citation_author.identifier_ORCID 
primary 'Ishima, R.'  1 ? 
primary 'Gong, Q.'    2 ? 
primary 'Tie, Y.'     3 ? 
primary 'Weber, I.T.' 4 ? 
primary 'Louis, J.M.' 5 ? 
# 
_cell.entry_id           3JVW 
_cell.length_a           58.067 
_cell.length_b           86.358 
_cell.length_c           46.592 
_cell.angle_alpha        90.00 
_cell.angle_beta         90.00 
_cell.angle_gamma        90.00 
_cell.Z_PDB              8 
_cell.pdbx_unique_axis   ? 
_cell.length_a_esd       ? 
_cell.length_b_esd       ? 
_cell.length_c_esd       ? 
_cell.angle_alpha_esd    ? 
_cell.angle_beta_esd     ? 
_cell.angle_gamma_esd    ? 
# 
_symmetry.entry_id                         3JVW 
_symmetry.space_group_name_H-M             'P 21 21 2' 
_symmetry.pdbx_full_space_group_name_H-M   ? 
_symmetry.cell_setting                     ? 
_symmetry.Int_Tables_number                18 
_symmetry.space_group_name_Hall            ? 
# 
loop_
_entity.id 
_entity.type 
_entity.src_method 
_entity.pdbx_description 
_entity.formula_weight 
_entity.pdbx_number_of_molecules 
_entity.pdbx_ec 
_entity.pdbx_mutation 
_entity.pdbx_fragment 
_entity.details 
1 polymer     man 'Gag-Pol polyprotein' 10754.702 2  3.4.23.16 'Q7K, L33I, L63I, C67A, G86A, C95A' 'UNP residues 501-599' ? 
2 non-polymer syn 
;[4-R-(-4-ALPHA,5-ALPHA,6-BETA,7-BETA)]-HEXAHYDRO-5,6-BIS(HYDROXY)-[1,3-BIS([4-HYDROXYMETHYL-PHENYL]METHYL)-4,7-BIS(PHEN YLMETHYL)]-2H-1,3-DIAZEPINONE
;
566.687   1  ?         ?                                   ?                      ? 
3 water       nat water 18.015    85 ?         ?                                   ?                      ? 
# 
_entity_name_com.entity_id   1 
_entity_name_com.name        
;Pr160Gag-Pol, Matrix protein p17, MA, Capsid protein p24, CA, Spacer peptide p2, Nucleocapsid protein p7, NC, Transframe peptide, TF, p6-pol, p6*, Protease, Retropepsin, PR, Reverse transcriptase/ribonuclease H, p66 RT, p51 RT, p15, Integrase, IN
;
# 
_entity_poly.entity_id                      1 
_entity_poly.type                           'polypeptide(L)' 
_entity_poly.nstd_linkage                   no 
_entity_poly.nstd_monomer                   no 
_entity_poly.pdbx_seq_one_letter_code       
;PQITLWKRPLVTIKIGGQLKEALLDTGADDTVIEEMSLPGRWKPKMIGGIGGFIKVRQYDQIIIEIAGHKAIGTVLVGPT
PVNIIARNLLTQIGATLNF
;
_entity_poly.pdbx_seq_one_letter_code_can   
;PQITLWKRPLVTIKIGGQLKEALLDTGADDTVIEEMSLPGRWKPKMIGGIGGFIKVRQYDQIIIEIAGHKAIGTVLVGPT
PVNIIARNLLTQIGATLNF
;
_entity_poly.pdbx_strand_id                 A,B 
_entity_poly.pdbx_target_identifier         ? 
# 
loop_
_entity_poly_seq.entity_id 
_entity_poly_seq.num 
_entity_poly_seq.mon_id 
_entity_poly_seq.hetero 
1 1  PRO n 
1 2  GLN n 
1 3  ILE n 
1 4  THR n 
1 5  LEU n 
1 6  TRP n 
1 7  LYS n 
1 8  ARG n 
1 9  PRO n 
1 10 LEU n 
1 11 VAL n 
1 12 THR n 
1 13 ILE n 
1 14 LYS n 
1 15 ILE n 
1 16 GLY n 
1 17 GLY n 
1 18 GLN n 
1 19 LEU n 
1 20 LYS n 
1 21 GLU n 
1 22 ALA n 
1 23 LEU n 
1 24 LEU n 
1 25 ASP n 
1 26 THR n 
1 27 GLY n 
1 28 ALA n 
1 29 ASP n 
1 30 ASP n 
1 31 THR n 
1 32 VAL n 
1 33 ILE n 
1 34 GLU n 
1 35 GLU n 
1 36 MET n 
1 37 SER n 
1 38 LEU n 
1 39 PRO n 
1 40 GLY n 
1 41 ARG n 
1 42 TRP n 
1 43 LYS n 
1 44 PRO n 
1 45 LYS n 
1 46 MET n 
1 47 ILE n 
1 48 GLY n 
1 49 GLY n 
1 50 ILE n 
1 51 GLY n 
1 52 GLY n 
1 53 PHE n 
1 54 ILE n 
1 55 LYS n 
1 56 VAL n 
1 57 ARG n 
1 58 GLN n 
1 59 TYR n 
1 60 ASP n 
1 61 GLN n 
1 62 ILE n 
1 63 ILE n 
1 64 ILE n 
1 65 GLU n 
1 66 ILE n 
1 67 ALA n 
1 68 GLY n 
1 69 HIS n 
1 70 LYS n 
1 71 ALA n 
1 72 ILE n 
1 73 GLY n 
1 74 THR n 
1 75 VAL n 
1 76 LEU n 
1 77 VAL n 
1 78 GLY n 
1 79 PRO n 
1 80 THR n 
1 81 PRO n 
1 82 VAL n 
1 83 ASN n 
1 84 ILE n 
1 85 ILE n 
1 86 ALA n 
1 87 ARG n 
1 88 ASN n 
1 89 LEU n 
1 90 LEU n 
1 91 THR n 
1 92 GLN n 
1 93 ILE n 
1 94 GLY n 
1 95 ALA n 
1 96 THR n 
1 97 LEU n 
1 98 ASN n 
1 99 PHE n 
# 
_entity_src_gen.entity_id                          1 
_entity_src_gen.pdbx_src_id                        1 
_entity_src_gen.pdbx_alt_source_flag               sample 
_entity_src_gen.pdbx_seq_type                      ? 
_entity_src_gen.pdbx_beg_seq_num                   ? 
_entity_src_gen.pdbx_end_seq_num                   ? 
_entity_src_gen.gene_src_common_name               HIV-1 
_entity_src_gen.gene_src_genus                     ? 
_entity_src_gen.pdbx_gene_src_gene                 'gag-pol, Human immunodeficiency virus type 1' 
_entity_src_gen.gene_src_species                   ? 
_entity_src_gen.gene_src_strain                    ? 
_entity_src_gen.gene_src_tissue                    ? 
_entity_src_gen.gene_src_tissue_fraction           ? 
_entity_src_gen.gene_src_details                   ? 
_entity_src_gen.pdbx_gene_src_fragment             ? 
_entity_src_gen.pdbx_gene_src_scientific_name      'Human immunodeficiency virus type 1 (BRU ISOLATE)' 
_entity_src_gen.pdbx_gene_src_ncbi_taxonomy_id     11686 
_entity_src_gen.pdbx_gene_src_variant              ? 
_entity_src_gen.pdbx_gene_src_cell_line            ? 
_entity_src_gen.pdbx_gene_src_atcc                 ? 
_entity_src_gen.pdbx_gene_src_organ                ? 
_entity_src_gen.pdbx_gene_src_organelle            ? 
_entity_src_gen.pdbx_gene_src_cell                 ? 
_entity_src_gen.pdbx_gene_src_cellular_location    ? 
_entity_src_gen.host_org_common_name               ? 
_entity_src_gen.pdbx_host_org_scientific_name      'Escherichia coli' 
_entity_src_gen.pdbx_host_org_ncbi_taxonomy_id     562 
_entity_src_gen.host_org_genus                     ? 
_entity_src_gen.pdbx_host_org_gene                 ? 
_entity_src_gen.pdbx_host_org_organ                ? 
_entity_src_gen.host_org_species                   ? 
_entity_src_gen.pdbx_host_org_tissue               ? 
_entity_src_gen.pdbx_host_org_tissue_fraction      ? 
_entity_src_gen.pdbx_host_org_strain               'Bl21 (de3)' 
_entity_src_gen.pdbx_host_org_variant              ? 
_entity_src_gen.pdbx_host_org_cell_line            ? 
_entity_src_gen.pdbx_host_org_atcc                 ? 
_entity_src_gen.pdbx_host_org_culture_collection   ? 
_entity_src_gen.pdbx_host_org_cell                 ? 
_entity_src_gen.pdbx_host_org_organelle            ? 
_entity_src_gen.pdbx_host_org_cellular_location    ? 
_entity_src_gen.pdbx_host_org_vector_type          plasmid 
_entity_src_gen.pdbx_host_org_vector               ? 
_entity_src_gen.host_org_details                   ? 
_entity_src_gen.expression_system_id               ? 
_entity_src_gen.plasmid_name                       pET11a 
_entity_src_gen.plasmid_details                    ? 
_entity_src_gen.pdbx_description                   ? 
# 
_struct_ref.id                         1 
_struct_ref.db_name                    UNP 
_struct_ref.db_code                    POL_HV1BR 
_struct_ref.pdbx_db_accession          P03367 
_struct_ref.entity_id                  1 
_struct_ref.pdbx_seq_one_letter_code   
;PQITLWQRPLVTIKIGGQLKEALLDTGADDTVLEEMSLPGRWKPKMIGGIGGFIKVRQYDQILIEICGHKAIGTVLVGPT
PVNIIGRNLLTQIGCTLNF
;
_struct_ref.pdbx_align_begin           501 
_struct_ref.pdbx_db_isoform            ? 
# 
loop_
_struct_ref_seq.align_id 
_struct_ref_seq.ref_id 
_struct_ref_seq.pdbx_PDB_id_code 
_struct_ref_seq.pdbx_strand_id 
_struct_ref_seq.seq_align_beg 
_struct_ref_seq.pdbx_seq_align_beg_ins_code 
_struct_ref_seq.seq_align_end 
_struct_ref_seq.pdbx_seq_align_end_ins_code 
_struct_ref_seq.pdbx_db_accession 
_struct_ref_seq.db_align_beg 
_struct_ref_seq.pdbx_db_align_beg_ins_code 
_struct_ref_seq.db_align_end 
_struct_ref_seq.pdbx_db_align_end_ins_code 
_struct_ref_seq.pdbx_auth_seq_align_beg 
_struct_ref_seq.pdbx_auth_seq_align_end 
1 1 3JVW A 1 ? 99 ? P03367 501 ? 599 ? 1   99  
2 1 3JVW B 1 ? 99 ? P03367 501 ? 599 ? 101 199 
# 
loop_
_struct_ref_seq_dif.align_id 
_struct_ref_seq_dif.pdbx_pdb_id_code 
_struct_ref_seq_dif.mon_id 
_struct_ref_seq_dif.pdbx_pdb_strand_id 
_struct_ref_seq_dif.seq_num 
_struct_ref_seq_dif.pdbx_pdb_ins_code 
_struct_ref_seq_dif.pdbx_seq_db_name 
_struct_ref_seq_dif.pdbx_seq_db_accession_code 
_struct_ref_seq_dif.db_mon_id 
_struct_ref_seq_dif.pdbx_seq_db_seq_num 
_struct_ref_seq_dif.details 
_struct_ref_seq_dif.pdbx_auth_seq_num 
_struct_ref_seq_dif.pdbx_ordinal 
1 3JVW LYS A 7  ? UNP P03367 GLN 507 'engineered mutation' 7   1  
1 3JVW ILE A 33 ? UNP P03367 LEU 533 'engineered mutation' 33  2  
1 3JVW ILE A 63 ? UNP P03367 LEU 563 'engineered mutation' 63  3  
1 3JVW ALA A 67 ? UNP P03367 CYS 567 'engineered mutation' 67  4  
1 3JVW ALA A 86 ? UNP P03367 GLY 586 'engineered mutation' 86  5  
1 3JVW ALA A 95 ? UNP P03367 CYS 595 'engineered mutation' 95  6  
2 3JVW LYS B 7  ? UNP P03367 GLN 507 'engineered mutation' 107 7  
2 3JVW ILE B 33 ? UNP P03367 LEU 533 'engineered mutation' 133 8  
2 3JVW ILE B 63 ? UNP P03367 LEU 563 'engineered mutation' 163 9  
2 3JVW ALA B 67 ? UNP P03367 CYS 567 'engineered mutation' 167 10 
2 3JVW ALA B 86 ? UNP P03367 GLY 586 'engineered mutation' 186 11 
2 3JVW ALA B 95 ? UNP P03367 CYS 595 'engineered mutation' 195 12 
# 
loop_
_chem_comp.id 
_chem_comp.type 
_chem_comp.mon_nstd_flag 
_chem_comp.name 
_chem_comp.pdbx_synonyms 
_chem_comp.formula 
_chem_comp.formula_weight 
ALA 'L-peptide linking' y ALANINE ?                                   'C3 H7 N O2'     89.093  
ARG 'L-peptide linking' y ARGININE ?                                   'C6 H15 N4 O2 1' 175.209 
ASN 'L-peptide linking' y ASPARAGINE ?                                   'C4 H8 N2 O3'    132.118 
ASP 'L-peptide linking' y 'ASPARTIC ACID' ?                                   'C4 H7 N O4'     133.103 
CYS 'L-peptide linking' y CYSTEINE ?                                   'C3 H7 N O2 S'   121.158 
DMP non-polymer         . 
;[4-R-(-4-ALPHA,5-ALPHA,6-BETA,7-BETA)]-HEXAHYDRO-5,6-BIS(HYDROXY)-[1,3-BIS([4-HYDROXYMETHYL-PHENYL]METHYL)-4,7-BIS(PHEN YLMETHYL)]-2H-1,3-DIAZEPINONE
;
'DMP323(INHIBITOR OF DUPONT MERCK)' 'C35 H38 N2 O5'  566.687 
GLN 'L-peptide linking' y GLUTAMINE ?                                   'C5 H10 N2 O3'   146.144 
GLU 'L-peptide linking' y 'GLUTAMIC ACID' ?                                   'C5 H9 N O4'     147.129 
GLY 'peptide linking'   y GLYCINE ?                                   'C2 H5 N O2'     75.067  
HIS 'L-peptide linking' y HISTIDINE ?                                   'C6 H10 N3 O2 1' 156.162 
HOH non-polymer         . WATER ?                                   'H2 O'           18.015  
ILE 'L-peptide linking' y ISOLEUCINE ?                                   'C6 H13 N O2'    131.173 
LEU 'L-peptide linking' y LEUCINE ?                                   'C6 H13 N O2'    131.173 
LYS 'L-peptide linking' y LYSINE ?                                   'C6 H15 N2 O2 1' 147.195 
MET 'L-peptide linking' y METHIONINE ?                                   'C5 H11 N O2 S'  149.211 
PHE 'L-peptide linking' y PHENYLALANINE ?                                   'C9 H11 N O2'    165.189 
PRO 'L-peptide linking' y PROLINE ?                                   'C5 H9 N O2'     115.130 
SER 'L-peptide linking' y SERINE ?                                   'C3 H7 N O3'     105.093 
THR 'L-peptide linking' y THREONINE ?                                   'C4 H9 N O3'     119.119 
TRP 'L-peptide linking' y TRYPTOPHAN ?                                   'C11 H12 N2 O2'  204.225 
TYR 'L-peptide linking' y TYROSINE ?                                   'C9 H11 N O3'    181.189 
VAL 'L-peptide linking' y VALINE ?                                   'C5 H11 N O2'    117.146 
# 
_exptl.entry_id          3JVW 
_exptl.method            'X-RAY DIFFRACTION' 
_exptl.crystals_number   1 
# 
_exptl_crystal.id                    1 
_exptl_crystal.density_meas          ? 
_exptl_crystal.density_Matthews      2.72 
_exptl_crystal.density_percent_sol   54.70 
_exptl_crystal.description           ? 
_exptl_crystal.F_000                 ? 
_exptl_crystal.preparation           ? 
# 
_exptl_crystal_grow.crystal_id      1 
_exptl_crystal_grow.method          'VAPOR DIFFUSION, HANGING DROP' 
_exptl_crystal_grow.temp            277 
_exptl_crystal_grow.temp_details    ? 
_exptl_crystal_grow.pH              4.60 
_exptl_crystal_grow.pdbx_details    
'5% DMSO,0.9M NACL,SODIUM ACETATE BUFFER, pH 4.60, VAPOR DIFFUSION, HANGING DROP, temperature 277K' 
_exptl_crystal_grow.pdbx_pH_range   ? 
# 
_diffrn.id                     1 
_diffrn.ambient_temp           90.0 
_diffrn.ambient_temp_details   ? 
_diffrn.crystal_id             1 
# 
_diffrn_detector.diffrn_id              1 
_diffrn_detector.detector               CCD 
_diffrn_detector.type                   MARRESEARCH 
_diffrn_detector.pdbx_collection_date   2004-11-15 
_diffrn_detector.details                ? 
# 
_diffrn_radiation.diffrn_id                        1 
_diffrn_radiation.wavelength_id                    1 
_diffrn_radiation.pdbx_monochromatic_or_laue_m_l   M 
_diffrn_radiation.monochromator                    ? 
_diffrn_radiation.pdbx_diffrn_protocol             'SINGLE WAVELENGTH' 
_diffrn_radiation.pdbx_scattering_type             x-ray 
# 
_diffrn_radiation_wavelength.id           1 
_diffrn_radiation_wavelength.wavelength   0.99997 
_diffrn_radiation_wavelength.wt           1.0 
# 
_diffrn_source.diffrn_id                   1 
_diffrn_source.source                      SYNCHROTRON 
_diffrn_source.type                        'APS BEAMLINE 22-ID' 
_diffrn_source.pdbx_synchrotron_site       APS 
_diffrn_source.pdbx_synchrotron_beamline   22-ID 
_diffrn_source.pdbx_wavelength             0.99997 
_diffrn_source.pdbx_wavelength_list        ? 
# 
_reflns.entry_id                     3JVW 
_reflns.observed_criterion_sigma_I   ? 
_reflns.observed_criterion_sigma_F   ? 
_reflns.d_resolution_low             50 
_reflns.d_resolution_high            1.80 
_reflns.number_obs                   22278 
_reflns.number_all                   22278 
_reflns.percent_possible_obs         89.5 
_reflns.pdbx_Rmerge_I_obs            0.095 
_reflns.pdbx_Rsym_value              ? 
_reflns.pdbx_netI_over_sigmaI        14.0 
_reflns.B_iso_Wilson_estimate        ? 
_reflns.pdbx_redundancy              3.4 
_reflns.R_free_details               ? 
_reflns.limit_h_max                  ? 
_reflns.limit_h_min                  ? 
_reflns.limit_k_max                  ? 
_reflns.limit_k_min                  ? 
_reflns.limit_l_max                  ? 
_reflns.limit_l_min                  ? 
_reflns.observed_criterion_F_max     ? 
_reflns.observed_criterion_F_min     ? 
_reflns.pdbx_chi_squared             ? 
_reflns.pdbx_scaling_rejects         ? 
_reflns.pdbx_diffrn_id               1 
_reflns.pdbx_ordinal                 1 
# 
_reflns_shell.d_res_high             1.80 
_reflns_shell.d_res_low              1.86 
_reflns_shell.percent_possible_all   53.2 
_reflns_shell.Rmerge_I_obs           0.254 
_reflns_shell.pdbx_Rsym_value        ? 
_reflns_shell.meanI_over_sigI_obs    ? 
_reflns_shell.pdbx_redundancy        ? 
_reflns_shell.percent_possible_obs   ? 
_reflns_shell.number_unique_all      ? 
_reflns_shell.number_measured_all    ? 
_reflns_shell.number_measured_obs    ? 
_reflns_shell.number_unique_obs      ? 
_reflns_shell.pdbx_chi_squared       ? 
_reflns_shell.pdbx_diffrn_id         ? 
_reflns_shell.pdbx_ordinal           1 
# 
_refine.entry_id                                 3JVW 
_refine.ls_number_reflns_obs                     19742 
_refine.ls_number_reflns_all                     19742 
_refine.pdbx_ls_sigma_I                          ? 
_refine.pdbx_ls_sigma_F                          0.0 
_refine.pdbx_data_cutoff_high_absF               ? 
_refine.pdbx_data_cutoff_low_absF                ? 
_refine.pdbx_data_cutoff_high_rms_absF           ? 
_refine.ls_d_res_low                             10.00 
_refine.ls_d_res_high                            1.80 
_refine.ls_percent_reflns_obs                    88.8 
_refine.ls_R_factor_obs                          0.2256 
_refine.ls_R_factor_all                          ? 
_refine.ls_R_factor_R_work                       0.2256 
_refine.ls_R_factor_R_free                       0.2888 
_refine.ls_R_factor_R_free_error                 ? 
_refine.ls_R_factor_R_free_error_details         ? 
_refine.ls_percent_reflns_R_free                 5.0 
_refine.ls_number_reflns_R_free                  983 
_refine.ls_number_parameters                     6666 
_refine.ls_number_restraints                     6440 
_refine.occupancy_min                            ? 
_refine.occupancy_max                            ? 
_refine.correlation_coeff_Fo_to_Fc               ? 
_refine.correlation_coeff_Fo_to_Fc_free          ? 
_refine.B_iso_mean                               ? 
_refine.aniso_B[1][1]                            ? 
_refine.aniso_B[2][2]                            ? 
_refine.aniso_B[3][3]                            ? 
_refine.aniso_B[1][2]                            ? 
_refine.aniso_B[1][3]                            ? 
_refine.aniso_B[2][3]                            ? 
_refine.solvent_model_details                    ? 
_refine.solvent_model_param_ksol                 ? 
_refine.solvent_model_param_bsol                 ? 
_refine.pdbx_solvent_vdw_probe_radii             ? 
_refine.pdbx_solvent_ion_probe_radii             ? 
_refine.pdbx_solvent_shrinkage_radii             ? 
_refine.pdbx_ls_cross_valid_method               'FREE R' 
_refine.details                                  
'ANISOTROPIC SCALING APPLIED BY THE METHOD OF PARKIN, MOEZZI & HOPE, J.APPL.CRYST.28(1995)53-56' 
_refine.pdbx_starting_model                      'PDB entry 2IEN' 
_refine.pdbx_method_to_determine_struct          'MOLECULAR REPLACEMENT' 
_refine.pdbx_isotropic_thermal_model             ? 
_refine.pdbx_stereochemistry_target_values       'ENGH AND HUBER' 
_refine.pdbx_stereochem_target_val_spec_case     ? 
_refine.pdbx_R_Free_selection_details            RANDOM 
_refine.pdbx_overall_ESU_R                       ? 
_refine.pdbx_overall_ESU_R_Free                  ? 
_refine.overall_SU_ML                            ? 
_refine.overall_SU_B                             ? 
_refine.ls_redundancy_reflns_obs                 ? 
_refine.B_iso_min                                ? 
_refine.B_iso_max                                ? 
_refine.overall_SU_R_Cruickshank_DPI             ? 
_refine.overall_SU_R_free                        ? 
_refine.ls_wR_factor_R_free                      ? 
_refine.ls_wR_factor_R_work                      ? 
_refine.overall_FOM_free_R_set                   ? 
_refine.overall_FOM_work_R_set                   ? 
_refine.pdbx_overall_phase_error                 ? 
_refine.pdbx_refine_id                           'X-RAY DIFFRACTION' 
_refine.pdbx_diffrn_id                           1 
_refine.pdbx_TLS_residual_ADP_flag               ? 
_refine.pdbx_overall_SU_R_free_Cruickshank_DPI   ? 
_refine.pdbx_overall_SU_R_Blow_DPI               ? 
_refine.pdbx_overall_SU_R_free_Blow_DPI          ? 
# 
_refine_analyze.entry_id                        3JVW 
_refine_analyze.Luzzati_coordinate_error_obs    ? 
_refine_analyze.Luzzati_sigma_a_obs             ? 
_refine_analyze.Luzzati_d_res_low_obs           ? 
_refine_analyze.Luzzati_coordinate_error_free   ? 
_refine_analyze.Luzzati_sigma_a_free            ? 
_refine_analyze.Luzzati_d_res_low_free          ? 
_refine_analyze.number_disordered_residues      6 
_refine_analyze.occupancy_sum_hydrogen          0.00 
_refine_analyze.occupancy_sum_non_hydrogen      1624.00 
_refine_analyze.pdbx_Luzzati_d_res_high_obs     ? 
_refine_analyze.pdbx_refine_id                  'X-RAY DIFFRACTION' 
# 
_refine_hist.pdbx_refine_id                   'X-RAY DIFFRACTION' 
_refine_hist.cycle_id                         LAST 
_refine_hist.pdbx_number_atoms_protein        1534 
_refine_hist.pdbx_number_atoms_nucleic_acid   0 
_refine_hist.pdbx_number_atoms_ligand         42 
_refine_hist.number_atoms_solvent             85 
_refine_hist.number_atoms_total               1661 
_refine_hist.d_res_high                       1.80 
_refine_hist.d_res_low                        10.00 
# 
loop_
_refine_ls_restr.type 
_refine_ls_restr.dev_ideal 
_refine_ls_restr.dev_ideal_target 
_refine_ls_restr.weight 
_refine_ls_restr.number 
_refine_ls_restr.pdbx_refine_id 
_refine_ls_restr.pdbx_restraint_function 
s_bond_d               0.006  ? ? ? 'X-RAY DIFFRACTION' ? 
s_angle_d              0.023  ? ? ? 'X-RAY DIFFRACTION' ? 
s_similar_dist         0.000  ? ? ? 'X-RAY DIFFRACTION' ? 
s_from_restr_planes    0.0255 ? ? ? 'X-RAY DIFFRACTION' ? 
s_zero_chiral_vol      0.032  ? ? ? 'X-RAY DIFFRACTION' ? 
s_non_zero_chiral_vol  0.044  ? ? ? 'X-RAY DIFFRACTION' ? 
s_anti_bump_dis_restr  0.009  ? ? ? 'X-RAY DIFFRACTION' ? 
s_rigid_bond_adp_cmpnt 0.000  ? ? ? 'X-RAY DIFFRACTION' ? 
s_similar_adp_cmpnt    0.083  ? ? ? 'X-RAY DIFFRACTION' ? 
s_approx_iso_adps      0.000  ? ? ? 'X-RAY DIFFRACTION' ? 
# 
_pdbx_refine.pdbx_refine_id                              'X-RAY DIFFRACTION' 
_pdbx_refine.entry_id                                    3JVW 
_pdbx_refine.R_factor_all_no_cutoff                      0.2292 
_pdbx_refine.R_factor_obs_no_cutoff                      0.2256 
_pdbx_refine.free_R_factor_no_cutoff                     0.2888 
_pdbx_refine.free_R_error_no_cutoff                      ? 
_pdbx_refine.free_R_val_test_set_size_perc_no_cutoff     5.0 
_pdbx_refine.free_R_val_test_set_ct_no_cutoff            983 
_pdbx_refine.R_factor_all_4sig_cutoff                    0.2093 
_pdbx_refine.R_factor_obs_4sig_cutoff                    0.2054 
_pdbx_refine.free_R_factor_4sig_cutoff                   0.2726 
_pdbx_refine.free_R_val_test_set_size_perc_4sig_cutoff   5.1 
_pdbx_refine.free_R_val_test_set_ct_4sig_cutoff          812 
_pdbx_refine.number_reflns_obs_4sig_cutoff               15845 
# 
_struct.entry_id                  3JVW 
_struct.title                     'HIV-1 Protease Mutant G86A with symmetric inhibitor DMP323' 
_struct.pdbx_model_details        ? 
_struct.pdbx_CASP_flag            ? 
_struct.pdbx_model_type_details   ? 
# 
_struct_keywords.entry_id        3JVW 
_struct_keywords.pdbx_keywords   HYDROLASE 
_struct_keywords.text            'HIV-1 Protease, Mutant G86A, symmetric inhibitor, DMP323, AIDS, Aspartyl protease, HYDROLASE' 
# 
loop_
_struct_asym.id 
_struct_asym.pdbx_blank_PDB_chainid_flag 
_struct_asym.pdbx_modified 
_struct_asym.entity_id 
_struct_asym.details 
A N N 1 ? 
B N N 1 ? 
C N N 2 ? 
D N N 3 ? 
E N N 3 ? 
# 
_struct_biol.id        1 
_struct_biol.details   dimer 
# 
loop_
_struct_conf.conf_type_id 
_struct_conf.id 
_struct_conf.pdbx_PDB_helix_id 
_struct_conf.beg_label_comp_id 
_struct_conf.beg_label_asym_id 
_struct_conf.beg_label_seq_id 
_struct_conf.pdbx_beg_PDB_ins_code 
_struct_conf.end_label_comp_id 
_struct_conf.end_label_asym_id 
_struct_conf.end_label_seq_id 
_struct_conf.pdbx_end_PDB_ins_code 
_struct_conf.beg_auth_comp_id 
_struct_conf.beg_auth_asym_id 
_struct_conf.beg_auth_seq_id 
_struct_conf.end_auth_comp_id 
_struct_conf.end_auth_asym_id 
_struct_conf.end_auth_seq_id 
_struct_conf.pdbx_PDB_helix_class 
_struct_conf.details 
_struct_conf.pdbx_PDB_helix_length 
HELX_P HELX_P1 1 ALA A 86 ? THR A 91 ? ALA A 86  THR A 91  1 ? 6 
HELX_P HELX_P2 2 ALA B 86 ? ILE B 93 ? ALA B 186 ILE B 193 1 ? 8 
# 
_struct_conf_type.id          HELX_P 
_struct_conf_type.criteria    ? 
_struct_conf_type.reference   ? 
# 
loop_
_struct_sheet.id 
_struct_sheet.type 
_struct_sheet.number_strands 
_struct_sheet.details 
A ? 4 ? 
B ? 8 ? 
C ? 8 ? 
# 
loop_
_struct_sheet_order.sheet_id 
_struct_sheet_order.range_id_1 
_struct_sheet_order.range_id_2 
_struct_sheet_order.offset 
_struct_sheet_order.sense 
A 1 2 ? anti-parallel 
A 2 3 ? anti-parallel 
A 3 4 ? anti-parallel 
B 1 2 ? anti-parallel 
B 2 3 ? anti-parallel 
B 3 4 ? parallel      
B 4 5 ? anti-parallel 
B 5 6 ? parallel      
B 6 7 ? anti-parallel 
B 7 8 ? anti-parallel 
C 1 2 ? anti-parallel 
C 2 3 ? anti-parallel 
C 3 4 ? parallel      
C 4 5 ? anti-parallel 
C 5 6 ? parallel      
C 6 7 ? anti-parallel 
C 7 8 ? anti-parallel 
# 
loop_
_struct_sheet_range.sheet_id 
_struct_sheet_range.id 
_struct_sheet_range.beg_label_comp_id 
_struct_sheet_range.beg_label_asym_id 
_struct_sheet_range.beg_label_seq_id 
_struct_sheet_range.pdbx_beg_PDB_ins_code 
_struct_sheet_range.end_label_comp_id 
_struct_sheet_range.end_label_asym_id 
_struct_sheet_range.end_label_seq_id 
_struct_sheet_range.pdbx_end_PDB_ins_code 
_struct_sheet_range.beg_auth_comp_id 
_struct_sheet_range.beg_auth_asym_id 
_struct_sheet_range.beg_auth_seq_id 
_struct_sheet_range.end_auth_comp_id 
_struct_sheet_range.end_auth_asym_id 
_struct_sheet_range.end_auth_seq_id 
A 1 GLN A 2  ? ILE A 3  ? GLN A 2   ILE A 3   
A 2 THR B 96 ? ASN B 98 ? THR B 196 ASN B 198 
A 3 THR A 96 ? ASN A 98 ? THR A 96  ASN A 98  
A 4 GLN B 2  ? ILE B 3  ? GLN B 102 ILE B 103 
B 1 LYS A 43 ? GLY A 49 ? LYS A 43  GLY A 49  
B 2 GLY A 52 ? ILE A 66 ? GLY A 52  ILE A 66  
B 3 HIS A 69 ? VAL A 77 ? HIS A 69  VAL A 77  
B 4 THR A 31 ? ILE A 33 ? THR A 31  ILE A 33  
B 5 ILE A 84 ? ILE A 85 ? ILE A 84  ILE A 85  
B 6 GLN A 18 ? LEU A 24 ? GLN A 18  LEU A 24  
B 7 LEU A 10 ? ILE A 15 ? LEU A 10  ILE A 15  
B 8 GLY A 52 ? ILE A 66 ? GLY A 52  ILE A 66  
C 1 LYS B 43 ? GLY B 48 ? LYS B 143 GLY B 148 
C 2 PHE B 53 ? ILE B 66 ? PHE B 153 ILE B 166 
C 3 HIS B 69 ? VAL B 77 ? HIS B 169 VAL B 177 
C 4 VAL B 32 ? ILE B 33 ? VAL B 132 ILE B 133 
C 5 ASN B 83 ? ILE B 85 ? ASN B 183 ILE B 185 
C 6 GLN B 18 ? LEU B 24 ? GLN B 118 LEU B 124 
C 7 LEU B 10 ? ILE B 15 ? LEU B 110 ILE B 115 
C 8 PHE B 53 ? ILE B 66 ? PHE B 153 ILE B 166 
# 
loop_
_pdbx_struct_sheet_hbond.sheet_id 
_pdbx_struct_sheet_hbond.range_id_1 
_pdbx_struct_sheet_hbond.range_id_2 
_pdbx_struct_sheet_hbond.range_1_label_atom_id 
_pdbx_struct_sheet_hbond.range_1_label_comp_id 
_pdbx_struct_sheet_hbond.range_1_label_asym_id 
_pdbx_struct_sheet_hbond.range_1_label_seq_id 
_pdbx_struct_sheet_hbond.range_1_PDB_ins_code 
_pdbx_struct_sheet_hbond.range_1_auth_atom_id 
_pdbx_struct_sheet_hbond.range_1_auth_comp_id 
_pdbx_struct_sheet_hbond.range_1_auth_asym_id 
_pdbx_struct_sheet_hbond.range_1_auth_seq_id 
_pdbx_struct_sheet_hbond.range_2_label_atom_id 
_pdbx_struct_sheet_hbond.range_2_label_comp_id 
_pdbx_struct_sheet_hbond.range_2_label_asym_id 
_pdbx_struct_sheet_hbond.range_2_label_seq_id 
_pdbx_struct_sheet_hbond.range_2_PDB_ins_code 
_pdbx_struct_sheet_hbond.range_2_auth_atom_id 
_pdbx_struct_sheet_hbond.range_2_auth_comp_id 
_pdbx_struct_sheet_hbond.range_2_auth_asym_id 
_pdbx_struct_sheet_hbond.range_2_auth_seq_id 
A 1 2 N ILE A 3  ? N ILE A 3   O LEU B 97 ? O LEU B 197 
A 2 3 O ASN B 98 ? O ASN B 198 N THR A 96 ? N THR A 96  
A 3 4 N LEU A 97 ? N LEU A 97  O ILE B 3  ? O ILE B 103 
B 1 2 N LYS A 43 ? N LYS A 43  O GLN A 58 ? O GLN A 58  
B 2 3 N ARG A 57 ? N ARG A 57  O VAL A 77 ? O VAL A 77  
B 3 4 O LEU A 76 ? O LEU A 76  N ILE A 33 ? N ILE A 33  
B 4 5 N VAL A 32 ? N VAL A 32  O ILE A 84 ? O ILE A 84  
B 5 6 O ILE A 85 ? O ILE A 85  N LEU A 23 ? N LEU A 23  
B 6 7 O ALA A 22 ? O ALA A 22  N VAL A 11 ? N VAL A 11  
B 7 8 N LYS A 14 ? N LYS A 14  O GLU A 65 ? O GLU A 65  
C 1 2 N LYS B 45 ? N LYS B 145 O VAL B 56 ? O VAL B 156 
C 2 3 N ILE B 66 ? N ILE B 166 O HIS B 69 ? O HIS B 169 
C 3 4 O LEU B 76 ? O LEU B 176 N ILE B 33 ? N ILE B 133 
C 4 5 N VAL B 32 ? N VAL B 132 O ILE B 84 ? O ILE B 184 
C 5 6 O ASN B 83 ? O ASN B 183 N LEU B 23 ? N LEU B 123 
C 6 7 O LYS B 20 ? O LYS B 120 N ILE B 13 ? N ILE B 113 
C 7 8 N LYS B 14 ? N LYS B 114 O GLU B 65 ? O GLU B 165 
# 
_struct_site.id                   AC1 
_struct_site.pdbx_evidence_code   Software 
_struct_site.pdbx_auth_asym_id    A 
_struct_site.pdbx_auth_comp_id    DMP 
_struct_site.pdbx_auth_seq_id     323 
_struct_site.pdbx_auth_ins_code   ? 
_struct_site.pdbx_num_residues    18 
_struct_site.details              'BINDING SITE FOR RESIDUE DMP A 323' 
# 
loop_
_struct_site_gen.id 
_struct_site_gen.site_id 
_struct_site_gen.pdbx_num_res 
_struct_site_gen.label_comp_id 
_struct_site_gen.label_asym_id 
_struct_site_gen.label_seq_id 
_struct_site_gen.pdbx_auth_ins_code 
_struct_site_gen.auth_comp_id 
_struct_site_gen.auth_asym_id 
_struct_site_gen.auth_seq_id 
_struct_site_gen.label_atom_id 
_struct_site_gen.label_alt_id 
_struct_site_gen.symmetry 
_struct_site_gen.details 
1  AC1 18 ASP A 25 ? ASP A 25   . ? 1_555 ? 
2  AC1 18 GLY A 27 ? GLY A 27   . ? 1_555 ? 
3  AC1 18 ASP A 29 ? ASP A 29   . ? 1_555 ? 
4  AC1 18 ASP A 30 ? ASP A 30   . ? 1_555 ? 
5  AC1 18 VAL A 32 ? VAL A 32   . ? 1_555 ? 
6  AC1 18 GLY A 48 ? GLY A 48   . ? 1_555 ? 
7  AC1 18 GLY A 49 ? GLY A 49   . ? 1_555 ? 
8  AC1 18 ILE A 50 ? ILE A 50   . ? 1_555 ? 
9  AC1 18 HOH D .  ? HOH A 1033 . ? 1_555 ? 
10 AC1 18 ASP B 25 ? ASP B 125  . ? 1_555 ? 
11 AC1 18 GLY B 27 ? GLY B 127  . ? 1_555 ? 
12 AC1 18 ALA B 28 ? ALA B 128  . ? 1_555 ? 
13 AC1 18 ASP B 29 ? ASP B 129  . ? 1_555 ? 
14 AC1 18 ASP B 30 ? ASP B 130  . ? 1_555 ? 
15 AC1 18 GLY B 48 ? GLY B 148  . ? 1_555 ? 
16 AC1 18 GLY B 49 ? GLY B 149  . ? 1_555 ? 
17 AC1 18 ILE B 50 ? ILE B 150  . ? 1_555 ? 
18 AC1 18 PRO B 81 ? PRO B 181  . ? 1_555 ? 
# 
_atom_sites.entry_id                    3JVW 
_atom_sites.fract_transf_matrix[1][1]   -0.00666695 
_atom_sites.fract_transf_matrix[1][2]   -0.00532511 
_atom_sites.fract_transf_matrix[1][3]   -0.01495854 
_atom_sites.fract_transf_matrix[2][1]   -0.00575865 
_atom_sites.fract_transf_matrix[2][2]   -0.00837563 
_atom_sites.fract_transf_matrix[2][3]   0.00554825 
_atom_sites.fract_transf_matrix[3][1]   -0.01666422 
_atom_sites.fract_transf_matrix[3][2]   0.01325228 
_atom_sites.fract_transf_matrix[3][3]   0.00270947 
_atom_sites.fract_transf_vector[1]      0.236500 
_atom_sites.fract_transf_vector[2]      0.307974 
_atom_sites.fract_transf_vector[3]      0.424262 
# 
loop_
_atom_type.symbol 
C 
N 
O 
S 
# 
loop_
_atom_site.group_PDB 
_atom_site.id 
_atom_site.type_symbol 
_atom_site.label_atom_id 
_atom_site.label_alt_id 
_atom_site.label_comp_id 
_atom_site.label_asym_id 
_atom_site.label_entity_id 
_atom_site.label_seq_id 
_atom_site.pdbx_PDB_ins_code 
_atom_site.Cartn_x 
_atom_site.Cartn_y 
_atom_site.Cartn_z 
_atom_site.occupancy 
_atom_site.B_iso_or_equiv 
_atom_site.pdbx_formal_charge 
_atom_site.auth_seq_id 
_atom_site.auth_comp_id 
_atom_site.auth_asym_id 
_atom_site.auth_atom_id 
_atom_site.pdbx_PDB_model_num 
ATOM   1    N N   . PRO A 1 1  ? 0.159   -6.703  17.487  1.00 38.91  ? 1    PRO A N   1 
ATOM   2    C CA  . PRO A 1 1  ? 0.353   -5.389  18.091  1.00 36.09  ? 1    PRO A CA  1 
ATOM   3    C C   . PRO A 1 1  ? -0.575  -4.340  17.476  1.00 34.79  ? 1    PRO A C   1 
ATOM   4    O O   . PRO A 1 1  ? -1.507  -4.681  16.754  1.00 41.97  ? 1    PRO A O   1 
ATOM   5    C CB  . PRO A 1 1  ? 1.795   -5.033  17.732  1.00 36.94  ? 1    PRO A CB  1 
ATOM   6    C CG  . PRO A 1 1  ? 2.337   -6.138  16.904  1.00 43.00  ? 1    PRO A CG  1 
ATOM   7    C CD  . PRO A 1 1  ? 1.181   -6.992  16.465  1.00 41.10  ? 1    PRO A CD  1 
ATOM   8    N N   . GLN A 1 2  ? -0.285  -3.082  17.776  1.00 29.20  ? 2    GLN A N   1 
ATOM   9    C CA  . GLN A 1 2  ? -0.903  -1.945  17.109  1.00 26.47  ? 2    GLN A CA  1 
ATOM   10   C C   . GLN A 1 2  ? 0.211   -1.131  16.447  1.00 36.56  ? 2    GLN A C   1 
ATOM   11   O O   . GLN A 1 2  ? 1.108   -0.657  17.145  1.00 41.12  ? 2    GLN A O   1 
ATOM   12   C CB  . GLN A 1 2  ? -1.696  -1.082  18.064  1.00 29.06  ? 2    GLN A CB  1 
ATOM   13   C CG  . GLN A 1 2  ? -1.999  0.329   17.607  1.00 31.90  ? 2    GLN A CG  1 
ATOM   14   C CD  . GLN A 1 2  ? -3.038  0.987   18.501  1.00 43.05  ? 2    GLN A CD  1 
ATOM   15   O OE1 . GLN A 1 2  ? -2.707  1.636   19.491  1.00 50.95  ? 2    GLN A OE1 1 
ATOM   16   N NE2 . GLN A 1 2  ? -4.304  0.807   18.138  1.00 56.59  ? 2    GLN A NE2 1 
ATOM   17   N N   . ILE A 1 3  ? 0.114   -1.019  15.135  1.00 32.46  ? 3    ILE A N   1 
ATOM   18   C CA  . ILE A 1 3  ? 1.070   -0.340  14.285  1.00 28.28  ? 3    ILE A CA  1 
ATOM   19   C C   . ILE A 1 3  ? 0.571   1.052   13.892  1.00 30.13  ? 3    ILE A C   1 
ATOM   20   O O   . ILE A 1 3  ? -0.420  1.177   13.170  1.00 30.37  ? 3    ILE A O   1 
ATOM   21   C CB  . ILE A 1 3  ? 1.328   -1.155  13.000  1.00 41.03  ? 3    ILE A CB  1 
ATOM   22   C CG1 . ILE A 1 3  ? 2.078   -2.481  13.165  1.00 41.72  ? 3    ILE A CG1 1 
ATOM   23   C CG2 . ILE A 1 3  ? 2.037   -0.287  11.966  1.00 56.57  ? 3    ILE A CG2 1 
ATOM   24   C CD1 . ILE A 1 3  ? 2.381   -2.897  14.579  1.00 42.48  ? 3    ILE A CD1 1 
ATOM   25   N N   . THR A 1 4  ? 1.249   2.094   14.360  1.00 30.09  ? 4    THR A N   1 
ATOM   26   C CA  . THR A 1 4  ? 0.992   3.470   13.975  1.00 26.30  ? 4    THR A CA  1 
ATOM   27   C C   . THR A 1 4  ? 1.702   3.764   12.657  1.00 17.78  ? 4    THR A C   1 
ATOM   28   O O   . THR A 1 4  ? 2.554   2.994   12.204  1.00 22.82  ? 4    THR A O   1 
ATOM   29   C CB  . THR A 1 4  ? 1.467   4.508   15.007  1.00 34.71  ? 4    THR A CB  1 
ATOM   30   O OG1 . THR A 1 4  ? 2.902   4.466   15.095  1.00 27.29  ? 4    THR A OG1 1 
ATOM   31   C CG2 . THR A 1 4  ? 0.888   4.172   16.369  1.00 31.77  ? 4    THR A CG2 1 
ATOM   32   N N   . LEU A 1 5  ? 1.355   4.868   12.004  1.00 17.69  ? 5    LEU A N   1 
ATOM   33   C CA  . LEU A 1 5  ? 1.848   5.010   10.632  1.00 20.39  ? 5    LEU A CA  1 
ATOM   34   C C   . LEU A 1 5  ? 2.682   6.265   10.445  1.00 18.31  ? 5    LEU A C   1 
ATOM   35   O O   . LEU A 1 5  ? 2.782   6.806   9.354   1.00 23.38  ? 5    LEU A O   1 
ATOM   36   C CB  . LEU A 1 5  ? 0.671   5.028   9.649   1.00 21.34  ? 5    LEU A CB  1 
ATOM   37   C CG  . LEU A 1 5  ? -0.242  3.802   9.780   1.00 24.70  ? 5    LEU A CG  1 
ATOM   38   C CD1 . LEU A 1 5  ? -1.557  4.008   9.055   1.00 22.31  ? 5    LEU A CD1 1 
ATOM   39   C CD2 . LEU A 1 5  ? 0.487   2.573   9.248   1.00 26.30  ? 5    LEU A CD2 1 
ATOM   40   N N   . TRP A 1 6  ? 3.272   6.691   11.551  1.00 18.36  ? 6    TRP A N   1 
ATOM   41   C CA  . TRP A 1 6  ? 4.232   7.780   11.560  1.00 20.69  ? 6    TRP A CA  1 
ATOM   42   C C   . TRP A 1 6  ? 5.433   7.439   10.686  1.00 23.47  ? 6    TRP A C   1 
ATOM   43   O O   . TRP A 1 6  ? 6.087   8.328   10.144  1.00 28.87  ? 6    TRP A O   1 
ATOM   44   C CB  . TRP A 1 6  ? 4.675   8.033   12.992  1.00 30.79  ? 6    TRP A CB  1 
ATOM   45   C CG  . TRP A 1 6  ? 3.668   8.660   13.901  1.00 28.50  ? 6    TRP A CG  1 
ATOM   46   C CD1 . TRP A 1 6  ? 2.993   8.089   14.938  1.00 30.39  ? 6    TRP A CD1 1 
ATOM   47   C CD2 . TRP A 1 6  ? 3.232   10.028  13.832  1.00 30.82  ? 6    TRP A CD2 1 
ATOM   48   N NE1 . TRP A 1 6  ? 2.158   9.013   15.521  1.00 33.75  ? 6    TRP A NE1 1 
ATOM   49   C CE2 . TRP A 1 6  ? 2.288   10.212  14.861  1.00 37.07  ? 6    TRP A CE2 1 
ATOM   50   C CE3 . TRP A 1 6  ? 3.564   11.092  12.992  1.00 26.05  ? 6    TRP A CE3 1 
ATOM   51   C CZ2 . TRP A 1 6  ? 1.667   11.442  15.066  1.00 41.41  ? 6    TRP A CZ2 1 
ATOM   52   C CZ3 . TRP A 1 6  ? 2.950   12.314  13.196  1.00 31.48  ? 6    TRP A CZ3 1 
ATOM   53   C CH2 . TRP A 1 6  ? 2.016   12.470  14.225  1.00 39.06  ? 6    TRP A CH2 1 
ATOM   54   N N   . LYS A 1 7  ? 5.706   6.147   10.566  1.00 24.60  ? 7    LYS A N   1 
ATOM   55   C CA  . LYS A 1 7  ? 6.787   5.576   9.776   1.00 24.79  ? 7    LYS A CA  1 
ATOM   56   C C   . LYS A 1 7  ? 6.270   4.367   8.984   1.00 27.81  ? 7    LYS A C   1 
ATOM   57   O O   . LYS A 1 7  ? 5.215   3.843   9.357   1.00 22.61  ? 7    LYS A O   1 
ATOM   58   C CB  . LYS A 1 7  ? 7.945   5.102   10.651  1.00 27.49  ? 7    LYS A CB  1 
ATOM   59   C CG  . LYS A 1 7  ? 8.338   6.002   11.805  1.00 38.09  ? 7    LYS A CG  1 
ATOM   60   C CD  . LYS A 1 7  ? 9.818   6.355   11.788  1.00 43.80  ? 7    LYS A CD  1 
ATOM   61   C CE  . LYS A 1 7  ? 10.698  5.129   11.963  1.00 44.69  ? 7    LYS A CE  1 
ATOM   62   N NZ  . LYS A 1 7  ? 9.997   4.022   12.677  1.00 59.64  ? 7    LYS A NZ  1 
ATOM   63   N N   . ARG A 1 8  ? 7.007   3.961   7.961   1.00 32.29  ? 8    ARG A N   1 
ATOM   64   C CA  . ARG A 1 8  ? 6.721   2.736   7.211   1.00 21.93  ? 8    ARG A CA  1 
ATOM   65   C C   . ARG A 1 8  ? 6.484   1.550   8.140   1.00 20.17  ? 8    ARG A C   1 
ATOM   66   O O   . ARG A 1 8  ? 7.353   1.333   8.990   1.00 18.54  ? 8    ARG A O   1 
ATOM   67   C CB  . ARG A 1 8  ? 7.912   2.442   6.298   1.00 24.64  ? 8    ARG A CB  1 
ATOM   68   C CG  A ARG A 1 8  ? 8.051   3.367   5.105   0.60 29.54  ? 8    ARG A CG  1 
ATOM   69   C CG  B ARG A 1 8  ? 7.893   3.245   5.015   0.40 29.58  ? 8    ARG A CG  1 
ATOM   70   C CD  A ARG A 1 8  ? 8.480   2.617   3.848   0.60 31.57  ? 8    ARG A CD  1 
ATOM   71   C CD  B ARG A 1 8  ? 9.198   3.983   4.738   0.40 28.47  ? 8    ARG A CD  1 
ATOM   72   N NE  A ARG A 1 8  ? 8.580   3.517   2.697   0.60 40.00  ? 8    ARG A NE  1 
ATOM   73   N NE  B ARG A 1 8  ? 9.053   4.716   3.479   0.40 33.28  ? 8    ARG A NE  1 
ATOM   74   C CZ  A ARG A 1 8  ? 8.797   3.131   1.446   0.60 39.68  ? 8    ARG A CZ  1 
ATOM   75   C CZ  B ARG A 1 8  ? 9.905   4.729   2.471   0.40 24.16  ? 8    ARG A CZ  1 
ATOM   76   N NH1 A ARG A 1 8  ? 8.936   1.839   1.180   0.60 18.29  ? 8    ARG A NH1 1 
ATOM   77   N NH1 B ARG A 1 8  ? 11.039  4.049   2.507   0.40 24.50  ? 8    ARG A NH1 1 
ATOM   78   N NH2 A ARG A 1 8  ? 8.869   4.034   0.477   0.60 30.12  ? 8    ARG A NH2 1 
ATOM   79   N NH2 B ARG A 1 8  ? 9.607   5.451   1.402   0.40 12.82  ? 8    ARG A NH2 1 
ATOM   80   N N   . PRO A 1 9  ? 5.373   0.823   8.020   1.00 22.82  ? 9    PRO A N   1 
ATOM   81   C CA  . PRO A 1 9  ? 5.143   -0.360  8.866   1.00 23.96  ? 9    PRO A CA  1 
ATOM   82   C C   . PRO A 1 9  ? 5.940   -1.562  8.360   1.00 25.15  ? 9    PRO A C   1 
ATOM   83   O O   . PRO A 1 9  ? 5.421   -2.416  7.643   1.00 21.79  ? 9    PRO A O   1 
ATOM   84   C CB  . PRO A 1 9  ? 3.642   -0.615  8.720   1.00 24.95  ? 9    PRO A CB  1 
ATOM   85   C CG  . PRO A 1 9  ? 3.296   -0.086  7.364   1.00 22.93  ? 9    PRO A CG  1 
ATOM   86   C CD  . PRO A 1 9  ? 4.244   1.050   7.096   1.00 19.54  ? 9    PRO A CD  1 
ATOM   87   N N   . LEU A 1 10 ? 7.200   -1.596  8.759   1.00 26.20  ? 10   LEU A N   1 
ATOM   88   C CA  . LEU A 1 10 ? 8.169   -2.612  8.396   1.00 32.68  ? 10   LEU A CA  1 
ATOM   89   C C   . LEU A 1 10 ? 8.178   -3.765  9.383   1.00 31.15  ? 10   LEU A C   1 
ATOM   90   O O   . LEU A 1 10 ? 8.274   -3.532  10.586  1.00 23.26  ? 10   LEU A O   1 
ATOM   91   C CB  . LEU A 1 10 ? 9.580   -2.000  8.347   1.00 37.70  ? 10   LEU A CB  1 
ATOM   92   C CG  . LEU A 1 10 ? 9.779   -1.009  7.189   1.00 39.37  ? 10   LEU A CG  1 
ATOM   93   C CD1 . LEU A 1 10 ? 11.212  -0.505  7.149   1.00 30.67  ? 10   LEU A CD1 1 
ATOM   94   C CD2 . LEU A 1 10 ? 9.361   -1.675  5.890   1.00 21.84  ? 10   LEU A CD2 1 
ATOM   95   N N   . VAL A 1 11 ? 8.076   -5.003  8.899   1.00 24.76  ? 11   VAL A N   1 
ATOM   96   C CA  . VAL A 1 11 ? 8.130   -6.097  9.868   1.00 21.00  ? 11   VAL A CA  1 
ATOM   97   C C   . VAL A 1 11 ? 9.105   -7.161  9.365   1.00 25.69  ? 11   VAL A C   1 
ATOM   98   O O   . VAL A 1 11 ? 9.502   -7.185  8.205   1.00 24.82  ? 11   VAL A O   1 
ATOM   99   C CB  . VAL A 1 11 ? 6.780   -6.777  10.143  1.00 19.12  ? 11   VAL A CB  1 
ATOM   100  C CG1 . VAL A 1 11 ? 5.843   -5.812  10.843  1.00 24.66  ? 11   VAL A CG1 1 
ATOM   101  C CG2 . VAL A 1 11 ? 6.149   -7.309  8.858   1.00 20.86  ? 11   VAL A CG2 1 
ATOM   102  N N   . THR A 1 12 ? 9.453   -8.046  10.296  1.00 21.90  ? 12   THR A N   1 
ATOM   103  C CA  . THR A 1 12 ? 10.353  -9.134  9.909   1.00 26.38  ? 12   THR A CA  1 
ATOM   104  C C   . THR A 1 12 ? 9.512   -10.322 9.499   1.00 17.93  ? 12   THR A C   1 
ATOM   105  O O   . THR A 1 12 ? 8.506   -10.671 10.117  1.00 26.61  ? 12   THR A O   1 
ATOM   106  C CB  . THR A 1 12 ? 11.326  -9.453  11.057  1.00 38.03  ? 12   THR A CB  1 
ATOM   107  O OG1 . THR A 1 12 ? 12.329  -8.422  11.063  1.00 47.20  ? 12   THR A OG1 1 
ATOM   108  C CG2 . THR A 1 12 ? 12.066  -10.768 10.875  1.00 33.97  ? 12   THR A CG2 1 
ATOM   109  N N   . ILE A 1 13 ? 9.921   -10.950 8.402   1.00 15.09  ? 13   ILE A N   1 
ATOM   110  C CA  . ILE A 1 13 ? 9.197   -12.147 7.980   1.00 21.58  ? 13   ILE A CA  1 
ATOM   111  C C   . ILE A 1 13 ? 10.184  -13.298 7.830   1.00 17.15  ? 13   ILE A C   1 
ATOM   112  O O   . ILE A 1 13 ? 11.391  -13.042 7.782   1.00 22.66  ? 13   ILE A O   1 
ATOM   113  C CB  . ILE A 1 13 ? 8.460   -11.898 6.650   1.00 22.50  ? 13   ILE A CB  1 
ATOM   114  C CG1 . ILE A 1 13 ? 9.381   -11.630 5.462   1.00 17.29  ? 13   ILE A CG1 1 
ATOM   115  C CG2 . ILE A 1 13 ? 7.468   -10.747 6.794   1.00 20.96  ? 13   ILE A CG2 1 
ATOM   116  C CD1 . ILE A 1 13 ? 8.729   -11.891 4.116   1.00 21.35  ? 13   ILE A CD1 1 
ATOM   117  N N   . LYS A 1 14 ? 9.686   -14.522 7.746   1.00 18.10  ? 14   LYS A N   1 
ATOM   118  C CA  . LYS A 1 14 ? 10.510  -15.646 7.327   1.00 19.43  ? 14   LYS A CA  1 
ATOM   119  C C   . LYS A 1 14 ? 9.829   -16.395 6.181   1.00 15.74  ? 14   LYS A C   1 
ATOM   120  O O   . LYS A 1 14 ? 8.680   -16.843 6.272   1.00 20.75  ? 14   LYS A O   1 
ATOM   121  C CB  . LYS A 1 14 ? 10.787  -16.606 8.488   1.00 26.30  ? 14   LYS A CB  1 
ATOM   122  C CG  . LYS A 1 14 ? 11.918  -17.583 8.178   1.00 29.94  ? 14   LYS A CG  1 
ATOM   123  C CD  . LYS A 1 14 ? 12.463  -18.195 9.462   1.00 40.53  ? 14   LYS A CD  1 
ATOM   124  C CE  . LYS A 1 14 ? 13.240  -19.467 9.154   1.00 48.56  ? 14   LYS A CE  1 
ATOM   125  N NZ  . LYS A 1 14 ? 14.709  -19.218 9.125   1.00 65.52  ? 14   LYS A NZ  1 
ATOM   126  N N   . ILE A 1 15 ? 10.554  -16.534 5.079   1.00 16.08  ? 15   ILE A N   1 
ATOM   127  C CA  . ILE A 1 15 ? 10.022  -17.234 3.915   1.00 18.25  ? 15   ILE A CA  1 
ATOM   128  C C   . ILE A 1 15 ? 11.130  -18.081 3.291   1.00 18.04  ? 15   ILE A C   1 
ATOM   129  O O   . ILE A 1 15 ? 12.250  -17.595 3.154   1.00 18.40  ? 15   ILE A O   1 
ATOM   130  C CB  . ILE A 1 15 ? 9.440   -16.298 2.855   1.00 16.43  ? 15   ILE A CB  1 
ATOM   131  C CG1 . ILE A 1 15 ? 8.795   -17.006 1.658   1.00 21.09  ? 15   ILE A CG1 1 
ATOM   132  C CG2 . ILE A 1 15 ? 10.483  -15.324 2.335   1.00 20.51  ? 15   ILE A CG2 1 
ATOM   133  C CD1 . ILE A 1 15 ? 8.301   -15.992 0.643   1.00 24.41  ? 15   ILE A CD1 1 
ATOM   134  N N   . GLY A 1 16 ? 10.759  -19.317 2.953   1.00 23.15  ? 16   GLY A N   1 
ATOM   135  C CA  . GLY A 1 16 ? 11.694  -20.320 2.481   1.00 24.54  ? 16   GLY A CA  1 
ATOM   136  C C   . GLY A 1 16 ? 12.946  -20.358 3.345   1.00 23.36  ? 16   GLY A C   1 
ATOM   137  O O   . GLY A 1 16 ? 14.068  -20.348 2.841   1.00 43.62  ? 16   GLY A O   1 
ATOM   138  N N   . GLY A 1 17 ? 12.797  -20.382 4.666   1.00 30.19  ? 17   GLY A N   1 
ATOM   139  C CA  . GLY A 1 17 ? 13.949  -20.422 5.550   1.00 31.06  ? 17   GLY A CA  1 
ATOM   140  C C   . GLY A 1 17 ? 14.771  -19.156 5.538   1.00 39.25  ? 17   GLY A C   1 
ATOM   141  O O   . GLY A 1 17 ? 15.849  -19.069 6.130   1.00 40.34  ? 17   GLY A O   1 
ATOM   142  N N   . GLN A 1 18 ? 14.313  -18.098 4.867   1.00 31.41  ? 18   GLN A N   1 
ATOM   143  C CA  . GLN A 1 18 ? 15.124  -16.878 4.887   1.00 27.07  ? 18   GLN A CA  1 
ATOM   144  C C   . GLN A 1 18 ? 14.445  -15.755 5.651   1.00 25.93  ? 18   GLN A C   1 
ATOM   145  O O   . GLN A 1 18 ? 13.240  -15.564 5.491   1.00 27.12  ? 18   GLN A O   1 
ATOM   146  C CB  . GLN A 1 18 ? 15.381  -16.428 3.453   1.00 25.78  ? 18   GLN A CB  1 
ATOM   147  C CG  . GLN A 1 18 ? 16.467  -17.188 2.700   1.00 28.16  ? 18   GLN A CG  1 
ATOM   148  C CD  . GLN A 1 18 ? 16.504  -16.770 1.237   1.00 33.41  ? 18   GLN A CD  1 
ATOM   149  O OE1 . GLN A 1 18 ? 16.530  -17.583 0.316   1.00 45.48  ? 18   GLN A OE1 1 
ATOM   150  N NE2 . GLN A 1 18 ? 16.489  -15.463 1.001   1.00 35.17  ? 18   GLN A NE2 1 
ATOM   151  N N   . LEU A 1 19 ? 15.177  -14.998 6.460   1.00 30.62  ? 19   LEU A N   1 
ATOM   152  C CA  . LEU A 1 19 ? 14.592  -13.854 7.158   1.00 34.41  ? 19   LEU A CA  1 
ATOM   153  C C   . LEU A 1 19 ? 14.739  -12.589 6.310   1.00 36.29  ? 19   LEU A C   1 
ATOM   154  O O   . LEU A 1 19 ? 15.793  -12.379 5.715   1.00 29.91  ? 19   LEU A O   1 
ATOM   155  C CB  . LEU A 1 19 ? 15.224  -13.610 8.525   1.00 34.69  ? 19   LEU A CB  1 
ATOM   156  C CG  . LEU A 1 19 ? 15.076  -14.720 9.564   1.00 37.49  ? 19   LEU A CG  1 
ATOM   157  C CD1 . LEU A 1 19 ? 15.999  -14.463 10.748  1.00 55.40  ? 19   LEU A CD1 1 
ATOM   158  C CD2 . LEU A 1 19 ? 13.639  -14.844 10.037  1.00 28.46  ? 19   LEU A CD2 1 
ATOM   159  N N   . LYS A 1 20 ? 13.691  -11.777 6.281   1.00 28.04  ? 20   LYS A N   1 
ATOM   160  C CA  . LYS A 1 20 ? 13.665  -10.576 5.468   1.00 27.04  ? 20   LYS A CA  1 
ATOM   161  C C   . LYS A 1 20 ? 12.864  -9.458  6.126   1.00 20.43  ? 20   LYS A C   1 
ATOM   162  O O   . LYS A 1 20 ? 12.006  -9.714  6.961   1.00 22.29  ? 20   LYS A O   1 
ATOM   163  C CB  . LYS A 1 20 ? 12.997  -10.863 4.121   1.00 22.97  ? 20   LYS A CB  1 
ATOM   164  C CG  . LYS A 1 20 ? 13.624  -11.933 3.258   1.00 20.77  ? 20   LYS A CG  1 
ATOM   165  C CD  . LYS A 1 20 ? 13.168  -11.739 1.810   1.00 29.28  ? 20   LYS A CD  1 
ATOM   166  C CE  . LYS A 1 20 ? 13.724  -12.844 0.926   1.00 43.39  ? 20   LYS A CE  1 
ATOM   167  N NZ  . LYS A 1 20 ? 15.217  -12.831 0.879   1.00 48.58  ? 20   LYS A NZ  1 
ATOM   168  N N   . GLU A 1 21 ? 13.106  -8.227  5.704   1.00 20.60  ? 21   GLU A N   1 
ATOM   169  C CA  . GLU A 1 21 ? 12.246  -7.113  6.097   1.00 25.56  ? 21   GLU A CA  1 
ATOM   170  C C   . GLU A 1 21 ? 11.113  -6.914  5.096   1.00 21.65  ? 21   GLU A C   1 
ATOM   171  O O   . GLU A 1 21 ? 11.351  -7.000  3.888   1.00 20.47  ? 21   GLU A O   1 
ATOM   172  C CB  . GLU A 1 21 ? 13.099  -5.848  6.139   1.00 36.64  ? 21   GLU A CB  1 
ATOM   173  C CG  . GLU A 1 21 ? 12.755  -4.880  7.258   1.00 59.35  ? 21   GLU A CG  1 
ATOM   174  C CD  . GLU A 1 21 ? 13.409  -3.526  7.039   1.00 64.30  ? 21   GLU A CD  1 
ATOM   175  O OE1 . GLU A 1 21 ? 12.840  -2.745  6.248   1.00 72.45  ? 21   GLU A OE1 1 
ATOM   176  O OE2 . GLU A 1 21 ? 14.468  -3.260  7.645   1.00 87.93  ? 21   GLU A OE2 1 
ATOM   177  N N   . ALA A 1 22 ? 9.883   -6.636  5.502   1.00 18.54  ? 22   ALA A N   1 
ATOM   178  C CA  . ALA A 1 22 ? 8.813   -6.405  4.538   1.00 14.90  ? 22   ALA A CA  1 
ATOM   179  C C   . ALA A 1 22 ? 7.839   -5.342  5.065   1.00 20.94  ? 22   ALA A C   1 
ATOM   180  O O   . ALA A 1 22 ? 7.721   -5.114  6.274   1.00 19.55  ? 22   ALA A O   1 
ATOM   181  C CB  . ALA A 1 22 ? 8.035   -7.670  4.193   1.00 16.03  ? 22   ALA A CB  1 
ATOM   182  N N   . LEU A 1 23 ? 7.169   -4.727  4.103   1.00 14.83  ? 23   LEU A N   1 
ATOM   183  C CA  . LEU A 1 23 ? 6.241   -3.620  4.292   1.00 15.83  ? 23   LEU A CA  1 
ATOM   184  C C   . LEU A 1 23 ? 4.827   -4.149  4.410   1.00 17.61  ? 23   LEU A C   1 
ATOM   185  O O   . LEU A 1 23 ? 4.384   -4.921  3.553   1.00 21.00  ? 23   LEU A O   1 
ATOM   186  C CB  A LEU A 1 23 ? 6.328   -2.636  3.124   0.32 16.01  ? 23   LEU A CB  1 
ATOM   187  C CB  B LEU A 1 23 ? 6.398   -2.643  3.130   0.68 14.74  ? 23   LEU A CB  1 
ATOM   188  C CG  A LEU A 1 23 ? 7.196   -1.397  3.325   0.32 19.41  ? 23   LEU A CG  1 
ATOM   189  C CG  B LEU A 1 23 ? 5.536   -1.391  3.114   0.68 19.11  ? 23   LEU A CG  1 
ATOM   190  C CD1 A LEU A 1 23 ? 7.320   -0.608  2.033   0.32 14.68  ? 23   LEU A CD1 1 
ATOM   191  C CD1 B LEU A 1 23 ? 5.787   -0.515  4.327   0.68 12.48  ? 23   LEU A CD1 1 
ATOM   192  C CD2 A LEU A 1 23 ? 6.632   -0.523  4.438   0.32 10.03  ? 23   LEU A CD2 1 
ATOM   193  C CD2 B LEU A 1 23 ? 5.809   -0.617  1.827   0.68 21.35  ? 23   LEU A CD2 1 
ATOM   194  N N   . LEU A 1 24 ? 4.081   -3.780  5.452   1.00 17.74  ? 24   LEU A N   1 
ATOM   195  C CA  . LEU A 1 24 ? 2.691   -4.244  5.480   1.00 17.61  ? 24   LEU A CA  1 
ATOM   196  C C   . LEU A 1 24 ? 1.830   -3.305  4.643   1.00 21.06  ? 24   LEU A C   1 
ATOM   197  O O   . LEU A 1 24 ? 1.730   -2.128  4.998   1.00 20.23  ? 24   LEU A O   1 
ATOM   198  C CB  . LEU A 1 24 ? 2.120   -4.278  6.894   1.00 23.12  ? 24   LEU A CB  1 
ATOM   199  C CG  . LEU A 1 24 ? 2.931   -5.032  7.939   1.00 23.62  ? 24   LEU A CG  1 
ATOM   200  C CD1 . LEU A 1 24 ? 2.368   -4.772  9.325   1.00 20.25  ? 24   LEU A CD1 1 
ATOM   201  C CD2 . LEU A 1 24 ? 2.922   -6.517  7.610   1.00 26.80  ? 24   LEU A CD2 1 
ATOM   202  N N   . ASP A 1 25 ? 1.206   -3.774  3.573   1.00 20.99  ? 25   ASP A N   1 
ATOM   203  C CA  . ASP A 1 25 ? 0.514   -2.849  2.662   1.00 14.33  ? 25   ASP A CA  1 
ATOM   204  C C   . ASP A 1 25 ? -0.952  -3.170  2.420   1.00 20.44  ? 25   ASP A C   1 
ATOM   205  O O   . ASP A 1 25 ? -1.268  -4.125  1.696   1.00 21.96  ? 25   ASP A O   1 
ATOM   206  C CB  . ASP A 1 25 ? 1.300   -2.866  1.346   1.00 19.98  ? 25   ASP A CB  1 
ATOM   207  C CG  . ASP A 1 25 ? 0.889   -1.836  0.319   1.00 22.74  ? 25   ASP A CG  1 
ATOM   208  O OD1 . ASP A 1 25 ? -0.079  -1.077  0.513   1.00 28.86  ? 25   ASP A OD1 1 
ATOM   209  O OD2 . ASP A 1 25 ? 1.584   -1.808  -0.717  1.00 32.17  ? 25   ASP A OD2 1 
ATOM   210  N N   . THR A 1 26 ? -1.872  -2.404  2.998   1.00 15.15  ? 26   THR A N   1 
ATOM   211  C CA  . THR A 1 26 ? -3.309  -2.653  2.812   1.00 14.96  ? 26   THR A CA  1 
ATOM   212  C C   . THR A 1 26 ? -3.724  -2.307  1.394   1.00 17.62  ? 26   THR A C   1 
ATOM   213  O O   . THR A 1 26 ? -4.792  -2.580  0.857   1.00 16.39  ? 26   THR A O   1 
ATOM   214  C CB  . THR A 1 26 ? -4.120  -1.780  3.785   1.00 17.68  ? 26   THR A CB  1 
ATOM   215  O OG1 . THR A 1 26 ? -3.734  -0.401  3.564   1.00 19.79  ? 26   THR A OG1 1 
ATOM   216  C CG2 . THR A 1 26 ? -3.804  -2.068  5.238   1.00 19.98  ? 26   THR A CG2 1 
ATOM   217  N N   . GLY A 1 27 ? -2.856  -1.608  0.658   1.00 20.93  ? 27   GLY A N   1 
ATOM   218  C CA  . GLY A 1 27 ? -3.223  -1.233  -0.699  1.00 31.13  ? 27   GLY A CA  1 
ATOM   219  C C   . GLY A 1 27 ? -2.965  -2.260  -1.771  1.00 32.84  ? 27   GLY A C   1 
ATOM   220  O O   . GLY A 1 27 ? -3.480  -2.142  -2.891  1.00 33.38  ? 27   GLY A O   1 
ATOM   221  N N   . ALA A 1 28 ? -2.176  -3.299  -1.498  1.00 26.81  ? 28   ALA A N   1 
ATOM   222  C CA  . ALA A 1 28 ? -1.902  -4.301  -2.528  1.00 19.45  ? 28   ALA A CA  1 
ATOM   223  C C   . ALA A 1 28 ? -2.809  -5.520  -2.365  1.00 14.97  ? 28   ALA A C   1 
ATOM   224  O O   . ALA A 1 28 ? -3.090  -5.884  -1.224  1.00 18.25  ? 28   ALA A O   1 
ATOM   225  C CB  . ALA A 1 28 ? -0.460  -4.775  -2.441  1.00 26.64  ? 28   ALA A CB  1 
ATOM   226  N N   . ASP A 1 29 ? -3.208  -6.098  -3.485  1.00 19.83  ? 29   ASP A N   1 
ATOM   227  C CA  . ASP A 1 29 ? -3.957  -7.348  -3.506  1.00 21.79  ? 29   ASP A CA  1 
ATOM   228  C C   . ASP A 1 29 ? -3.073  -8.534  -3.130  1.00 24.05  ? 29   ASP A C   1 
ATOM   229  O O   . ASP A 1 29 ? -3.458  -9.294  -2.243  1.00 26.87  ? 29   ASP A O   1 
ATOM   230  C CB  . ASP A 1 29 ? -4.569  -7.555  -4.893  1.00 18.86  ? 29   ASP A CB  1 
ATOM   231  C CG  . ASP A 1 29 ? -5.509  -6.451  -5.325  1.00 30.53  ? 29   ASP A CG  1 
ATOM   232  O OD1 . ASP A 1 29 ? -5.847  -5.504  -4.580  1.00 30.01  ? 29   ASP A OD1 1 
ATOM   233  O OD2 . ASP A 1 29 ? -5.968  -6.517  -6.492  1.00 34.09  ? 29   ASP A OD2 1 
ATOM   234  N N   . ASP A 1 30 ? -1.924  -8.710  -3.773  1.00 20.17  ? 30   ASP A N   1 
ATOM   235  C CA  . ASP A 1 30 ? -1.085  -9.897  -3.703  1.00 25.20  ? 30   ASP A CA  1 
ATOM   236  C C   . ASP A 1 30 ? 0.328   -9.645  -3.189  1.00 26.62  ? 30   ASP A C   1 
ATOM   237  O O   . ASP A 1 30 ? 0.933   -8.604  -3.488  1.00 24.88  ? 30   ASP A O   1 
ATOM   238  C CB  . ASP A 1 30 ? -0.998  -10.504 -5.112  1.00 37.95  ? 30   ASP A CB  1 
ATOM   239  C CG  . ASP A 1 30 ? -2.255  -11.268 -5.491  1.00 59.36  ? 30   ASP A CG  1 
ATOM   240  O OD1 . ASP A 1 30 ? -2.613  -12.243 -4.792  1.00 73.72  ? 30   ASP A OD1 1 
ATOM   241  O OD2 . ASP A 1 30 ? -2.900  -10.907 -6.500  1.00 67.54  ? 30   ASP A OD2 1 
ATOM   242  N N   . THR A 1 31 ? 0.862   -10.557 -2.388  1.00 15.98  ? 31   THR A N   1 
ATOM   243  C CA  . THR A 1 31 ? 2.157   -10.376 -1.731  1.00 16.08  ? 31   THR A CA  1 
ATOM   244  C C   . THR A 1 31 ? 3.302   -10.458 -2.729  1.00 20.60  ? 31   THR A C   1 
ATOM   245  O O   . THR A 1 31 ? 3.331   -11.341 -3.593  1.00 23.74  ? 31   THR A O   1 
ATOM   246  C CB  . THR A 1 31 ? 2.305   -11.446 -0.634  1.00 18.15  ? 31   THR A CB  1 
ATOM   247  O OG1 . THR A 1 31 ? 1.353   -11.167 0.402   1.00 15.56  ? 31   THR A OG1 1 
ATOM   248  C CG2 . THR A 1 31 ? 3.687   -11.395 0.001   1.00 17.19  ? 31   THR A CG2 1 
ATOM   249  N N   . VAL A 1 32 ? 4.265   -9.555  -2.671  1.00 12.96  ? 32   VAL A N   1 
ATOM   250  C CA  . VAL A 1 32 ? 5.355   -9.522  -3.647  1.00 14.70  ? 32   VAL A CA  1 
ATOM   251  C C   . VAL A 1 32 ? 6.698   -9.534  -2.908  1.00 16.64  ? 32   VAL A C   1 
ATOM   252  O O   . VAL A 1 32 ? 6.890   -8.730  -1.990  1.00 16.34  ? 32   VAL A O   1 
ATOM   253  C CB  . VAL A 1 32 ? 5.350   -8.284  -4.557  1.00 24.14  ? 32   VAL A CB  1 
ATOM   254  C CG1 . VAL A 1 32 ? 6.407   -8.449  -5.652  1.00 18.08  ? 32   VAL A CG1 1 
ATOM   255  C CG2 . VAL A 1 32 ? 3.989   -8.013  -5.166  1.00 30.25  ? 32   VAL A CG2 1 
ATOM   256  N N   . ILE A 1 33 ? 7.593   -10.438 -3.279  1.00 19.15  ? 33   ILE A N   1 
ATOM   257  C CA  . ILE A 1 33 ? 8.875   -10.642 -2.613  1.00 20.36  ? 33   ILE A CA  1 
ATOM   258  C C   . ILE A 1 33 ? 10.005  -10.509 -3.635  1.00 22.21  ? 33   ILE A C   1 
ATOM   259  O O   . ILE A 1 33 ? 9.828   -10.889 -4.800  1.00 19.92  ? 33   ILE A O   1 
ATOM   260  C CB  . ILE A 1 33 ? 8.947   -12.015 -1.926  1.00 20.75  ? 33   ILE A CB  1 
ATOM   261  C CG1 . ILE A 1 33 ? 7.828   -12.235 -0.895  1.00 17.96  ? 33   ILE A CG1 1 
ATOM   262  C CG2 . ILE A 1 33 ? 10.302  -12.247 -1.281  1.00 21.97  ? 33   ILE A CG2 1 
ATOM   263  C CD1 . ILE A 1 33 ? 7.820   -11.210 0.220   1.00 16.10  ? 33   ILE A CD1 1 
ATOM   264  N N   . GLU A 1 34 ? 11.127  -9.955  -3.204  1.00 12.43  ? 34   GLU A N   1 
ATOM   265  C CA  . GLU A 1 34 ? 12.305  -9.800  -4.066  1.00 14.69  ? 34   GLU A CA  1 
ATOM   266  C C   . GLU A 1 34 ? 12.800  -11.148 -4.576  1.00 22.16  ? 34   GLU A C   1 
ATOM   267  O O   . GLU A 1 34 ? 12.510  -12.175 -3.937  1.00 23.08  ? 34   GLU A O   1 
ATOM   268  C CB  . GLU A 1 34 ? 13.408  -9.097  -3.279  1.00 22.13  ? 34   GLU A CB  1 
ATOM   269  C CG  . GLU A 1 34 ? 13.782  -9.812  -1.989  1.00 35.44  ? 34   GLU A CG  1 
ATOM   270  C CD  . GLU A 1 34 ? 14.515  -8.900  -1.019  1.00 50.02  ? 34   GLU A CD  1 
ATOM   271  O OE1 . GLU A 1 34 ? 14.923  -7.804  -1.464  1.00 75.45  ? 34   GLU A OE1 1 
ATOM   272  O OE2 . GLU A 1 34 ? 14.683  -9.257  0.172   1.00 35.73  ? 34   GLU A OE2 1 
ATOM   273  N N   . GLU A 1 35 ? 13.529  -11.177 -5.687  1.00 20.61  ? 35   GLU A N   1 
ATOM   274  C CA  . GLU A 1 35 ? 13.970  -12.440 -6.277  1.00 19.64  ? 35   GLU A CA  1 
ATOM   275  C C   . GLU A 1 35 ? 14.658  -13.363 -5.280  1.00 19.15  ? 35   GLU A C   1 
ATOM   276  O O   . GLU A 1 35 ? 15.584  -12.951 -4.596  1.00 20.45  ? 35   GLU A O   1 
ATOM   277  C CB  . GLU A 1 35 ? 14.951  -12.207 -7.436  1.00 25.91  ? 35   GLU A CB  1 
ATOM   278  C CG  . GLU A 1 35 ? 14.352  -11.372 -8.560  1.00 34.39  ? 35   GLU A CG  1 
ATOM   279  C CD  . GLU A 1 35 ? 13.601  -12.278 -9.521  1.00 47.16  ? 35   GLU A CD  1 
ATOM   280  O OE1 . GLU A 1 35 ? 13.477  -13.476 -9.179  1.00 55.08  ? 35   GLU A OE1 1 
ATOM   281  O OE2 . GLU A 1 35 ? 13.161  -11.784 -10.575 1.00 61.15  ? 35   GLU A OE2 1 
ATOM   282  N N   . MET A 1 36 ? 14.168  -14.598 -5.235  1.00 17.99  ? 36   MET A N   1 
ATOM   283  C CA  . MET A 1 36 ? 14.662  -15.671 -4.430  1.00 17.99  ? 36   MET A CA  1 
ATOM   284  C C   . MET A 1 36 ? 14.138  -16.984 -5.008  1.00 27.45  ? 36   MET A C   1 
ATOM   285  O O   . MET A 1 36 ? 13.242  -16.936 -5.846  1.00 32.15  ? 36   MET A O   1 
ATOM   286  C CB  . MET A 1 36 ? 14.178  -15.599 -2.970  1.00 23.20  ? 36   MET A CB  1 
ATOM   287  C CG  . MET A 1 36 ? 12.662  -15.757 -2.882  1.00 17.01  ? 36   MET A CG  1 
ATOM   288  S SD  . MET A 1 36 ? 12.101  -15.724 -1.172  1.00 31.43  ? 36   MET A SD  1 
ATOM   289  C CE  . MET A 1 36 ? 12.958  -17.150 -0.496  1.00 23.66  ? 36   MET A CE  1 
ATOM   290  N N   . SER A 1 37 ? 14.681  -18.099 -4.533  1.00 23.68  ? 37   SER A N   1 
ATOM   291  C CA  . SER A 1 37 ? 14.135  -19.369 -4.997  1.00 24.53  ? 37   SER A CA  1 
ATOM   292  C C   . SER A 1 37 ? 13.060  -19.844 -4.027  1.00 24.69  ? 37   SER A C   1 
ATOM   293  O O   . SER A 1 37 ? 13.201  -19.649 -2.820  1.00 25.48  ? 37   SER A O   1 
ATOM   294  C CB  A SER A 1 37 ? 15.216  -20.437 -5.131  0.25 27.72  ? 37   SER A CB  1 
ATOM   295  C CB  B SER A 1 37 ? 15.225  -20.433 -5.125  0.75 27.87  ? 37   SER A CB  1 
ATOM   296  O OG  A SER A 1 37 ? 16.268  -20.039 -5.986  0.25 25.41  ? 37   SER A OG  1 
ATOM   297  O OG  B SER A 1 37 ? 15.353  -21.144 -3.898  0.75 41.52  ? 37   SER A OG  1 
ATOM   298  N N   . LEU A 1 38 ? 12.039  -20.464 -4.589  1.00 29.75  ? 38   LEU A N   1 
ATOM   299  C CA  . LEU A 1 38 ? 10.957  -21.106 -3.858  1.00 24.58  ? 38   LEU A CA  1 
ATOM   300  C C   . LEU A 1 38 ? 10.676  -22.462 -4.499  1.00 18.99  ? 38   LEU A C   1 
ATOM   301  O O   . LEU A 1 38 ? 10.834  -22.593 -5.707  1.00 20.50  ? 38   LEU A O   1 
ATOM   302  C CB  . LEU A 1 38 ? 9.714   -20.217 -3.874  1.00 23.13  ? 38   LEU A CB  1 
ATOM   303  C CG  . LEU A 1 38 ? 9.716   -19.041 -2.900  1.00 24.90  ? 38   LEU A CG  1 
ATOM   304  C CD1 . LEU A 1 38 ? 8.450   -18.208 -3.037  1.00 20.78  ? 38   LEU A CD1 1 
ATOM   305  C CD2 . LEU A 1 38 ? 9.882   -19.545 -1.475  1.00 26.14  ? 38   LEU A CD2 1 
ATOM   306  N N   . PRO A 1 39 ? 10.279  -23.454 -3.724  1.00 32.99  ? 39   PRO A N   1 
ATOM   307  C CA  . PRO A 1 39 ? 10.003  -24.773 -4.293  1.00 33.67  ? 39   PRO A CA  1 
ATOM   308  C C   . PRO A 1 39 ? 8.622   -24.784 -4.938  1.00 26.47  ? 39   PRO A C   1 
ATOM   309  O O   . PRO A 1 39 ? 7.758   -23.990 -4.560  1.00 28.72  ? 39   PRO A O   1 
ATOM   310  C CB  . PRO A 1 39 ? 10.007  -25.710 -3.089  1.00 38.74  ? 39   PRO A CB  1 
ATOM   311  C CG  . PRO A 1 39 ? 10.213  -24.875 -1.880  1.00 40.10  ? 39   PRO A CG  1 
ATOM   312  C CD  . PRO A 1 39 ? 10.029  -23.439 -2.275  1.00 37.24  ? 39   PRO A CD  1 
ATOM   313  N N   . GLY A 1 40 ? 8.432   -25.680 -5.900  1.00 30.42  ? 40   GLY A N   1 
ATOM   314  C CA  . GLY A 1 40 ? 7.098   -25.873 -6.444  1.00 38.00  ? 40   GLY A CA  1 
ATOM   315  C C   . GLY A 1 40 ? 6.927   -25.269 -7.820  1.00 32.32  ? 40   GLY A C   1 
ATOM   316  O O   . GLY A 1 40 ? 7.862   -24.730 -8.409  1.00 30.17  ? 40   GLY A O   1 
ATOM   317  N N   . ARG A 1 41 ? 5.715   -25.382 -8.351  1.00 28.37  ? 41   ARG A N   1 
ATOM   318  C CA  . ARG A 1 41 ? 5.451   -24.861 -9.689  1.00 29.03  ? 41   ARG A CA  1 
ATOM   319  C C   . ARG A 1 41 ? 5.153   -23.374 -9.591  1.00 26.08  ? 41   ARG A C   1 
ATOM   320  O O   . ARG A 1 41 ? 4.866   -22.853 -8.513  1.00 29.52  ? 41   ARG A O   1 
ATOM   321  C CB  . ARG A 1 41 ? 4.268   -25.595 -10.312 1.00 33.35  ? 41   ARG A CB  1 
ATOM   322  C CG  . ARG A 1 41 ? 4.520   -27.045 -10.678 1.00 46.60  ? 41   ARG A CG  1 
ATOM   323  C CD  . ARG A 1 41 ? 3.239   -27.725 -11.153 1.00 56.58  ? 41   ARG A CD  1 
ATOM   324  N NE  . ARG A 1 41 ? 3.017   -27.546 -12.582 1.00 68.69  ? 41   ARG A NE  1 
ATOM   325  C CZ  . ARG A 1 41 ? 1.917   -27.070 -13.148 1.00 72.06  ? 41   ARG A CZ  1 
ATOM   326  N NH1 . ARG A 1 41 ? 0.886   -26.705 -12.397 1.00 79.01  ? 41   ARG A NH1 1 
ATOM   327  N NH2 . ARG A 1 41 ? 1.837   -26.953 -14.469 1.00 61.45  ? 41   ARG A NH2 1 
ATOM   328  N N   . TRP A 1 42 ? 5.214   -22.700 -10.723 1.00 26.67  ? 42   TRP A N   1 
ATOM   329  C CA  . TRP A 1 42 ? 4.949   -21.271 -10.745 1.00 28.36  ? 42   TRP A CA  1 
ATOM   330  C C   . TRP A 1 42 ? 4.469   -20.884 -12.139 1.00 32.66  ? 42   TRP A C   1 
ATOM   331  O O   . TRP A 1 42 ? 4.773   -21.595 -13.093 1.00 22.43  ? 42   TRP A O   1 
ATOM   332  C CB  . TRP A 1 42 ? 6.197   -20.479 -10.381 1.00 19.90  ? 42   TRP A CB  1 
ATOM   333  C CG  . TRP A 1 42 ? 7.368   -20.674 -11.293 1.00 24.69  ? 42   TRP A CG  1 
ATOM   334  C CD1 . TRP A 1 42 ? 8.378   -21.580 -11.103 1.00 32.34  ? 42   TRP A CD1 1 
ATOM   335  C CD2 . TRP A 1 42 ? 7.677   -19.984 -12.510 1.00 18.55  ? 42   TRP A CD2 1 
ATOM   336  N NE1 . TRP A 1 42 ? 9.287   -21.485 -12.126 1.00 32.07  ? 42   TRP A NE1 1 
ATOM   337  C CE2 . TRP A 1 42 ? 8.882   -20.519 -13.002 1.00 21.15  ? 42   TRP A CE2 1 
ATOM   338  C CE3 . TRP A 1 42 ? 7.049   -18.965 -13.238 1.00 20.15  ? 42   TRP A CE3 1 
ATOM   339  C CZ2 . TRP A 1 42 ? 9.477   -20.078 -14.179 1.00 23.78  ? 42   TRP A CZ2 1 
ATOM   340  C CZ3 . TRP A 1 42 ? 7.646   -18.527 -14.408 1.00 29.13  ? 42   TRP A CZ3 1 
ATOM   341  C CH2 . TRP A 1 42 ? 8.851   -19.080 -14.876 1.00 21.67  ? 42   TRP A CH2 1 
ATOM   342  N N   . LYS A 1 43 ? 3.739   -19.780 -12.224 1.00 32.02  ? 43   LYS A N   1 
ATOM   343  C CA  . LYS A 1 43 ? 3.288   -19.299 -13.525 1.00 29.71  ? 43   LYS A CA  1 
ATOM   344  C C   . LYS A 1 43 ? 3.607   -17.814 -13.653 1.00 22.83  ? 43   LYS A C   1 
ATOM   345  O O   . LYS A 1 43 ? 3.715   -17.097 -12.659 1.00 21.31  ? 43   LYS A O   1 
ATOM   346  C CB  . LYS A 1 43 ? 1.794   -19.562 -13.711 1.00 21.84  ? 43   LYS A CB  1 
ATOM   347  C CG  . LYS A 1 43 ? 0.928   -18.447 -13.163 1.00 29.55  ? 43   LYS A CG  1 
ATOM   348  C CD  . LYS A 1 43 ? -0.144  -18.965 -12.225 1.00 42.97  ? 43   LYS A CD  1 
ATOM   349  C CE  A LYS A 1 43 ? -1.344  -19.453 -13.031 0.28 38.91  ? 43   LYS A CE  1 
ATOM   350  C CE  B LYS A 1 43 ? -0.970  -20.087 -12.826 0.72 38.18  ? 43   LYS A CE  1 
ATOM   351  N NZ  A LYS A 1 43 ? -1.089  -19.283 -14.492 0.28 35.25  ? 43   LYS A NZ  1 
ATOM   352  N NZ  B LYS A 1 43 ? -1.637  -20.881 -11.749 0.72 49.56  ? 43   LYS A NZ  1 
ATOM   353  N N   . PRO A 1 44 ? 3.791   -17.365 -14.882 1.00 23.58  ? 44   PRO A N   1 
ATOM   354  C CA  . PRO A 1 44 ? 4.166   -15.967 -15.095 1.00 26.26  ? 44   PRO A CA  1 
ATOM   355  C C   . PRO A 1 44 ? 2.957   -15.058 -14.866 1.00 25.69  ? 44   PRO A C   1 
ATOM   356  O O   . PRO A 1 44 ? 1.819   -15.472 -15.058 1.00 16.99  ? 44   PRO A O   1 
ATOM   357  C CB  . PRO A 1 44 ? 4.617   -15.921 -16.553 1.00 26.53  ? 44   PRO A CB  1 
ATOM   358  C CG  . PRO A 1 44 ? 4.398   -17.272 -17.122 1.00 21.46  ? 44   PRO A CG  1 
ATOM   359  C CD  . PRO A 1 44 ? 3.697   -18.137 -16.128 1.00 22.49  ? 44   PRO A CD  1 
ATOM   360  N N   . LYS A 1 45 ? 3.255   -13.830 -14.467 1.00 22.62  ? 45   LYS A N   1 
ATOM   361  C CA  . LYS A 1 45 ? 2.283   -12.788 -14.164 1.00 18.59  ? 45   LYS A CA  1 
ATOM   362  C C   . LYS A 1 45 ? 2.887   -11.400 -14.364 1.00 12.76  ? 45   LYS A C   1 
ATOM   363  O O   . LYS A 1 45 ? 4.092   -11.227 -14.149 1.00 18.01  ? 45   LYS A O   1 
ATOM   364  C CB  . LYS A 1 45 ? 1.802   -12.948 -12.718 1.00 25.49  ? 45   LYS A CB  1 
ATOM   365  C CG  . LYS A 1 45 ? 0.501   -12.235 -12.399 1.00 21.83  ? 45   LYS A CG  1 
ATOM   366  C CD  . LYS A 1 45 ? 0.334   -12.143 -10.897 1.00 24.41  ? 45   LYS A CD  1 
ATOM   367  C CE  . LYS A 1 45 ? -0.773  -11.164 -10.553 1.00 29.65  ? 45   LYS A CE  1 
ATOM   368  N NZ  . LYS A 1 45 ? -2.102  -11.757 -10.853 1.00 23.57  ? 45   LYS A NZ  1 
ATOM   369  N N   . MET A 1 46 ? 2.079   -10.412 -14.757 1.00 13.08  ? 46   MET A N   1 
ATOM   370  C CA  . MET A 1 46 ? 2.590   -9.036  -14.804 1.00 16.32  ? 46   MET A CA  1 
ATOM   371  C C   . MET A 1 46 ? 1.875   -8.197  -13.749 1.00 28.44  ? 46   MET A C   1 
ATOM   372  O O   . MET A 1 46 ? 0.648   -8.312  -13.682 1.00 26.31  ? 46   MET A O   1 
ATOM   373  C CB  . MET A 1 46 ? 2.353   -8.403  -16.165 1.00 22.14  ? 46   MET A CB  1 
ATOM   374  C CG  . MET A 1 46 ? 3.273   -8.998  -17.231 1.00 26.74  ? 46   MET A CG  1 
ATOM   375  S SD  . MET A 1 46 ? 4.814   -8.060  -17.184 1.00 40.98  ? 46   MET A SD  1 
ATOM   376  C CE  . MET A 1 46 ? 4.313   -6.601  -18.107 1.00 41.58  ? 46   MET A CE  1 
ATOM   377  N N   . ILE A 1 47 ? 2.587   -7.404  -12.967 1.00 17.48  ? 47   ILE A N   1 
ATOM   378  C CA  . ILE A 1 47 ? 1.958   -6.516  -11.982 1.00 14.36  ? 47   ILE A CA  1 
ATOM   379  C C   . ILE A 1 47 ? 2.505   -5.103  -12.232 1.00 15.61  ? 47   ILE A C   1 
ATOM   380  O O   . ILE A 1 47 ? 3.618   -4.909  -12.707 1.00 19.59  ? 47   ILE A O   1 
ATOM   381  C CB  . ILE A 1 47 ? 2.146   -6.933  -10.521 1.00 17.90  ? 47   ILE A CB  1 
ATOM   382  C CG1 . ILE A 1 47 ? 3.591   -6.966  -10.039 1.00 24.44  ? 47   ILE A CG1 1 
ATOM   383  C CG2 . ILE A 1 47 ? 1.487   -8.302  -10.251 1.00 14.85  ? 47   ILE A CG2 1 
ATOM   384  C CD1 . ILE A 1 47 ? 3.733   -7.193  -8.542  1.00 30.87  ? 47   ILE A CD1 1 
ATOM   385  N N   . GLY A 1 48 ? 1.633   -4.142  -11.953 1.00 24.60  ? 48   GLY A N   1 
ATOM   386  C CA  . GLY A 1 48 ? 1.854   -2.776  -12.364 1.00 26.70  ? 48   GLY A CA  1 
ATOM   387  C C   . GLY A 1 48 ? 1.552   -1.805  -11.256 1.00 27.01  ? 48   GLY A C   1 
ATOM   388  O O   . GLY A 1 48 ? 0.592   -1.906  -10.500 1.00 19.73  ? 48   GLY A O   1 
ATOM   389  N N   . GLY A 1 49 ? 2.431   -0.805  -11.153 1.00 31.82  ? 49   GLY A N   1 
ATOM   390  C CA  . GLY A 1 49 ? 2.127   0.183   -10.121 1.00 29.24  ? 49   GLY A CA  1 
ATOM   391  C C   . GLY A 1 49 ? 2.616   1.526   -10.636 1.00 36.67  ? 49   GLY A C   1 
ATOM   392  O O   . GLY A 1 49 ? 2.802   1.717   -11.836 1.00 38.18  ? 49   GLY A O   1 
ATOM   393  N N   . ILE A 1 50 ? 2.808   2.397   -9.660  1.00 37.87  ? 50   ILE A N   1 
ATOM   394  C CA  . ILE A 1 50 ? 3.536   3.625   -9.930  1.00 37.11  ? 50   ILE A CA  1 
ATOM   395  C C   . ILE A 1 50 ? 4.820   3.227   -10.635 1.00 27.77  ? 50   ILE A C   1 
ATOM   396  O O   . ILE A 1 50 ? 5.572   2.380   -10.148 1.00 37.89  ? 50   ILE A O   1 
ATOM   397  C CB  . ILE A 1 50 ? 3.761   4.357   -8.596  1.00 47.11  ? 50   ILE A CB  1 
ATOM   398  C CG1 . ILE A 1 50 ? 2.763   5.501   -8.387  1.00 47.80  ? 50   ILE A CG1 1 
ATOM   399  C CG2 . ILE A 1 50 ? 5.196   4.829   -8.435  1.00 52.10  ? 50   ILE A CG2 1 
ATOM   400  C CD1 . ILE A 1 50 ? 1.788   5.275   -7.257  1.00 49.67  ? 50   ILE A CD1 1 
ATOM   401  N N   . GLY A 1 51 ? 5.066   3.805   -11.804 1.00 30.81  ? 51   GLY A N   1 
ATOM   402  C CA  . GLY A 1 51 ? 6.308   3.606   -12.506 1.00 28.91  ? 51   GLY A CA  1 
ATOM   403  C C   . GLY A 1 51 ? 6.266   2.553   -13.582 1.00 37.13  ? 51   GLY A C   1 
ATOM   404  O O   . GLY A 1 51 ? 7.192   2.463   -14.389 1.00 51.92  ? 51   GLY A O   1 
ATOM   405  N N   . GLY A 1 52 ? 5.217   1.728   -13.615 1.00 41.78  ? 52   GLY A N   1 
ATOM   406  C CA  . GLY A 1 52 ? 5.198   0.692   -14.632 1.00 37.00  ? 52   GLY A CA  1 
ATOM   407  C C   . GLY A 1 52 ? 4.906   -0.705  -14.121 1.00 32.94  ? 52   GLY A C   1 
ATOM   408  O O   . GLY A 1 52 ? 4.486   -0.899  -12.985 1.00 25.26  ? 52   GLY A O   1 
ATOM   409  N N   . PHE A 1 53 ? 5.119   -1.682  -15.003 1.00 32.12  ? 53   PHE A N   1 
ATOM   410  C CA  . PHE A 1 53 ? 4.820   -3.086  -14.768 1.00 27.56  ? 53   PHE A CA  1 
ATOM   411  C C   . PHE A 1 53 ? 6.114   -3.882  -14.643 1.00 27.50  ? 53   PHE A C   1 
ATOM   412  O O   . PHE A 1 53 ? 7.156   -3.496  -15.186 1.00 25.14  ? 53   PHE A O   1 
ATOM   413  C CB  . PHE A 1 53 ? 3.949   -3.654  -15.891 1.00 30.14  ? 53   PHE A CB  1 
ATOM   414  C CG  . PHE A 1 53 ? 2.456   -3.401  -15.745 1.00 17.97  ? 53   PHE A CG  1 
ATOM   415  C CD1 . PHE A 1 53 ? 1.975   -2.096  -15.859 1.00 25.82  ? 53   PHE A CD1 1 
ATOM   416  C CD2 . PHE A 1 53 ? 1.567   -4.418  -15.505 1.00 19.94  ? 53   PHE A CD2 1 
ATOM   417  C CE1 . PHE A 1 53 ? 0.621   -1.862  -15.724 1.00 29.83  ? 53   PHE A CE1 1 
ATOM   418  C CE2 . PHE A 1 53 ? 0.201   -4.201  -15.372 1.00 24.57  ? 53   PHE A CE2 1 
ATOM   419  C CZ  . PHE A 1 53 ? -0.259  -2.904  -15.492 1.00 32.22  ? 53   PHE A CZ  1 
ATOM   420  N N   . ILE A 1 54 ? 6.040   -4.997  -13.919 1.00 17.61  ? 54   ILE A N   1 
ATOM   421  C CA  . ILE A 1 54 ? 7.195   -5.872  -13.801 1.00 16.62  ? 54   ILE A CA  1 
ATOM   422  C C   . ILE A 1 54 ? 6.697   -7.309  -13.997 1.00 28.03  ? 54   ILE A C   1 
ATOM   423  O O   . ILE A 1 54 ? 5.539   -7.595  -13.695 1.00 18.36  ? 54   ILE A O   1 
ATOM   424  C CB  . ILE A 1 54 ? 7.936   -5.795  -12.458 1.00 21.31  ? 54   ILE A CB  1 
ATOM   425  C CG1 . ILE A 1 54 ? 7.073   -6.083  -11.230 1.00 20.26  ? 54   ILE A CG1 1 
ATOM   426  C CG2 . ILE A 1 54 ? 8.627   -4.443  -12.260 1.00 23.77  ? 54   ILE A CG2 1 
ATOM   427  C CD1 . ILE A 1 54 ? 7.888   -6.451  -10.001 1.00 25.10  ? 54   ILE A CD1 1 
ATOM   428  N N   . LYS A 1 55 ? 7.582   -8.164  -14.498 1.00 21.07  ? 55   LYS A N   1 
ATOM   429  C CA  . LYS A 1 55 ? 7.221   -9.576  -14.606 1.00 22.14  ? 55   LYS A CA  1 
ATOM   430  C C   . LYS A 1 55 ? 7.549   -10.288 -13.300 1.00 22.41  ? 55   LYS A C   1 
ATOM   431  O O   . LYS A 1 55 ? 8.625   -10.073 -12.744 1.00 22.93  ? 55   LYS A O   1 
ATOM   432  C CB  . LYS A 1 55 ? 7.940   -10.178 -15.807 1.00 27.51  ? 55   LYS A CB  1 
ATOM   433  C CG  . LYS A 1 55 ? 7.507   -11.585 -16.184 1.00 32.40  ? 55   LYS A CG  1 
ATOM   434  C CD  . LYS A 1 55 ? 8.361   -12.128 -17.315 1.00 42.21  ? 55   LYS A CD  1 
ATOM   435  C CE  A LYS A 1 55 ? 7.651   -13.243 -18.068 0.65 45.98  ? 55   LYS A CE  1 
ATOM   436  C CE  B LYS A 1 55 ? 8.093   -13.598 -17.587 0.35 44.58  ? 55   LYS A CE  1 
ATOM   437  N NZ  A LYS A 1 55 ? 6.886   -12.745 -19.242 0.65 55.55  ? 55   LYS A NZ  1 
ATOM   438  N NZ  B LYS A 1 55 ? 9.119   -14.183 -18.495 0.35 30.06  ? 55   LYS A NZ  1 
ATOM   439  N N   . VAL A 1 56 ? 6.640   -11.112 -12.797 1.00 20.53  ? 56   VAL A N   1 
ATOM   440  C CA  . VAL A 1 56 ? 6.871   -11.868 -11.562 1.00 21.00  ? 56   VAL A CA  1 
ATOM   441  C C   . VAL A 1 56 ? 6.616   -13.351 -11.764 1.00 17.23  ? 56   VAL A C   1 
ATOM   442  O O   . VAL A 1 56 ? 5.965   -13.755 -12.736 1.00 19.50  ? 56   VAL A O   1 
ATOM   443  C CB  . VAL A 1 56 ? 5.978   -11.349 -10.415 1.00 19.04  ? 56   VAL A CB  1 
ATOM   444  C CG1 . VAL A 1 56 ? 6.175   -9.852  -10.241 1.00 17.91  ? 56   VAL A CG1 1 
ATOM   445  C CG2 . VAL A 1 56 ? 4.508   -11.628 -10.672 1.00 20.05  ? 56   VAL A CG2 1 
ATOM   446  N N   . ARG A 1 57 ? 7.096   -14.199 -10.857 1.00 17.60  ? 57   ARG A N   1 
ATOM   447  C CA  . ARG A 1 57 ? 6.676   -15.605 -10.868 1.00 18.58  ? 57   ARG A CA  1 
ATOM   448  C C   . ARG A 1 57 ? 5.613   -15.805 -9.808  1.00 19.63  ? 57   ARG A C   1 
ATOM   449  O O   . ARG A 1 57 ? 5.922   -15.407 -8.689  1.00 20.12  ? 57   ARG A O   1 
ATOM   450  C CB  . ARG A 1 57 ? 7.845   -16.559 -10.588 1.00 19.28  ? 57   ARG A CB  1 
ATOM   451  C CG  . ARG A 1 57 ? 9.053   -16.217 -11.458 1.00 27.13  ? 57   ARG A CG  1 
ATOM   452  C CD  . ARG A 1 57 ? 10.179  -17.204 -11.402 1.00 35.88  ? 57   ARG A CD  1 
ATOM   453  N NE  . ARG A 1 57 ? 10.811  -17.513 -10.146 1.00 46.46  ? 57   ARG A NE  1 
ATOM   454  C CZ  . ARG A 1 57 ? 11.728  -16.902 -9.417  1.00 47.92  ? 57   ARG A CZ  1 
ATOM   455  N NH1 . ARG A 1 57 ? 12.265  -15.742 -9.783  1.00 31.86  ? 57   ARG A NH1 1 
ATOM   456  N NH2 . ARG A 1 57 ? 12.135  -17.450 -8.271  1.00 27.32  ? 57   ARG A NH2 1 
ATOM   457  N N   . GLN A 1 58 ? 4.467   -16.392 -10.123 1.00 20.91  ? 58   GLN A N   1 
ATOM   458  C CA  . GLN A 1 58 ? 3.457   -16.662 -9.107  1.00 19.90  ? 58   GLN A CA  1 
ATOM   459  C C   . GLN A 1 58 ? 3.550   -18.089 -8.562  1.00 16.18  ? 58   GLN A C   1 
ATOM   460  O O   . GLN A 1 58 ? 3.442   -19.063 -9.302  1.00 26.26  ? 58   GLN A O   1 
ATOM   461  C CB  . GLN A 1 58 ? 2.053   -16.421 -9.673  1.00 19.82  ? 58   GLN A CB  1 
ATOM   462  C CG  . GLN A 1 58 ? 0.946   -16.560 -8.629  1.00 19.81  ? 58   GLN A CG  1 
ATOM   463  C CD  . GLN A 1 58 ? -0.419  -16.614 -9.283  1.00 25.21  ? 58   GLN A CD  1 
ATOM   464  O OE1 . GLN A 1 58 ? -0.724  -15.855 -10.199 1.00 29.03  ? 58   GLN A OE1 1 
ATOM   465  N NE2 . GLN A 1 58 ? -1.268  -17.521 -8.815  1.00 21.64  ? 58   GLN A NE2 1 
ATOM   466  N N   . TYR A 1 59 ? 3.759   -18.206 -7.267  1.00 12.80  ? 59   TYR A N   1 
ATOM   467  C CA  . TYR A 1 59 ? 3.878   -19.441 -6.513  1.00 15.63  ? 59   TYR A CA  1 
ATOM   468  C C   . TYR A 1 59 ? 2.644   -19.536 -5.631  1.00 19.65  ? 59   TYR A C   1 
ATOM   469  O O   . TYR A 1 59 ? 2.276   -18.532 -5.034  1.00 22.48  ? 59   TYR A O   1 
ATOM   470  C CB  . TYR A 1 59 ? 5.116   -19.497 -5.608  1.00 19.64  ? 59   TYR A CB  1 
ATOM   471  C CG  . TYR A 1 59 ? 6.444   -19.507 -6.336  1.00 20.80  ? 59   TYR A CG  1 
ATOM   472  C CD1 . TYR A 1 59 ? 7.087   -18.316 -6.662  1.00 18.96  ? 59   TYR A CD1 1 
ATOM   473  C CD2 . TYR A 1 59 ? 7.042   -20.716 -6.696  1.00 18.51  ? 59   TYR A CD2 1 
ATOM   474  C CE1 . TYR A 1 59 ? 8.304   -18.287 -7.332  1.00 17.44  ? 59   TYR A CE1 1 
ATOM   475  C CE2 . TYR A 1 59 ? 8.260   -20.697 -7.363  1.00 23.74  ? 59   TYR A CE2 1 
ATOM   476  C CZ  . TYR A 1 59 ? 8.877   -19.501 -7.676  1.00 30.76  ? 59   TYR A CZ  1 
ATOM   477  O OH  . TYR A 1 59 ? 10.086  -19.515 -8.336  1.00 30.36  ? 59   TYR A OH  1 
ATOM   478  N N   . ASP A 1 60 ? 2.025   -20.692 -5.535  1.00 19.30  ? 60   ASP A N   1 
ATOM   479  C CA  . ASP A 1 60 ? 0.845   -20.827 -4.684  1.00 21.38  ? 60   ASP A CA  1 
ATOM   480  C C   . ASP A 1 60 ? 1.202   -21.573 -3.410  1.00 18.62  ? 60   ASP A C   1 
ATOM   481  O O   . ASP A 1 60 ? 2.280   -22.167 -3.353  1.00 27.09  ? 60   ASP A O   1 
ATOM   482  C CB  . ASP A 1 60 ? -0.252  -21.516 -5.491  1.00 29.30  ? 60   ASP A CB  1 
ATOM   483  C CG  . ASP A 1 60 ? -0.683  -20.577 -6.617  1.00 39.32  ? 60   ASP A CG  1 
ATOM   484  O OD1 . ASP A 1 60 ? -0.539  -19.347 -6.421  1.00 32.91  ? 60   ASP A OD1 1 
ATOM   485  O OD2 . ASP A 1 60 ? -1.159  -21.061 -7.663  1.00 63.73  ? 60   ASP A OD2 1 
ATOM   486  N N   . GLN A 1 61 ? 0.322   -21.521 -2.418  1.00 22.11  ? 61   GLN A N   1 
ATOM   487  C CA  . GLN A 1 61 ? 0.488   -22.298 -1.200  1.00 27.86  ? 61   GLN A CA  1 
ATOM   488  C C   . GLN A 1 61 ? 1.865   -22.138 -0.585  1.00 32.17  ? 61   GLN A C   1 
ATOM   489  O O   . GLN A 1 61 ? 2.485   -23.139 -0.223  1.00 26.38  ? 61   GLN A O   1 
ATOM   490  C CB  . GLN A 1 61 ? 0.264   -23.786 -1.509  1.00 44.43  ? 61   GLN A CB  1 
ATOM   491  C CG  . GLN A 1 61 ? -0.987  -24.010 -2.355  1.00 55.71  ? 61   GLN A CG  1 
ATOM   492  C CD  . GLN A 1 61 ? -2.205  -24.180 -1.460  1.00 65.17  ? 61   GLN A CD  1 
ATOM   493  O OE1 . GLN A 1 61 ? -2.345  -23.479 -0.454  1.00 66.42  ? 61   GLN A OE1 1 
ATOM   494  N NE2 . GLN A 1 61 ? -3.068  -25.118 -1.835  1.00 65.53  ? 61   GLN A NE2 1 
ATOM   495  N N   . ILE A 1 62 ? 2.362   -20.907 -0.478  1.00 24.22  ? 62   ILE A N   1 
ATOM   496  C CA  . ILE A 1 62 ? 3.676   -20.733 0.152   1.00 13.31  ? 62   ILE A CA  1 
ATOM   497  C C   . ILE A 1 62 ? 3.471   -20.322 1.595   1.00 23.07  ? 62   ILE A C   1 
ATOM   498  O O   . ILE A 1 62 ? 2.576   -19.512 1.867   1.00 24.66  ? 62   ILE A O   1 
ATOM   499  C CB  . ILE A 1 62 ? 4.456   -19.661 -0.626  1.00 12.59  ? 62   ILE A CB  1 
ATOM   500  C CG1 . ILE A 1 62 ? 4.781   -20.141 -2.042  1.00 13.91  ? 62   ILE A CG1 1 
ATOM   501  C CG2 . ILE A 1 62 ? 5.710   -19.230 0.101   1.00 19.81  ? 62   ILE A CG2 1 
ATOM   502  C CD1 . ILE A 1 62 ? 5.676   -21.360 -2.071  1.00 24.49  ? 62   ILE A CD1 1 
ATOM   503  N N   . ILE A 1 63 ? 4.263   -20.838 2.529   1.00 22.78  ? 63   ILE A N   1 
ATOM   504  C CA  . ILE A 1 63 ? 4.083   -20.410 3.909   1.00 18.54  ? 63   ILE A CA  1 
ATOM   505  C C   . ILE A 1 63 ? 5.053   -19.289 4.272   1.00 26.02  ? 63   ILE A C   1 
ATOM   506  O O   . ILE A 1 63 ? 6.217   -19.306 3.906   1.00 27.37  ? 63   ILE A O   1 
ATOM   507  C CB  . ILE A 1 63 ? 4.273   -21.560 4.906   1.00 20.93  ? 63   ILE A CB  1 
ATOM   508  C CG1 . ILE A 1 63 ? 3.204   -22.639 4.789   1.00 24.29  ? 63   ILE A CG1 1 
ATOM   509  C CG2 . ILE A 1 63 ? 4.350   -20.990 6.316   1.00 35.38  ? 63   ILE A CG2 1 
ATOM   510  C CD1 . ILE A 1 63 ? 3.796   -24.036 4.870   1.00 33.72  ? 63   ILE A CD1 1 
ATOM   511  N N   . ILE A 1 64 ? 4.513   -18.311 4.980   1.00 22.44  ? 64   ILE A N   1 
ATOM   512  C CA  . ILE A 1 64 ? 5.254   -17.141 5.400   1.00 13.87  ? 64   ILE A CA  1 
ATOM   513  C C   . ILE A 1 64 ? 4.934   -16.924 6.884   1.00 23.98  ? 64   ILE A C   1 
ATOM   514  O O   . ILE A 1 64 ? 3.779   -16.990 7.299   1.00 47.61  ? 64   ILE A O   1 
ATOM   515  C CB  . ILE A 1 64 ? 4.918   -15.880 4.601   1.00 20.11  ? 64   ILE A CB  1 
ATOM   516  C CG1 . ILE A 1 64 ? 5.140   -15.973 3.080   1.00 21.91  ? 64   ILE A CG1 1 
ATOM   517  C CG2 . ILE A 1 64 ? 5.709   -14.673 5.087   1.00 35.46  ? 64   ILE A CG2 1 
ATOM   518  C CD1 . ILE A 1 64 ? 5.460   -14.595 2.517   1.00 31.39  ? 64   ILE A CD1 1 
ATOM   519  N N   . GLU A 1 65 ? 5.970   -16.672 7.662   1.00 17.99  ? 65   GLU A N   1 
ATOM   520  C CA  . GLU A 1 65 ? 5.800   -16.280 9.054   1.00 20.58  ? 65   GLU A CA  1 
ATOM   521  C C   . GLU A 1 65 ? 5.932   -14.759 9.116   1.00 21.72  ? 65   GLU A C   1 
ATOM   522  O O   . GLU A 1 65 ? 6.973   -14.250 8.710   1.00 20.23  ? 65   GLU A O   1 
ATOM   523  C CB  . GLU A 1 65 ? 6.826   -16.944 9.968   1.00 37.68  ? 65   GLU A CB  1 
ATOM   524  C CG  . GLU A 1 65 ? 7.545   -15.942 10.866  1.00 61.32  ? 65   GLU A CG  1 
ATOM   525  C CD  . GLU A 1 65 ? 8.342   -16.609 11.971  1.00 68.30  ? 65   GLU A CD  1 
ATOM   526  O OE1 . GLU A 1 65 ? 9.416   -16.082 12.338  1.00 73.95  ? 65   GLU A OE1 1 
ATOM   527  O OE2 . GLU A 1 65 ? 7.873   -17.662 12.455  1.00 49.55  ? 65   GLU A OE2 1 
ATOM   528  N N   . ILE A 1 66 ? 4.893   -14.081 9.563   1.00 25.89  ? 66   ILE A N   1 
ATOM   529  C CA  . ILE A 1 66 ? 4.855   -12.620 9.541   1.00 23.26  ? 66   ILE A CA  1 
ATOM   530  C C   . ILE A 1 66 ? 4.770   -12.104 10.977  1.00 30.72  ? 66   ILE A C   1 
ATOM   531  O O   . ILE A 1 66 ? 3.745   -12.357 11.625  1.00 28.23  ? 66   ILE A O   1 
ATOM   532  C CB  . ILE A 1 66 ? 3.662   -12.081 8.745   1.00 27.97  ? 66   ILE A CB  1 
ATOM   533  C CG1 . ILE A 1 66 ? 3.650   -12.524 7.279   1.00 27.02  ? 66   ILE A CG1 1 
ATOM   534  C CG2 . ILE A 1 66 ? 3.585   -10.558 8.859   1.00 19.30  ? 66   ILE A CG2 1 
ATOM   535  C CD1 . ILE A 1 66 ? 2.339   -12.225 6.577   1.00 32.84  ? 66   ILE A CD1 1 
ATOM   536  N N   . ALA A 1 67 ? 5.862   -11.448 11.350  1.00 26.92  ? 67   ALA A N   1 
ATOM   537  C CA  . ALA A 1 67 ? 6.016   -10.980 12.715  1.00 33.28  ? 67   ALA A CA  1 
ATOM   538  C C   . ALA A 1 67 ? 5.546   -12.039 13.716  1.00 35.35  ? 67   ALA A C   1 
ATOM   539  O O   . ALA A 1 67 ? 4.819   -11.688 14.645  1.00 34.23  ? 67   ALA A O   1 
ATOM   540  C CB  . ALA A 1 67 ? 5.231   -9.686  12.852  1.00 40.52  ? 67   ALA A CB  1 
ATOM   541  N N   . GLY A 1 68 ? 5.906   -13.302 13.509  1.00 32.77  ? 68   GLY A N   1 
ATOM   542  C CA  . GLY A 1 68 ? 5.558   -14.414 14.378  1.00 28.52  ? 68   GLY A CA  1 
ATOM   543  C C   . GLY A 1 68 ? 4.237   -15.094 14.108  1.00 35.38  ? 68   GLY A C   1 
ATOM   544  O O   . GLY A 1 68 ? 3.855   -16.078 14.757  1.00 37.85  ? 68   GLY A O   1 
ATOM   545  N N   . HIS A 1 69 ? 3.486   -14.595 13.133  1.00 31.47  ? 69   HIS A N   1 
ATOM   546  C CA  . HIS A 1 69 ? 2.176   -15.124 12.789  1.00 30.87  ? 69   HIS A CA  1 
ATOM   547  C C   . HIS A 1 69 ? 2.257   -15.957 11.520  1.00 38.49  ? 69   HIS A C   1 
ATOM   548  O O   . HIS A 1 69 ? 2.528   -15.422 10.436  1.00 35.87  ? 69   HIS A O   1 
ATOM   549  C CB  . HIS A 1 69 ? 1.197   -13.957 12.617  1.00 24.81  ? 69   HIS A CB  1 
ATOM   550  C CG  . HIS A 1 69 ? 0.786   -13.287 13.890  1.00 43.14  ? 69   HIS A CG  1 
ATOM   551  N ND1 . HIS A 1 69 ? 1.635   -12.499 14.634  1.00 51.79  ? 69   HIS A ND1 1 
ATOM   552  C CD2 . HIS A 1 69 ? -0.382  -13.280 14.575  1.00 48.94  ? 69   HIS A CD2 1 
ATOM   553  C CE1 . HIS A 1 69 ? 1.023   -12.035 15.709  1.00 49.13  ? 69   HIS A CE1 1 
ATOM   554  N NE2 . HIS A 1 69 ? -0.214  -12.498 15.698  1.00 50.27  ? 69   HIS A NE2 1 
ATOM   555  N N   . LYS A 1 70 ? 2.034   -17.271 11.572  1.00 34.57  ? 70   LYS A N   1 
ATOM   556  C CA  . LYS A 1 70 ? 2.152   -18.047 10.331  1.00 36.05  ? 70   LYS A CA  1 
ATOM   557  C C   . LYS A 1 70 ? 0.982   -17.795 9.392   1.00 35.84  ? 70   LYS A C   1 
ATOM   558  O O   . LYS A 1 70 ? -0.169  -17.557 9.761   1.00 34.87  ? 70   LYS A O   1 
ATOM   559  C CB  . LYS A 1 70 ? 2.292   -19.541 10.624  1.00 42.03  ? 70   LYS A CB  1 
ATOM   560  C CG  . LYS A 1 70 ? 1.417   -20.431 9.761   1.00 54.62  ? 70   LYS A CG  1 
ATOM   561  C CD  . LYS A 1 70 ? 2.040   -21.787 9.482   1.00 56.76  ? 70   LYS A CD  1 
ATOM   562  C CE  . LYS A 1 70 ? 1.389   -22.511 8.318   1.00 49.88  ? 70   LYS A CE  1 
ATOM   563  N NZ  . LYS A 1 70 ? -0.092  -22.564 8.416   1.00 46.22  ? 70   LYS A NZ  1 
ATOM   564  N N   . ALA A 1 71 ? 1.277   -17.840 8.087   1.00 23.57  ? 71   ALA A N   1 
ATOM   565  C CA  . ALA A 1 71 ? 0.205   -17.590 7.132   1.00 19.68  ? 71   ALA A CA  1 
ATOM   566  C C   . ALA A 1 71 ? 0.487   -18.333 5.840   1.00 20.65  ? 71   ALA A C   1 
ATOM   567  O O   . ALA A 1 71 ? 1.659   -18.601 5.579   1.00 25.66  ? 71   ALA A O   1 
ATOM   568  C CB  . ALA A 1 71 ? 0.097   -16.087 6.903   1.00 26.56  ? 71   ALA A CB  1 
ATOM   569  N N   . ILE A 1 72 ? -0.535  -18.648 5.042   1.00 15.59  ? 72   ILE A N   1 
ATOM   570  C CA  . ILE A 1 72 ? -0.236  -19.344 3.789   1.00 19.31  ? 72   ILE A CA  1 
ATOM   571  C C   . ILE A 1 72 ? -1.063  -18.746 2.658   1.00 20.55  ? 72   ILE A C   1 
ATOM   572  O O   . ILE A 1 72 ? -2.176  -18.294 2.894   1.00 18.28  ? 72   ILE A O   1 
ATOM   573  C CB  . ILE A 1 72 ? -0.484  -20.864 3.825   1.00 24.66  ? 72   ILE A CB  1 
ATOM   574  C CG1 . ILE A 1 72 ? -0.059  -21.594 2.541   1.00 21.85  ? 72   ILE A CG1 1 
ATOM   575  C CG2 . ILE A 1 72 ? -1.919  -21.236 4.135   1.00 24.11  ? 72   ILE A CG2 1 
ATOM   576  C CD1 . ILE A 1 72 ? 0.234   -23.068 2.751   1.00 30.21  ? 72   ILE A CD1 1 
ATOM   577  N N   . GLY A 1 73 ? -0.472  -18.750 1.469   1.00 18.21  ? 73   GLY A N   1 
ATOM   578  C CA  . GLY A 1 73 ? -1.156  -18.274 0.277   1.00 24.92  ? 73   GLY A CA  1 
ATOM   579  C C   . GLY A 1 73 ? -0.174  -17.957 -0.831  1.00 17.87  ? 73   GLY A C   1 
ATOM   580  O O   . GLY A 1 73 ? 1.003   -18.327 -0.744  1.00 16.04  ? 73   GLY A O   1 
ATOM   581  N N   . THR A 1 74 ? -0.678  -17.271 -1.843  1.00 20.86  ? 74   THR A N   1 
ATOM   582  C CA  . THR A 1 74 ? 0.083   -16.945 -3.037  1.00 14.82  ? 74   THR A CA  1 
ATOM   583  C C   . THR A 1 74 ? 1.183   -15.921 -2.785  1.00 20.18  ? 74   THR A C   1 
ATOM   584  O O   . THR A 1 74 ? 0.980   -14.931 -2.084  1.00 14.81  ? 74   THR A O   1 
ATOM   585  C CB  . THR A 1 74 ? -0.874  -16.392 -4.121  1.00 21.55  ? 74   THR A CB  1 
ATOM   586  O OG1 . THR A 1 74 ? -1.760  -17.441 -4.513  1.00 23.30  ? 74   THR A OG1 1 
ATOM   587  C CG2 . THR A 1 74 ? -0.125  -15.973 -5.373  1.00 18.59  ? 74   THR A CG2 1 
ATOM   588  N N   . VAL A 1 75 ? 2.352   -16.158 -3.361  1.00 17.43  ? 75   VAL A N   1 
ATOM   589  C CA  . VAL A 1 75 ? 3.472   -15.237 -3.309  1.00 17.42  ? 75   VAL A CA  1 
ATOM   590  C C   . VAL A 1 75 ? 4.017   -15.020 -4.717  1.00 15.98  ? 75   VAL A C   1 
ATOM   591  O O   . VAL A 1 75 ? 4.340   -15.985 -5.407  1.00 21.22  ? 75   VAL A O   1 
ATOM   592  C CB  . VAL A 1 75 ? 4.584   -15.744 -2.371  1.00 19.09  ? 75   VAL A CB  1 
ATOM   593  C CG1 . VAL A 1 75 ? 5.814   -14.858 -2.423  1.00 22.17  ? 75   VAL A CG1 1 
ATOM   594  C CG2 . VAL A 1 75 ? 4.038   -15.807 -0.949  1.00 27.07  ? 75   VAL A CG2 1 
ATOM   595  N N   . LEU A 1 76 ? 4.086   -13.759 -5.113  1.00 16.92  ? 76   LEU A N   1 
ATOM   596  C CA  . LEU A 1 76 ? 4.679   -13.306 -6.358  1.00 13.64  ? 76   LEU A CA  1 
ATOM   597  C C   . LEU A 1 76 ? 6.142   -12.958 -6.088  1.00 23.31  ? 76   LEU A C   1 
ATOM   598  O O   . LEU A 1 76 ? 6.481   -12.250 -5.137  1.00 22.28  ? 76   LEU A O   1 
ATOM   599  C CB  . LEU A 1 76 ? 3.958   -12.096 -6.936  1.00 19.28  ? 76   LEU A CB  1 
ATOM   600  C CG  . LEU A 1 76 ? 2.427   -12.128 -6.932  1.00 22.40  ? 76   LEU A CG  1 
ATOM   601  C CD1 . LEU A 1 76 ? 1.861   -10.817 -7.461  1.00 17.72  ? 76   LEU A CD1 1 
ATOM   602  C CD2 . LEU A 1 76 ? 1.908   -13.298 -7.752  1.00 18.12  ? 76   LEU A CD2 1 
ATOM   603  N N   . VAL A 1 77 ? 7.007   -13.488 -6.934  1.00 23.67  ? 77   VAL A N   1 
ATOM   604  C CA  . VAL A 1 77 ? 8.450   -13.289 -6.745  1.00 22.12  ? 77   VAL A CA  1 
ATOM   605  C C   . VAL A 1 77 ? 8.973   -12.528 -7.944  1.00 25.56  ? 77   VAL A C   1 
ATOM   606  O O   . VAL A 1 77 ? 8.703   -12.890 -9.094  1.00 15.55  ? 77   VAL A O   1 
ATOM   607  C CB  . VAL A 1 77 ? 9.164   -14.642 -6.536  1.00 20.37  ? 77   VAL A CB  1 
ATOM   608  C CG1 . VAL A 1 77 ? 10.672  -14.524 -6.555  1.00 25.11  ? 77   VAL A CG1 1 
ATOM   609  C CG2 . VAL A 1 77 ? 8.758   -15.244 -5.196  1.00 15.63  ? 77   VAL A CG2 1 
ATOM   610  N N   . GLY A 1 78 ? 9.709   -11.435 -7.699  1.00 15.13  ? 78   GLY A N   1 
ATOM   611  C CA  . GLY A 1 78 ? 10.158  -10.668 -8.864  1.00 15.93  ? 78   GLY A CA  1 
ATOM   612  C C   . GLY A 1 78 ? 10.934  -9.436  -8.464  1.00 19.21  ? 78   GLY A C   1 
ATOM   613  O O   . GLY A 1 78 ? 11.136  -9.182  -7.275  1.00 23.04  ? 78   GLY A O   1 
ATOM   614  N N   . PRO A 1 79 ? 11.393  -8.649  -9.433  1.00 13.48  ? 79   PRO A N   1 
ATOM   615  C CA  . PRO A 1 79 ? 12.289  -7.542  -9.111  1.00 17.38  ? 79   PRO A CA  1 
ATOM   616  C C   . PRO A 1 79 ? 11.571  -6.340  -8.509  1.00 20.73  ? 79   PRO A C   1 
ATOM   617  O O   . PRO A 1 79 ? 11.588  -5.235  -9.056  1.00 26.94  ? 79   PRO A O   1 
ATOM   618  C CB  . PRO A 1 79 ? 12.872  -7.167  -10.482 1.00 25.69  ? 79   PRO A CB  1 
ATOM   619  C CG  . PRO A 1 79 ? 11.876  -7.628  -11.491 1.00 23.81  ? 79   PRO A CG  1 
ATOM   620  C CD  . PRO A 1 79 ? 11.108  -8.758  -10.866 1.00 17.72  ? 79   PRO A CD  1 
ATOM   621  N N   . THR A 1 80 ? 10.970  -6.542  -7.348  1.00 20.90  ? 80   THR A N   1 
ATOM   622  C CA  . THR A 1 80 ? 10.360  -5.443  -6.613  1.00 21.31  ? 80   THR A CA  1 
ATOM   623  C C   . THR A 1 80 ? 11.408  -4.784  -5.742  1.00 19.62  ? 80   THR A C   1 
ATOM   624  O O   . THR A 1 80 ? 12.315  -5.448  -5.242  1.00 22.36  ? 80   THR A O   1 
ATOM   625  C CB  . THR A 1 80 ? 9.201   -5.956  -5.731  1.00 27.36  ? 80   THR A CB  1 
ATOM   626  O OG1 . THR A 1 80 ? 8.795   -4.928  -4.817  1.00 27.87  ? 80   THR A OG1 1 
ATOM   627  C CG2 . THR A 1 80 ? 9.704   -7.126  -4.909  1.00 12.83  ? 80   THR A CG2 1 
ATOM   628  N N   . PRO A 1 81 ? 11.326  -3.483  -5.511  1.00 24.20  ? 81   PRO A N   1 
ATOM   629  C CA  . PRO A 1 81 ? 12.392  -2.844  -4.735  1.00 24.50  ? 81   PRO A CA  1 
ATOM   630  C C   . PRO A 1 81 ? 12.169  -3.007  -3.242  1.00 28.36  ? 81   PRO A C   1 
ATOM   631  O O   . PRO A 1 81 ? 13.060  -2.760  -2.426  1.00 23.79  ? 81   PRO A O   1 
ATOM   632  C CB  . PRO A 1 81 ? 12.268  -1.374  -5.142  1.00 35.19  ? 81   PRO A CB  1 
ATOM   633  C CG  . PRO A 1 81 ? 10.939  -1.201  -5.790  1.00 32.33  ? 81   PRO A CG  1 
ATOM   634  C CD  . PRO A 1 81 ? 10.283  -2.542  -5.928  1.00 23.25  ? 81   PRO A CD  1 
ATOM   635  N N   . VAL A 1 82 ? 10.976  -3.421  -2.828  1.00 21.88  ? 82   VAL A N   1 
ATOM   636  C CA  . VAL A 1 82 ? 10.710  -3.650  -1.407  1.00 18.50  ? 82   VAL A CA  1 
ATOM   637  C C   . VAL A 1 82 ? 9.920   -4.939  -1.239  1.00 21.22  ? 82   VAL A C   1 
ATOM   638  O O   . VAL A 1 82 ? 9.066   -5.230  -2.097  1.00 18.28  ? 82   VAL A O   1 
ATOM   639  C CB  . VAL A 1 82 ? 9.873   -2.508  -0.813  1.00 17.20  ? 82   VAL A CB  1 
ATOM   640  C CG1 . VAL A 1 82 ? 9.642   -2.691  0.680   1.00 23.81  ? 82   VAL A CG1 1 
ATOM   641  C CG2 . VAL A 1 82 ? 10.545  -1.158  -1.054  1.00 41.05  ? 82   VAL A CG2 1 
ATOM   642  N N   . ASN A 1 83 ? 10.103  -5.727  -0.188  1.00 14.22  ? 83   ASN A N   1 
ATOM   643  C CA  . ASN A 1 83 ? 9.119   -6.814  -0.037  1.00 15.27  ? 83   ASN A CA  1 
ATOM   644  C C   . ASN A 1 83 ? 7.784   -6.280  0.465   1.00 21.62  ? 83   ASN A C   1 
ATOM   645  O O   . ASN A 1 83 ? 7.695   -5.485  1.399   1.00 19.19  ? 83   ASN A O   1 
ATOM   646  C CB  . ASN A 1 83 ? 9.675   -7.893  0.902   1.00 17.62  ? 83   ASN A CB  1 
ATOM   647  C CG  . ASN A 1 83 ? 10.994  -8.408  0.334   1.00 29.34  ? 83   ASN A CG  1 
ATOM   648  O OD1 . ASN A 1 83 ? 11.117  -8.712  -0.856  1.00 19.36  ? 83   ASN A OD1 1 
ATOM   649  N ND2 . ASN A 1 83 ? 11.989  -8.476  1.206   1.00 26.38  ? 83   ASN A ND2 1 
ATOM   650  N N   . ILE A 1 84 ? 6.671   -6.705  -0.122  1.00 22.89  ? 84   ILE A N   1 
ATOM   651  C CA  . ILE A 1 84 ? 5.359   -6.206  0.261   1.00 17.43  ? 84   ILE A CA  1 
ATOM   652  C C   . ILE A 1 84 ? 4.454   -7.330  0.764   1.00 17.80  ? 84   ILE A C   1 
ATOM   653  O O   . ILE A 1 84 ? 4.213   -8.278  0.022   1.00 15.71  ? 84   ILE A O   1 
ATOM   654  C CB  . ILE A 1 84 ? 4.672   -5.507  -0.924  1.00 15.18  ? 84   ILE A CB  1 
ATOM   655  C CG1 . ILE A 1 84 ? 5.419   -4.245  -1.378  1.00 20.55  ? 84   ILE A CG1 1 
ATOM   656  C CG2 . ILE A 1 84 ? 3.229   -5.147  -0.619  1.00 20.46  ? 84   ILE A CG2 1 
ATOM   657  C CD1 . ILE A 1 84 ? 5.083   -3.832  -2.797  1.00 35.09  ? 84   ILE A CD1 1 
ATOM   658  N N   . ILE A 1 85 ? 3.968   -7.213  1.983   1.00 11.09  ? 85   ILE A N   1 
ATOM   659  C CA  . ILE A 1 85 ? 2.981   -8.131  2.548   1.00 14.72  ? 85   ILE A CA  1 
ATOM   660  C C   . ILE A 1 85 ? 1.606   -7.526  2.302   1.00 18.92  ? 85   ILE A C   1 
ATOM   661  O O   . ILE A 1 85 ? 1.267   -6.517  2.920   1.00 19.78  ? 85   ILE A O   1 
ATOM   662  C CB  . ILE A 1 85 ? 3.228   -8.398  4.036   1.00 19.60  ? 85   ILE A CB  1 
ATOM   663  C CG1 . ILE A 1 85 ? 4.623   -8.994  4.292   1.00 14.26  ? 85   ILE A CG1 1 
ATOM   664  C CG2 . ILE A 1 85 ? 2.168   -9.296  4.661   1.00 16.70  ? 85   ILE A CG2 1 
ATOM   665  C CD1 . ILE A 1 85 ? 4.718   -10.439 3.840   1.00 26.32  ? 85   ILE A CD1 1 
ATOM   666  N N   . ALA A 1 86 ? 0.863   -8.135  1.385   1.00 17.04  ? 86   ALA A N   1 
ATOM   667  C CA  . ALA A 1 86 ? -0.427  -7.634  0.938   1.00 20.19  ? 86   ALA A CA  1 
ATOM   668  C C   . ALA A 1 86 ? -1.655  -8.237  1.612   1.00 22.12  ? 86   ALA A C   1 
ATOM   669  O O   . ALA A 1 86 ? -1.589  -9.075  2.513   1.00 17.02  ? 86   ALA A O   1 
ATOM   670  C CB  . ALA A 1 86 ? -0.497  -7.866  -0.562  1.00 10.72  ? 86   ALA A CB  1 
ATOM   671  N N   . ARG A 1 87 ? -2.835  -7.779  1.168   1.00 11.48  ? 87   ARG A N   1 
ATOM   672  C CA  . ARG A 1 87 ? -4.081  -8.211  1.786   1.00 14.73  ? 87   ARG A CA  1 
ATOM   673  C C   . ARG A 1 87 ? -4.249  -9.725  1.781   1.00 19.70  ? 87   ARG A C   1 
ATOM   674  O O   . ARG A 1 87 ? -4.830  -10.241 2.733   1.00 16.69  ? 87   ARG A O   1 
ATOM   675  C CB  . ARG A 1 87 ? -5.289  -7.574  1.097   1.00 20.18  ? 87   ARG A CB  1 
ATOM   676  C CG  . ARG A 1 87 ? -5.205  -6.045  1.060   1.00 16.90  ? 87   ARG A CG  1 
ATOM   677  C CD  . ARG A 1 87 ? -6.549  -5.452  0.657   1.00 17.35  ? 87   ARG A CD  1 
ATOM   678  N NE  . ARG A 1 87 ? -6.820  -5.689  -0.761  1.00 16.22  ? 87   ARG A NE  1 
ATOM   679  C CZ  . ARG A 1 87 ? -7.635  -6.613  -1.236  1.00 24.04  ? 87   ARG A CZ  1 
ATOM   680  N NH1 . ARG A 1 87 ? -8.287  -7.429  -0.402  1.00 18.36  ? 87   ARG A NH1 1 
ATOM   681  N NH2 . ARG A 1 87 ? -7.796  -6.721  -2.559  1.00 20.77  ? 87   ARG A NH2 1 
ATOM   682  N N   . ASN A 1 88 ? -3.755  -10.444 0.774   1.00 18.47  ? 88   ASN A N   1 
ATOM   683  C CA  . ASN A 1 88 ? -4.020  -11.896 0.791   1.00 16.60  ? 88   ASN A CA  1 
ATOM   684  C C   . ASN A 1 88 ? -3.422  -12.599 2.000   1.00 19.93  ? 88   ASN A C   1 
ATOM   685  O O   . ASN A 1 88 ? -3.945  -13.638 2.427   1.00 17.99  ? 88   ASN A O   1 
ATOM   686  C CB  . ASN A 1 88 ? -3.523  -12.549 -0.492  1.00 13.79  ? 88   ASN A CB  1 
ATOM   687  C CG  . ASN A 1 88 ? -2.025  -12.706 -0.620  1.00 24.54  ? 88   ASN A CG  1 
ATOM   688  O OD1 . ASN A 1 88 ? -1.242  -11.766 -0.446  1.00 26.38  ? 88   ASN A OD1 1 
ATOM   689  N ND2 . ASN A 1 88 ? -1.582  -13.915 -0.968  1.00 15.32  ? 88   ASN A ND2 1 
ATOM   690  N N   . LEU A 1 89 ? -2.365  -12.067 2.589   1.00 12.88  ? 89   LEU A N   1 
ATOM   691  C CA  . LEU A 1 89 ? -1.815  -12.666 3.801   1.00 19.26  ? 89   LEU A CA  1 
ATOM   692  C C   . LEU A 1 89 ? -2.129  -11.838 5.041   1.00 20.50  ? 89   LEU A C   1 
ATOM   693  O O   . LEU A 1 89 ? -2.188  -12.359 6.164   1.00 19.27  ? 89   LEU A O   1 
ATOM   694  C CB  . LEU A 1 89 ? -0.294  -12.843 3.662   1.00 19.29  ? 89   LEU A CB  1 
ATOM   695  C CG  . LEU A 1 89 ? 0.202   -13.682 2.491   1.00 20.59  ? 89   LEU A CG  1 
ATOM   696  C CD1 . LEU A 1 89 ? 1.732   -13.771 2.462   1.00 18.96  ? 89   LEU A CD1 1 
ATOM   697  C CD2 . LEU A 1 89 ? -0.423  -15.067 2.542   1.00 17.59  ? 89   LEU A CD2 1 
ATOM   698  N N   . LEU A 1 90 ? -2.336  -10.528 4.910   1.00 13.87  ? 90   LEU A N   1 
ATOM   699  C CA  . LEU A 1 90 ? -2.757  -9.733  6.066   1.00 10.81  ? 90   LEU A CA  1 
ATOM   700  C C   . LEU A 1 90 ? -4.086  -10.245 6.599   1.00 12.43  ? 90   LEU A C   1 
ATOM   701  O O   . LEU A 1 90 ? -4.364  -10.235 7.804   1.00 17.41  ? 90   LEU A O   1 
ATOM   702  C CB  . LEU A 1 90 ? -2.886  -8.250  5.701   1.00 16.42  ? 90   LEU A CB  1 
ATOM   703  C CG  . LEU A 1 90 ? -1.578  -7.492  5.419   1.00 18.10  ? 90   LEU A CG  1 
ATOM   704  C CD1 . LEU A 1 90 ? -1.868  -6.065  4.964   1.00 15.42  ? 90   LEU A CD1 1 
ATOM   705  C CD2 . LEU A 1 90 ? -0.699  -7.476  6.660   1.00 27.04  ? 90   LEU A CD2 1 
ATOM   706  N N   . THR A 1 91 ? -4.984  -10.706 5.710   1.00 12.05  ? 91   THR A N   1 
ATOM   707  C CA  . THR A 1 91 ? -6.245  -11.196 6.287   1.00 10.41  ? 91   THR A CA  1 
ATOM   708  C C   . THR A 1 91 ? -6.007  -12.426 7.153   1.00 18.26  ? 91   THR A C   1 
ATOM   709  O O   . THR A 1 91 ? -6.686  -12.661 8.155   1.00 21.96  ? 91   THR A O   1 
ATOM   710  C CB  . THR A 1 91 ? -7.244  -11.652 5.212   1.00 18.45  ? 91   THR A CB  1 
ATOM   711  O OG1 . THR A 1 91 ? -6.600  -12.731 4.517   1.00 19.80  ? 91   THR A OG1 1 
ATOM   712  C CG2 . THR A 1 91 ? -7.566  -10.555 4.208   1.00 17.20  ? 91   THR A CG2 1 
ATOM   713  N N   . GLN A 1 92 ? -5.029  -13.231 6.725   1.00 14.82  ? 92   GLN A N   1 
ATOM   714  C CA  . GLN A 1 92 ? -4.829  -14.501 7.430   1.00 14.38  ? 92   GLN A CA  1 
ATOM   715  C C   . GLN A 1 92 ? -4.306  -14.268 8.832   1.00 19.98  ? 92   GLN A C   1 
ATOM   716  O O   . GLN A 1 92 ? -4.497  -15.096 9.725   1.00 21.58  ? 92   GLN A O   1 
ATOM   717  C CB  . GLN A 1 92 ? -3.867  -15.405 6.654   1.00 19.07  ? 92   GLN A CB  1 
ATOM   718  C CG  . GLN A 1 92 ? -4.413  -15.760 5.287   1.00 16.56  ? 92   GLN A CG  1 
ATOM   719  C CD  . GLN A 1 92 ? -5.730  -16.494 5.348   1.00 20.32  ? 92   GLN A CD  1 
ATOM   720  O OE1 . GLN A 1 92 ? -5.723  -17.652 5.751   1.00 15.88  ? 92   GLN A OE1 1 
ATOM   721  N NE2 . GLN A 1 92 ? -6.838  -15.874 4.960   1.00 17.87  ? 92   GLN A NE2 1 
ATOM   722  N N   . ILE A 1 93 ? -3.631  -13.122 8.998   1.00 17.79  ? 93   ILE A N   1 
ATOM   723  C CA  . ILE A 1 93 ? -3.084  -12.899 10.336  1.00 15.50  ? 93   ILE A CA  1 
ATOM   724  C C   . ILE A 1 93 ? -4.044  -12.031 11.134  1.00 20.60  ? 93   ILE A C   1 
ATOM   725  O O   . ILE A 1 93 ? -3.756  -11.624 12.253  1.00 24.11  ? 93   ILE A O   1 
ATOM   726  C CB  . ILE A 1 93 ? -1.672  -12.294 10.307  1.00 22.55  ? 93   ILE A CB  1 
ATOM   727  C CG1 . ILE A 1 93 ? -1.626  -10.822 9.893   1.00 17.19  ? 93   ILE A CG1 1 
ATOM   728  C CG2 . ILE A 1 93 ? -0.749  -13.139 9.445   1.00 24.69  ? 93   ILE A CG2 1 
ATOM   729  C CD1 . ILE A 1 93 ? -0.232  -10.246 9.808   1.00 19.79  ? 93   ILE A CD1 1 
ATOM   730  N N   . GLY A 1 94 ? -5.221  -11.756 10.574  1.00 20.18  ? 94   GLY A N   1 
ATOM   731  C CA  . GLY A 1 94 ? -6.208  -11.018 11.353  1.00 24.85  ? 94   GLY A CA  1 
ATOM   732  C C   . GLY A 1 94 ? -5.937  -9.532  11.366  1.00 29.04  ? 94   GLY A C   1 
ATOM   733  O O   . GLY A 1 94 ? -6.358  -8.821  12.278  1.00 22.21  ? 94   GLY A O   1 
ATOM   734  N N   . ALA A 1 95 ? -5.222  -8.982  10.381  1.00 18.34  ? 95   ALA A N   1 
ATOM   735  C CA  . ALA A 1 95 ? -4.911  -7.556  10.538  1.00 19.84  ? 95   ALA A CA  1 
ATOM   736  C C   . ALA A 1 95 ? -6.079  -6.691  10.072  1.00 20.53  ? 95   ALA A C   1 
ATOM   737  O O   . ALA A 1 95 ? -6.700  -7.021  9.060   1.00 23.19  ? 95   ALA A O   1 
ATOM   738  C CB  . ALA A 1 95 ? -3.649  -7.152  9.796   1.00 19.24  ? 95   ALA A CB  1 
ATOM   739  N N   . THR A 1 96 ? -6.313  -5.618  10.824  1.00 21.42  ? 96   THR A N   1 
ATOM   740  C CA  . THR A 1 96 ? -7.326  -4.634  10.492  1.00 21.52  ? 96   THR A CA  1 
ATOM   741  C C   . THR A 1 96 ? -6.808  -3.200  10.562  1.00 15.54  ? 96   THR A C   1 
ATOM   742  O O   . THR A 1 96 ? -5.868  -2.901  11.281  1.00 18.25  ? 96   THR A O   1 
ATOM   743  C CB  . THR A 1 96 ? -8.549  -4.730  11.432  1.00 25.31  ? 96   THR A CB  1 
ATOM   744  O OG1 . THR A 1 96 ? -8.098  -4.552  12.782  1.00 27.11  ? 96   THR A OG1 1 
ATOM   745  C CG2 . THR A 1 96 ? -9.197  -6.107  11.315  1.00 22.11  ? 96   THR A CG2 1 
ATOM   746  N N   . LEU A 1 97 ? -7.476  -2.338  9.792   1.00 16.05  ? 97   LEU A N   1 
ATOM   747  C CA  . LEU A 1 97 ? -7.307  -0.891  9.882   1.00 22.93  ? 97   LEU A CA  1 
ATOM   748  C C   . LEU A 1 97 ? -8.412  -0.332  10.779  1.00 15.15  ? 97   LEU A C   1 
ATOM   749  O O   . LEU A 1 97 ? -9.566  -0.741  10.660  1.00 28.34  ? 97   LEU A O   1 
ATOM   750  C CB  . LEU A 1 97 ? -7.343  -0.213  8.522   1.00 27.09  ? 97   LEU A CB  1 
ATOM   751  C CG  . LEU A 1 97 ? -5.985  0.084   7.887   1.00 37.22  ? 97   LEU A CG  1 
ATOM   752  C CD1 . LEU A 1 97 ? -6.180  0.522   6.445   1.00 61.17  ? 97   LEU A CD1 1 
ATOM   753  C CD2 . LEU A 1 97 ? -5.232  1.126   8.704   1.00 39.02  ? 97   LEU A CD2 1 
ATOM   754  N N   . ASN A 1 98 ? -8.033  0.546   11.688  1.00 18.75  ? 98   ASN A N   1 
ATOM   755  C CA  . ASN A 1 98 ? -8.927  1.084   12.713  1.00 26.46  ? 98   ASN A CA  1 
ATOM   756  C C   . ASN A 1 98 ? -8.781  2.590   12.865  1.00 30.98  ? 98   ASN A C   1 
ATOM   757  O O   . ASN A 1 98 ? -7.661  3.089   13.005  1.00 23.89  ? 98   ASN A O   1 
ATOM   758  C CB  . ASN A 1 98 ? -8.644  0.448   14.078  1.00 22.67  ? 98   ASN A CB  1 
ATOM   759  C CG  . ASN A 1 98 ? -8.756  -1.065  13.975  1.00 26.24  ? 98   ASN A CG  1 
ATOM   760  O OD1 . ASN A 1 98 ? -7.742  -1.708  13.710  1.00 37.08  ? 98   ASN A OD1 1 
ATOM   761  N ND2 . ASN A 1 98 ? -9.972  -1.565  14.148  1.00 30.91  ? 98   ASN A ND2 1 
ATOM   762  N N   . PHE A 1 99 ? -9.887  3.324   12.848  1.00 26.74  ? 99   PHE A N   1 
ATOM   763  C CA  . PHE A 1 99 ? -9.733  4.768   13.106  1.00 31.19  ? 99   PHE A CA  1 
ATOM   764  C C   . PHE A 1 99 ? -11.066 5.324   13.584  1.00 38.95  ? 99   PHE A C   1 
ATOM   765  O O   . PHE A 1 99 ? -11.161 6.488   13.992  1.00 46.46  ? 99   PHE A O   1 
ATOM   766  C CB  . PHE A 1 99 ? -9.207  5.477   11.857  1.00 26.23  ? 99   PHE A CB  1 
ATOM   767  C CG  . PHE A 1 99 ? -10.088 5.276   10.643  1.00 31.34  ? 99   PHE A CG  1 
ATOM   768  C CD1 . PHE A 1 99 ? -9.969  4.142   9.862   1.00 41.78  ? 99   PHE A CD1 1 
ATOM   769  C CD2 . PHE A 1 99 ? -11.041 6.225   10.303  1.00 41.82  ? 99   PHE A CD2 1 
ATOM   770  C CE1 . PHE A 1 99 ? -10.776 3.923   8.752   1.00 36.49  ? 99   PHE A CE1 1 
ATOM   771  C CE2 . PHE A 1 99 ? -11.849 6.016   9.194   1.00 47.74  ? 99   PHE A CE2 1 
ATOM   772  C CZ  . PHE A 1 99 ? -11.727 4.871   8.420   1.00 38.14  ? 99   PHE A CZ  1 
ATOM   773  O OXT . PHE A 1 99 ? -12.036 4.529   13.551  1.00 47.44  ? 99   PHE A OXT 1 
ATOM   774  N N   . PRO B 1 1  ? -14.022 3.457   12.487  1.00 41.08  ? 101  PRO B N   1 
ATOM   775  C CA  . PRO B 1 1  ? -14.416 2.057   12.353  1.00 41.62  ? 101  PRO B CA  1 
ATOM   776  C C   . PRO B 1 1  ? -13.205 1.124   12.385  1.00 34.69  ? 101  PRO B C   1 
ATOM   777  O O   . PRO B 1 1  ? -12.088 1.624   12.493  1.00 30.24  ? 101  PRO B O   1 
ATOM   778  C CB  . PRO B 1 1  ? -15.050 1.985   10.964  1.00 47.99  ? 101  PRO B CB  1 
ATOM   779  C CG  . PRO B 1 1  ? -15.319 3.400   10.579  1.00 52.41  ? 101  PRO B CG  1 
ATOM   780  C CD  . PRO B 1 1  ? -14.257 4.225   11.256  1.00 49.39  ? 101  PRO B CD  1 
ATOM   781  N N   . GLN B 1 2  ? -13.515 -0.158  12.284  1.00 27.48  ? 102  GLN B N   1 
ATOM   782  C CA  . GLN B 1 2  ? -12.587 -1.251  12.062  1.00 31.32  ? 102  GLN B CA  1 
ATOM   783  C C   . GLN B 1 2  ? -12.795 -1.804  10.652  1.00 30.24  ? 102  GLN B C   1 
ATOM   784  O O   . GLN B 1 2  ? -13.928 -2.103  10.291  1.00 29.47  ? 102  GLN B O   1 
ATOM   785  C CB  . GLN B 1 2  ? -12.779 -2.354  13.098  1.00 35.23  ? 102  GLN B CB  1 
ATOM   786  C CG  . GLN B 1 2  ? -11.958 -3.600  12.817  1.00 40.14  ? 102  GLN B CG  1 
ATOM   787  C CD  . GLN B 1 2  ? -11.879 -4.510  14.026  1.00 47.83  ? 102  GLN B CD  1 
ATOM   788  O OE1 . GLN B 1 2  ? -11.265 -4.149  15.028  1.00 64.29  ? 102  GLN B OE1 1 
ATOM   789  N NE2 . GLN B 1 2  ? -12.505 -5.675  13.924  1.00 51.05  ? 102  GLN B NE2 1 
ATOM   790  N N   . ILE B 1 3  ? -11.757 -1.939  9.847   1.00 24.71  ? 103  ILE B N   1 
ATOM   791  C CA  . ILE B 1 3  ? -11.851 -2.302  8.430   1.00 22.24  ? 103  ILE B CA  1 
ATOM   792  C C   . ILE B 1 3  ? -11.036 -3.556  8.158   1.00 27.99  ? 103  ILE B C   1 
ATOM   793  O O   . ILE B 1 3  ? -9.800  -3.542  8.269   1.00 20.54  ? 103  ILE B O   1 
ATOM   794  C CB  . ILE B 1 3  ? -11.345 -1.132  7.556   1.00 28.70  ? 103  ILE B CB  1 
ATOM   795  C CG1 . ILE B 1 3  ? -12.263 0.098   7.641   1.00 33.10  ? 103  ILE B CG1 1 
ATOM   796  C CG2 . ILE B 1 3  ? -11.108 -1.540  6.117   1.00 18.52  ? 103  ILE B CG2 1 
ATOM   797  C CD1 . ILE B 1 3  ? -11.854 1.239   6.741   1.00 31.86  ? 103  ILE B CD1 1 
ATOM   798  N N   . THR B 1 4  ? -11.724 -4.646  7.837   1.00 23.45  ? 104  THR B N   1 
ATOM   799  C CA  . THR B 1 4  ? -11.023 -5.900  7.520   1.00 19.87  ? 104  THR B CA  1 
ATOM   800  C C   . THR B 1 4  ? -10.498 -5.822  6.095   1.00 29.91  ? 104  THR B C   1 
ATOM   801  O O   . THR B 1 4  ? -10.765 -4.865  5.355   1.00 24.10  ? 104  THR B O   1 
ATOM   802  C CB  . THR B 1 4  ? -11.936 -7.111  7.720   1.00 18.30  ? 104  THR B CB  1 
ATOM   803  O OG1 . THR B 1 4  ? -13.117 -6.950  6.922   1.00 24.26  ? 104  THR B OG1 1 
ATOM   804  C CG2 . THR B 1 4  ? -12.415 -7.188  9.166   1.00 22.87  ? 104  THR B CG2 1 
ATOM   805  N N   . LEU B 1 5  ? -9.715  -6.816  5.676   1.00 20.87  ? 105  LEU B N   1 
ATOM   806  C CA  . LEU B 1 5  ? -9.022  -6.615  4.397   1.00 13.16  ? 105  LEU B CA  1 
ATOM   807  C C   . LEU B 1 5  ? -9.378  -7.668  3.366   1.00 18.91  ? 105  LEU B C   1 
ATOM   808  O O   . LEU B 1 5  ? -8.666  -7.881  2.383   1.00 15.31  ? 105  LEU B O   1 
ATOM   809  C CB  . LEU B 1 5  ? -7.519  -6.568  4.709   1.00 15.64  ? 105  LEU B CB  1 
ATOM   810  C CG  . LEU B 1 5  ? -7.120  -5.366  5.591   1.00 20.10  ? 105  LEU B CG  1 
ATOM   811  C CD1 . LEU B 1 5  ? -5.724  -5.539  6.155   1.00 22.74  ? 105  LEU B CD1 1 
ATOM   812  C CD2 . LEU B 1 5  ? -7.173  -4.056  4.817   1.00 18.35  ? 105  LEU B CD2 1 
ATOM   813  N N   . TRP B 1 6  ? -10.507 -8.345  3.588   1.00 15.56  ? 106  TRP B N   1 
ATOM   814  C CA  . TRP B 1 6  ? -10.975 -9.336  2.614   1.00 14.09  ? 106  TRP B CA  1 
ATOM   815  C C   . TRP B 1 6  ? -11.317 -8.673  1.281   1.00 15.92  ? 106  TRP B C   1 
ATOM   816  O O   . TRP B 1 6  ? -11.278 -9.331  0.244   1.00 17.95  ? 106  TRP B O   1 
ATOM   817  C CB  . TRP B 1 6  ? -12.196 -10.091 3.174   1.00 15.74  ? 106  TRP B CB  1 
ATOM   818  C CG  . TRP B 1 6  ? -11.813 -10.718 4.499   1.00 18.34  ? 106  TRP B CG  1 
ATOM   819  C CD1 . TRP B 1 6  ? -12.090 -10.246 5.743   1.00 21.76  ? 106  TRP B CD1 1 
ATOM   820  C CD2 . TRP B 1 6  ? -11.074 -11.931 4.680   1.00 14.81  ? 106  TRP B CD2 1 
ATOM   821  N NE1 . TRP B 1 6  ? -11.574 -11.095 6.701   1.00 24.79  ? 106  TRP B NE1 1 
ATOM   822  C CE2 . TRP B 1 6  ? -10.947 -12.137 6.065   1.00 22.84  ? 106  TRP B CE2 1 
ATOM   823  C CE3 . TRP B 1 6  ? -10.514 -12.866 3.798   1.00 18.72  ? 106  TRP B CE3 1 
ATOM   824  C CZ2 . TRP B 1 6  ? -10.277 -13.239 6.605   1.00 15.53  ? 106  TRP B CZ2 1 
ATOM   825  C CZ3 . TRP B 1 6  ? -9.847  -13.960 4.334   1.00 18.42  ? 106  TRP B CZ3 1 
ATOM   826  C CH2 . TRP B 1 6  ? -9.739  -14.131 5.716   1.00 18.07  ? 106  TRP B CH2 1 
ATOM   827  N N   . LYS B 1 7  ? -11.663 -7.396  1.318   1.00 15.58  ? 107  LYS B N   1 
ATOM   828  C CA  . LYS B 1 7  ? -11.989 -6.585  0.153   1.00 22.94  ? 107  LYS B CA  1 
ATOM   829  C C   . LYS B 1 7  ? -11.040 -5.391  0.101   1.00 18.37  ? 107  LYS B C   1 
ATOM   830  O O   . LYS B 1 7  ? -10.456 -5.054  1.134   1.00 20.53  ? 107  LYS B O   1 
ATOM   831  C CB  . LYS B 1 7  ? -13.428 -6.066  0.179   1.00 27.16  ? 107  LYS B CB  1 
ATOM   832  C CG  . LYS B 1 7  ? -14.502 -7.108  -0.079  1.00 45.43  ? 107  LYS B CG  1 
ATOM   833  C CD  . LYS B 1 7  ? -14.972 -7.116  -1.525  1.00 60.35  ? 107  LYS B CD  1 
ATOM   834  C CE  . LYS B 1 7  ? -14.906 -8.501  -2.150  1.00 65.48  ? 107  LYS B CE  1 
ATOM   835  N NZ  . LYS B 1 7  ? -16.090 -9.335  -1.795  1.00 64.45  ? 107  LYS B NZ  1 
ATOM   836  N N   . ARG B 1 8  ? -10.900 -4.758  -1.056  1.00 17.04  ? 108  ARG B N   1 
ATOM   837  C CA  . ARG B 1 8  ? -10.097 -3.525  -1.067  1.00 21.27  ? 108  ARG B CA  1 
ATOM   838  C C   . ARG B 1 8  ? -10.654 -2.491  -0.099  1.00 20.04  ? 108  ARG B C   1 
ATOM   839  O O   . ARG B 1 8  ? -11.864 -2.299  -0.113  1.00 20.75  ? 108  ARG B O   1 
ATOM   840  C CB  . ARG B 1 8  ? -10.041 -2.898  -2.456  1.00 24.26  ? 108  ARG B CB  1 
ATOM   841  C CG  . ARG B 1 8  ? -9.222  -3.706  -3.452  1.00 30.92  ? 108  ARG B CG  1 
ATOM   842  C CD  . ARG B 1 8  ? -9.232  -3.050  -4.823  1.00 35.26  ? 108  ARG B CD  1 
ATOM   843  N NE  . ARG B 1 8  ? -8.492  -3.819  -5.818  1.00 54.07  ? 108  ARG B NE  1 
ATOM   844  C CZ  . ARG B 1 8  ? -8.763  -3.866  -7.116  1.00 53.59  ? 108  ARG B CZ  1 
ATOM   845  N NH1 . ARG B 1 8  ? -9.776  -3.192  -7.638  1.00 61.27  ? 108  ARG B NH1 1 
ATOM   846  N NH2 . ARG B 1 8  ? -8.003  -4.606  -7.910  1.00 55.35  ? 108  ARG B NH2 1 
ATOM   847  N N   . PRO B 1 9  ? -9.811  -1.853  0.709   1.00 16.63  ? 109  PRO B N   1 
ATOM   848  C CA  . PRO B 1 9  ? -10.263 -0.853  1.683   1.00 12.41  ? 109  PRO B CA  1 
ATOM   849  C C   . PRO B 1 9  ? -10.496 0.523   1.066   1.00 19.14  ? 109  PRO B C   1 
ATOM   850  O O   . PRO B 1 9  ? -9.672  1.422   1.215   1.00 22.82  ? 109  PRO B O   1 
ATOM   851  C CB  . PRO B 1 9  ? -9.084  -0.788  2.660   1.00 19.29  ? 109  PRO B CB  1 
ATOM   852  C CG  . PRO B 1 9  ? -7.895  -1.041  1.792   1.00 20.97  ? 109  PRO B CG  1 
ATOM   853  C CD  . PRO B 1 9  ? -8.356  -2.052  0.779   1.00 26.22  ? 109  PRO B CD  1 
ATOM   854  N N   . LEU B 1 10 ? -11.629 0.634   0.406   1.00 20.65  ? 110  LEU B N   1 
ATOM   855  C CA  . LEU B 1 10 ? -12.107 1.734   -0.400  1.00 22.95  ? 110  LEU B CA  1 
ATOM   856  C C   . LEU B 1 10 ? -13.077 2.593   0.393   1.00 25.72  ? 110  LEU B C   1 
ATOM   857  O O   . LEU B 1 10 ? -14.040 2.069   0.947   1.00 25.92  ? 110  LEU B O   1 
ATOM   858  C CB  . LEU B 1 10 ? -12.833 1.235   -1.667  1.00 23.02  ? 110  LEU B CB  1 
ATOM   859  C CG  . LEU B 1 10 ? -11.943 0.525   -2.685  1.00 23.45  ? 110  LEU B CG  1 
ATOM   860  C CD1 . LEU B 1 10 ? -12.771 -0.043  -3.821  1.00 26.36  ? 110  LEU B CD1 1 
ATOM   861  C CD2 . LEU B 1 10 ? -10.873 1.472   -3.210  1.00 34.11  ? 110  LEU B CD2 1 
ATOM   862  N N   . VAL B 1 11 ? -12.819 3.886   0.419   1.00 15.92  ? 111  VAL B N   1 
ATOM   863  C CA  . VAL B 1 11 ? -13.681 4.813   1.133   1.00 16.88  ? 111  VAL B CA  1 
ATOM   864  C C   . VAL B 1 11 ? -14.056 5.983   0.240   1.00 24.77  ? 111  VAL B C   1 
ATOM   865  O O   . VAL B 1 11 ? -13.467 6.172   -0.826  1.00 21.85  ? 111  VAL B O   1 
ATOM   866  C CB  . VAL B 1 11 ? -12.965 5.378   2.377   1.00 20.68  ? 111  VAL B CB  1 
ATOM   867  C CG1 . VAL B 1 11 ? -12.641 4.276   3.383   1.00 24.19  ? 111  VAL B CG1 1 
ATOM   868  C CG2 . VAL B 1 11 ? -11.701 6.108   1.966   1.00 27.74  ? 111  VAL B CG2 1 
ATOM   869  N N   . THR B 1 12 ? -15.007 6.796   0.688   1.00 14.42  ? 112  THR B N   1 
ATOM   870  C CA  . THR B 1 12 ? -15.312 8.015   -0.066  1.00 16.72  ? 112  THR B CA  1 
ATOM   871  C C   . THR B 1 12 ? -14.494 9.173   0.471   1.00 16.02  ? 112  THR B C   1 
ATOM   872  O O   . THR B 1 12 ? -14.345 9.325   1.696   1.00 19.12  ? 112  THR B O   1 
ATOM   873  C CB  . THR B 1 12 ? -16.816 8.331   0.016   1.00 20.94  ? 112  THR B CB  1 
ATOM   874  O OG1 . THR B 1 12 ? -17.573 7.242   -0.519  1.00 23.18  ? 112  THR B OG1 1 
ATOM   875  C CG2 . THR B 1 12 ? -17.139 9.552   -0.836  1.00 17.99  ? 112  THR B CG2 1 
ATOM   876  N N   . ILE B 1 13 ? -13.954 10.001  -0.417  1.00 11.90  ? 113  ILE B N   1 
ATOM   877  C CA  . ILE B 1 13 ? -13.244 11.197  0.011   1.00 18.68  ? 113  ILE B CA  1 
ATOM   878  C C   . ILE B 1 13 ? -13.935 12.428  -0.564  1.00 14.57  ? 113  ILE B C   1 
ATOM   879  O O   . ILE B 1 13 ? -14.608 12.411  -1.595  1.00 18.06  ? 113  ILE B O   1 
ATOM   880  C CB  . ILE B 1 13 ? -11.774 11.249  -0.443  1.00 20.51  ? 113  ILE B CB  1 
ATOM   881  C CG1 . ILE B 1 13 ? -11.597 11.287  -1.966  1.00 19.80  ? 113  ILE B CG1 1 
ATOM   882  C CG2 . ILE B 1 13 ? -10.979 10.093  0.142   1.00 24.05  ? 113  ILE B CG2 1 
ATOM   883  C CD1 . ILE B 1 13 ? -10.139 11.395  -2.377  1.00 19.24  ? 113  ILE B CD1 1 
ATOM   884  N N   . LYS B 1 14 ? -13.741 13.553  0.117   1.00 16.13  ? 114  LYS B N   1 
ATOM   885  C CA  . LYS B 1 14 ? -14.320 14.758  -0.488  1.00 20.55  ? 114  LYS B CA  1 
ATOM   886  C C   . LYS B 1 14 ? -13.193 15.744  -0.728  1.00 19.05  ? 114  LYS B C   1 
ATOM   887  O O   . LYS B 1 14 ? -12.492 16.061  0.236   1.00 16.14  ? 114  LYS B O   1 
ATOM   888  C CB  . LYS B 1 14 ? -15.415 15.416  0.364   1.00 17.06  ? 114  LYS B CB  1 
ATOM   889  C CG  A LYS B 1 14 ? -16.096 16.536  -0.425  0.44 19.25  ? 114  LYS B CG  1 
ATOM   890  C CG  B LYS B 1 14 ? -16.148 16.534  -0.375  0.56 19.49  ? 114  LYS B CG  1 
ATOM   891  C CD  A LYS B 1 14 ? -17.000 17.384  0.449   0.44 19.03  ? 114  LYS B CD  1 
ATOM   892  C CD  B LYS B 1 14 ? -17.554 16.695  0.186   0.56 20.51  ? 114  LYS B CD  1 
ATOM   893  C CE  A LYS B 1 14 ? -18.076 18.060  -0.385  0.44 18.85  ? 114  LYS B CE  1 
ATOM   894  C CE  B LYS B 1 14 ? -17.516 17.333  1.567   0.56 23.62  ? 114  LYS B CE  1 
ATOM   895  N NZ  A LYS B 1 14 ? -19.400 18.045  0.305   0.44 20.92  ? 114  LYS B NZ  1 
ATOM   896  N NZ  B LYS B 1 14 ? -18.822 17.968  1.911   0.56 19.77  ? 114  LYS B NZ  1 
ATOM   897  N N   . ILE B 1 15 ? -13.036 16.194  -1.975  1.00 17.92  ? 115  ILE B N   1 
ATOM   898  C CA  . ILE B 1 15 ? -11.952 17.151  -2.199  1.00 16.13  ? 115  ILE B CA  1 
ATOM   899  C C   . ILE B 1 15 ? -12.341 18.141  -3.294  1.00 21.23  ? 115  ILE B C   1 
ATOM   900  O O   . ILE B 1 15 ? -13.028 17.746  -4.228  1.00 26.53  ? 115  ILE B O   1 
ATOM   901  C CB  . ILE B 1 15 ? -10.640 16.416  -2.514  1.00 23.97  ? 115  ILE B CB  1 
ATOM   902  C CG1 . ILE B 1 15 ? -9.443  17.341  -2.730  1.00 26.09  ? 115  ILE B CG1 1 
ATOM   903  C CG2 . ILE B 1 15 ? -10.857 15.467  -3.684  1.00 29.13  ? 115  ILE B CG2 1 
ATOM   904  C CD1 . ILE B 1 15 ? -8.132  16.615  -2.927  1.00 24.23  ? 115  ILE B CD1 1 
ATOM   905  N N   . GLY B 1 16 ? -11.933 19.395  -3.132  1.00 15.53  ? 116  GLY B N   1 
ATOM   906  C CA  . GLY B 1 16 ? -12.416 20.520  -3.913  1.00 21.38  ? 116  GLY B CA  1 
ATOM   907  C C   . GLY B 1 16 ? -13.914 20.390  -4.157  1.00 31.96  ? 116  GLY B C   1 
ATOM   908  O O   . GLY B 1 16 ? -14.340 20.601  -5.288  1.00 33.11  ? 116  GLY B O   1 
ATOM   909  N N   . GLY B 1 17 ? -14.681 20.005  -3.147  1.00 28.60  ? 117  GLY B N   1 
ATOM   910  C CA  . GLY B 1 17 ? -16.109 19.843  -3.139  1.00 22.63  ? 117  GLY B CA  1 
ATOM   911  C C   . GLY B 1 17 ? -16.638 18.592  -3.799  1.00 28.38  ? 117  GLY B C   1 
ATOM   912  O O   . GLY B 1 17 ? -17.839 18.324  -3.732  1.00 46.09  ? 117  GLY B O   1 
ATOM   913  N N   . GLN B 1 18 ? -15.782 17.799  -4.430  1.00 29.43  ? 118  GLN B N   1 
ATOM   914  C CA  . GLN B 1 18 ? -16.178 16.606  -5.163  1.00 28.45  ? 118  GLN B CA  1 
ATOM   915  C C   . GLN B 1 18 ? -16.039 15.333  -4.352  1.00 25.98  ? 118  GLN B C   1 
ATOM   916  O O   . GLN B 1 18 ? -15.049 15.171  -3.646  1.00 21.56  ? 118  GLN B O   1 
ATOM   917  C CB  . GLN B 1 18 ? -15.294 16.496  -6.413  1.00 29.51  ? 118  GLN B CB  1 
ATOM   918  C CG  . GLN B 1 18 ? -15.191 17.824  -7.147  1.00 34.90  ? 118  GLN B CG  1 
ATOM   919  C CD  . GLN B 1 18 ? -13.988 17.914  -8.064  1.00 53.77  ? 118  GLN B CD  1 
ATOM   920  O OE1 . GLN B 1 18 ? -13.834 17.135  -9.007  1.00 58.70  ? 118  GLN B OE1 1 
ATOM   921  N NE2 . GLN B 1 18 ? -13.121 18.886  -7.791  1.00 83.97  ? 118  GLN B NE2 1 
ATOM   922  N N   . LEU B 1 19 ? -17.012 14.427  -4.447  1.00 23.93  ? 119  LEU B N   1 
ATOM   923  C CA  . LEU B 1 19 ? -16.854 13.133  -3.813  1.00 24.56  ? 119  LEU B CA  1 
ATOM   924  C C   . LEU B 1 19 ? -16.086 12.186  -4.731  1.00 32.75  ? 119  LEU B C   1 
ATOM   925  O O   . LEU B 1 19 ? -16.445 12.060  -5.904  1.00 24.22  ? 119  LEU B O   1 
ATOM   926  C CB  . LEU B 1 19 ? -18.200 12.483  -3.517  1.00 24.53  ? 119  LEU B CB  1 
ATOM   927  C CG  . LEU B 1 19 ? -19.081 13.099  -2.442  1.00 23.99  ? 119  LEU B CG  1 
ATOM   928  C CD1 . LEU B 1 19 ? -20.283 12.176  -2.240  1.00 31.81  ? 119  LEU B CD1 1 
ATOM   929  C CD2 . LEU B 1 19 ? -18.304 13.357  -1.152  1.00 15.21  ? 119  LEU B CD2 1 
ATOM   930  N N   . LYS B 1 20 ? -15.061 11.527  -4.205  1.00 24.65  ? 120  LYS B N   1 
ATOM   931  C CA  . LYS B 1 20 ? -14.345 10.552  -5.034  1.00 16.94  ? 120  LYS B CA  1 
ATOM   932  C C   . LYS B 1 20 ? -14.127 9.275   -4.224  1.00 21.32  ? 120  LYS B C   1 
ATOM   933  O O   . LYS B 1 20 ? -14.208 9.304   -2.994  1.00 16.08  ? 120  LYS B O   1 
ATOM   934  C CB  . LYS B 1 20 ? -13.007 11.089  -5.506  1.00 15.96  ? 120  LYS B CB  1 
ATOM   935  C CG  . LYS B 1 20 ? -13.047 12.382  -6.313  1.00 25.82  ? 120  LYS B CG  1 
ATOM   936  C CD  . LYS B 1 20 ? -11.862 13.257  -5.920  1.00 44.31  ? 120  LYS B CD  1 
ATOM   937  C CE  . LYS B 1 20 ? -11.693 14.476  -6.811  1.00 52.25  ? 120  LYS B CE  1 
ATOM   938  N NZ  . LYS B 1 20 ? -11.617 14.101  -8.253  1.00 67.90  ? 120  LYS B NZ  1 
ATOM   939  N N   . GLU B 1 21 ? -13.846 8.180   -4.910  1.00 20.82  ? 121  GLU B N   1 
ATOM   940  C CA  . GLU B 1 21 ? -13.455 6.941   -4.233  1.00 25.27  ? 121  GLU B CA  1 
ATOM   941  C C   . GLU B 1 21 ? -11.940 6.886   -4.075  1.00 17.35  ? 121  GLU B C   1 
ATOM   942  O O   . GLU B 1 21 ? -11.194 7.362   -4.928  1.00 23.17  ? 121  GLU B O   1 
ATOM   943  C CB  . GLU B 1 21 ? -14.007 5.770   -5.045  1.00 32.62  ? 121  GLU B CB  1 
ATOM   944  C CG  . GLU B 1 21 ? -13.595 4.391   -4.563  1.00 40.12  ? 121  GLU B CG  1 
ATOM   945  C CD  . GLU B 1 21 ? -13.953 3.352   -5.616  1.00 51.37  ? 121  GLU B CD  1 
ATOM   946  O OE1 . GLU B 1 21 ? -13.107 3.093   -6.499  1.00 57.95  ? 121  GLU B OE1 1 
ATOM   947  O OE2 . GLU B 1 21 ? -15.086 2.832   -5.526  1.00 53.48  ? 121  GLU B OE2 1 
ATOM   948  N N   . ALA B 1 22 ? -11.472 6.302   -2.968  1.00 18.42  ? 122  ALA B N   1 
ATOM   949  C CA  . ALA B 1 22 ? -10.038 6.200   -2.724  1.00 18.56  ? 122  ALA B CA  1 
ATOM   950  C C   . ALA B 1 22 ? -9.697  4.926   -1.940  1.00 24.46  ? 122  ALA B C   1 
ATOM   951  O O   . ALA B 1 22 ? -10.541 4.360   -1.258  1.00 23.62  ? 122  ALA B O   1 
ATOM   952  C CB  . ALA B 1 22 ? -9.517  7.371   -1.918  1.00 14.67  ? 122  ALA B CB  1 
ATOM   953  N N   . LEU B 1 23 ? -8.453  4.515   -2.039  1.00 18.45  ? 123  LEU B N   1 
ATOM   954  C CA  . LEU B 1 23 ? -7.870  3.344   -1.413  1.00 14.61  ? 123  LEU B CA  1 
ATOM   955  C C   . LEU B 1 23 ? -7.074  3.674   -0.165  1.00 19.99  ? 123  LEU B C   1 
ATOM   956  O O   . LEU B 1 23 ? -6.168  4.524   -0.220  1.00 17.95  ? 123  LEU B O   1 
ATOM   957  C CB  . LEU B 1 23 ? -6.912  2.722   -2.444  1.00 23.18  ? 123  LEU B CB  1 
ATOM   958  C CG  . LEU B 1 23 ? -6.494  1.271   -2.227  1.00 24.29  ? 123  LEU B CG  1 
ATOM   959  C CD1 . LEU B 1 23 ? -7.698  0.341   -2.342  1.00 18.64  ? 123  LEU B CD1 1 
ATOM   960  C CD2 . LEU B 1 23 ? -5.410  0.887   -3.217  1.00 16.74  ? 123  LEU B CD2 1 
ATOM   961  N N   . LEU B 1 24 ? -7.329  3.040   0.980   1.00 21.89  ? 124  LEU B N   1 
ATOM   962  C CA  . LEU B 1 24 ? -6.416  3.303   2.113   1.00 21.04  ? 124  LEU B CA  1 
ATOM   963  C C   . LEU B 1 24 ? -5.189  2.406   1.954   1.00 22.05  ? 124  LEU B C   1 
ATOM   964  O O   . LEU B 1 24 ? -5.302  1.178   1.878   1.00 15.57  ? 124  LEU B O   1 
ATOM   965  C CB  . LEU B 1 24 ? -7.092  3.079   3.457   1.00 34.21  ? 124  LEU B CB  1 
ATOM   966  C CG  . LEU B 1 24 ? -8.482  3.705   3.617   1.00 28.34  ? 124  LEU B CG  1 
ATOM   967  C CD1 . LEU B 1 24 ? -9.063  3.336   4.970   1.00 27.23  ? 124  LEU B CD1 1 
ATOM   968  C CD2 . LEU B 1 24 ? -8.390  5.211   3.419   1.00 23.94  ? 124  LEU B CD2 1 
ATOM   969  N N   . ASP B 1 25 ? -4.015  3.014   1.856   1.00 16.52  ? 125  ASP B N   1 
ATOM   970  C CA  . ASP B 1 25 ? -2.819  2.237   1.503   1.00 22.16  ? 125  ASP B CA  1 
ATOM   971  C C   . ASP B 1 25 ? -1.683  2.482   2.471   1.00 24.45  ? 125  ASP B C   1 
ATOM   972  O O   . ASP B 1 25 ? -1.052  3.530   2.510   1.00 20.93  ? 125  ASP B O   1 
ATOM   973  C CB  . ASP B 1 25 ? -2.397  2.608   0.083   1.00 19.44  ? 125  ASP B CB  1 
ATOM   974  C CG  . ASP B 1 25 ? -1.265  1.795   -0.485  1.00 29.88  ? 125  ASP B CG  1 
ATOM   975  O OD1 . ASP B 1 25 ? -0.463  1.228   0.286   1.00 34.44  ? 125  ASP B OD1 1 
ATOM   976  O OD2 . ASP B 1 25 ? -1.182  1.730   -1.732  1.00 41.24  ? 125  ASP B OD2 1 
ATOM   977  N N   . THR B 1 26 ? -1.357  1.512   3.321   1.00 22.06  ? 126  THR B N   1 
ATOM   978  C CA  . THR B 1 26 ? -0.305  1.773   4.307   1.00 15.60  ? 126  THR B CA  1 
ATOM   979  C C   . THR B 1 26 ? 1.095   1.620   3.738   1.00 13.59  ? 126  THR B C   1 
ATOM   980  O O   . THR B 1 26 ? 2.077   1.941   4.402   1.00 17.87  ? 126  THR B O   1 
ATOM   981  C CB  . THR B 1 26 ? -0.448  0.774   5.463   1.00 17.18  ? 126  THR B CB  1 
ATOM   982  O OG1 . THR B 1 26 ? -0.446  -0.535  4.893   1.00 20.03  ? 126  THR B OG1 1 
ATOM   983  C CG2 . THR B 1 26 ? -1.799  0.946   6.141   1.00 25.89  ? 126  THR B CG2 1 
ATOM   984  N N   . GLY B 1 27 ? 1.189   1.107   2.527   1.00 16.44  ? 127  GLY B N   1 
ATOM   985  C CA  . GLY B 1 27 ? 2.463   1.014   1.840   1.00 21.81  ? 127  GLY B CA  1 
ATOM   986  C C   . GLY B 1 27 ? 2.872   2.329   1.216   1.00 22.39  ? 127  GLY B C   1 
ATOM   987  O O   . GLY B 1 27 ? 4.028   2.528   0.854   1.00 23.72  ? 127  GLY B O   1 
ATOM   988  N N   . ALA B 1 28 ? 1.961   3.282   1.049   1.00 15.30  ? 128  ALA B N   1 
ATOM   989  C CA  . ALA B 1 28 ? 2.427   4.511   0.388   1.00 11.93  ? 128  ALA B CA  1 
ATOM   990  C C   . ALA B 1 28 ? 2.768   5.591   1.394   1.00 14.83  ? 128  ALA B C   1 
ATOM   991  O O   . ALA B 1 28 ? 2.116   5.733   2.424   1.00 24.43  ? 128  ALA B O   1 
ATOM   992  C CB  . ALA B 1 28 ? 1.349   4.982   -0.577  1.00 17.93  ? 128  ALA B CB  1 
ATOM   993  N N   . ASP B 1 29 ? 3.774   6.446   1.157   1.00 16.51  ? 129  ASP B N   1 
ATOM   994  C CA  . ASP B 1 29 ? 4.046   7.466   2.182   1.00 16.50  ? 129  ASP B CA  1 
ATOM   995  C C   . ASP B 1 29 ? 3.173   8.708   2.081   1.00 27.09  ? 129  ASP B C   1 
ATOM   996  O O   . ASP B 1 29 ? 2.666   9.171   3.123   1.00 21.86  ? 129  ASP B O   1 
ATOM   997  C CB  . ASP B 1 29 ? 5.546   7.796   2.061   1.00 23.03  ? 129  ASP B CB  1 
ATOM   998  C CG  . ASP B 1 29 ? 6.352   6.525   1.823   1.00 38.44  ? 129  ASP B CG  1 
ATOM   999  O OD1 . ASP B 1 29 ? 6.462   5.706   2.771   1.00 28.11  ? 129  ASP B OD1 1 
ATOM   1000 O OD2 . ASP B 1 29 ? 6.886   6.338   0.703   1.00 37.91  ? 129  ASP B OD2 1 
ATOM   1001 N N   . ASP B 1 30 ? 2.973   9.278   0.890   1.00 18.37  ? 130  ASP B N   1 
ATOM   1002 C CA  . ASP B 1 30 ? 2.202   10.480  0.651   1.00 16.62  ? 130  ASP B CA  1 
ATOM   1003 C C   . ASP B 1 30 ? 1.008   10.275  -0.272  1.00 20.40  ? 130  ASP B C   1 
ATOM   1004 O O   . ASP B 1 30 ? 1.057   9.563   -1.268  1.00 19.60  ? 130  ASP B O   1 
ATOM   1005 C CB  . ASP B 1 30 ? 3.061   11.570  -0.016  1.00 21.39  ? 130  ASP B CB  1 
ATOM   1006 C CG  . ASP B 1 30 ? 3.882   12.299  1.041   1.00 42.95  ? 130  ASP B CG  1 
ATOM   1007 O OD1 . ASP B 1 30 ? 3.252   12.801  1.995   1.00 34.54  ? 130  ASP B OD1 1 
ATOM   1008 O OD2 . ASP B 1 30 ? 5.124   12.346  0.911   1.00 65.37  ? 130  ASP B OD2 1 
ATOM   1009 N N   . THR B 1 31 ? -0.117  10.895  0.080   1.00 15.70  ? 131  THR B N   1 
ATOM   1010 C CA  . THR B 1 31 ? -1.335  10.669  -0.701  1.00 19.28  ? 131  THR B CA  1 
ATOM   1011 C C   . THR B 1 31 ? -1.200  11.040  -2.168  1.00 20.31  ? 131  THR B C   1 
ATOM   1012 O O   . THR B 1 31 ? -0.631  12.100  -2.481  1.00 22.23  ? 131  THR B O   1 
ATOM   1013 C CB  . THR B 1 31 ? -2.466  11.498  -0.057  1.00 22.43  ? 131  THR B CB  1 
ATOM   1014 O OG1 . THR B 1 31 ? -2.696  10.899  1.228   1.00 19.95  ? 131  THR B OG1 1 
ATOM   1015 C CG2 . THR B 1 31 ? -3.737  11.468  -0.882  1.00 15.95  ? 131  THR B CG2 1 
ATOM   1016 N N   . VAL B 1 32 ? -1.735  10.174  -3.028  1.00 20.45  ? 132  VAL B N   1 
ATOM   1017 C CA  . VAL B 1 32 ? -1.683  10.445  -4.469  1.00 23.62  ? 132  VAL B CA  1 
ATOM   1018 C C   . VAL B 1 32 ? -3.077  10.392  -5.089  1.00 23.16  ? 132  VAL B C   1 
ATOM   1019 O O   . VAL B 1 32 ? -3.813  9.425   -4.927  1.00 21.62  ? 132  VAL B O   1 
ATOM   1020 C CB  . VAL B 1 32 ? -0.793  9.458   -5.244  1.00 29.21  ? 132  VAL B CB  1 
ATOM   1021 C CG1 . VAL B 1 32 ? -0.458  10.048  -6.616  1.00 37.11  ? 132  VAL B CG1 1 
ATOM   1022 C CG2 . VAL B 1 32 ? 0.470   9.141   -4.477  1.00 31.28  ? 132  VAL B CG2 1 
ATOM   1023 N N   . ILE B 1 33 ? -3.426  11.451  -5.810  1.00 15.30  ? 133  ILE B N   1 
ATOM   1024 C CA  . ILE B 1 33 ? -4.762  11.543  -6.407  1.00 19.92  ? 133  ILE B CA  1 
ATOM   1025 C C   . ILE B 1 33 ? -4.688  11.666  -7.921  1.00 22.56  ? 133  ILE B C   1 
ATOM   1026 O O   . ILE B 1 33 ? -3.704  12.200  -8.443  1.00 22.20  ? 133  ILE B O   1 
ATOM   1027 C CB  . ILE B 1 33 ? -5.492  12.755  -5.802  1.00 24.75  ? 133  ILE B CB  1 
ATOM   1028 C CG1 . ILE B 1 33 ? -5.832  12.510  -4.319  1.00 30.10  ? 133  ILE B CG1 1 
ATOM   1029 C CG2 . ILE B 1 33 ? -6.707  13.152  -6.606  1.00 39.23  ? 133  ILE B CG2 1 
ATOM   1030 C CD1 . ILE B 1 33 ? -7.295  12.747  -3.997  1.00 59.34  ? 133  ILE B CD1 1 
ATOM   1031 N N   . GLU B 1 34 ? -5.702  11.165  -8.611  1.00 18.07  ? 134  GLU B N   1 
ATOM   1032 C CA  . GLU B 1 34 ? -5.788  11.294  -10.060 1.00 21.65  ? 134  GLU B CA  1 
ATOM   1033 C C   . GLU B 1 34 ? -5.924  12.760  -10.435 1.00 23.30  ? 134  GLU B C   1 
ATOM   1034 O O   . GLU B 1 34 ? -6.422  13.535  -9.610  1.00 21.93  ? 134  GLU B O   1 
ATOM   1035 C CB  . GLU B 1 34 ? -6.985  10.501  -10.594 1.00 25.80  ? 134  GLU B CB  1 
ATOM   1036 C CG  . GLU B 1 34 ? -6.869  9.001   -10.310 1.00 29.59  ? 134  GLU B CG  1 
ATOM   1037 C CD  . GLU B 1 34 ? -8.234  8.341   -10.416 1.00 50.01  ? 134  GLU B CD  1 
ATOM   1038 O OE1 . GLU B 1 34 ? -9.194  9.055   -10.789 1.00 65.16  ? 134  GLU B OE1 1 
ATOM   1039 O OE2 . GLU B 1 34 ? -8.339  7.129   -10.135 1.00 66.48  ? 134  GLU B OE2 1 
ATOM   1040 N N   . GLU B 1 35 ? -5.497  13.086  -11.643 1.00 23.60  ? 135  GLU B N   1 
ATOM   1041 C CA  . GLU B 1 35 ? -5.473  14.450  -12.147 1.00 26.20  ? 135  GLU B CA  1 
ATOM   1042 C C   . GLU B 1 35 ? -6.758  15.194  -11.815 1.00 24.20  ? 135  GLU B C   1 
ATOM   1043 O O   . GLU B 1 35 ? -7.855  14.682  -12.005 1.00 32.10  ? 135  GLU B O   1 
ATOM   1044 C CB  . GLU B 1 35 ? -5.255  14.460  -13.666 1.00 34.55  ? 135  GLU B CB  1 
ATOM   1045 C CG  . GLU B 1 35 ? -5.194  15.841  -14.284 1.00 41.38  ? 135  GLU B CG  1 
ATOM   1046 C CD  . GLU B 1 35 ? -4.153  16.763  -13.682 1.00 44.44  ? 135  GLU B CD  1 
ATOM   1047 O OE1 . GLU B 1 35 ? -2.973  16.368  -13.548 1.00 47.23  ? 135  GLU B OE1 1 
ATOM   1048 O OE2 . GLU B 1 35 ? -4.530  17.909  -13.349 1.00 60.95  ? 135  GLU B OE2 1 
ATOM   1049 N N   . MET B 1 36 ? -6.606  16.382  -11.279 1.00 22.91  ? 136  MET B N   1 
ATOM   1050 C CA  . MET B 1 36 ? -7.724  17.266  -10.993 1.00 22.82  ? 136  MET B CA  1 
ATOM   1051 C C   . MET B 1 36 ? -7.139  18.659  -10.782 1.00 22.50  ? 136  MET B C   1 
ATOM   1052 O O   . MET B 1 36 ? -5.920  18.785  -10.725 1.00 25.58  ? 136  MET B O   1 
ATOM   1053 C CB  . MET B 1 36 ? -8.533  16.836  -9.777  1.00 32.91  ? 136  MET B CB  1 
ATOM   1054 C CG  . MET B 1 36 ? -7.883  17.025  -8.421  1.00 33.52  ? 136  MET B CG  1 
ATOM   1055 S SD  . MET B 1 36 ? -9.019  16.668  -7.054  1.00 36.06  ? 136  MET B SD  1 
ATOM   1056 C CE  . MET B 1 36 ? -9.916  18.217  -6.940  1.00 25.14  ? 136  MET B CE  1 
ATOM   1057 N N   . SER B 1 37 ? -7.990  19.670  -10.669 1.00 24.69  ? 137  SER B N   1 
ATOM   1058 C CA  . SER B 1 37 ? -7.434  20.986  -10.373 1.00 33.73  ? 137  SER B CA  1 
ATOM   1059 C C   . SER B 1 37 ? -7.385  21.195  -8.862  1.00 34.20  ? 137  SER B C   1 
ATOM   1060 O O   . SER B 1 37 ? -8.374  20.864  -8.204  1.00 29.13  ? 137  SER B O   1 
ATOM   1061 C CB  . SER B 1 37 ? -8.251  22.096  -11.032 1.00 48.31  ? 137  SER B CB  1 
ATOM   1062 O OG  . SER B 1 37 ? -8.810  21.654  -12.261 1.00 81.79  ? 137  SER B OG  1 
ATOM   1063 N N   . LEU B 1 38 ? -6.270  21.722  -8.386  1.00 25.19  ? 138  LEU B N   1 
ATOM   1064 C CA  . LEU B 1 38 ? -6.022  22.075  -7.000  1.00 22.06  ? 138  LEU B CA  1 
ATOM   1065 C C   . LEU B 1 38 ? -5.495  23.495  -6.882  1.00 24.61  ? 138  LEU B C   1 
ATOM   1066 O O   . LEU B 1 38 ? -4.735  23.913  -7.756  1.00 28.44  ? 138  LEU B O   1 
ATOM   1067 C CB  . LEU B 1 38 ? -5.016  21.102  -6.374  1.00 28.91  ? 138  LEU B CB  1 
ATOM   1068 C CG  . LEU B 1 38 ? -5.593  19.685  -6.219  1.00 36.95  ? 138  LEU B CG  1 
ATOM   1069 C CD1 . LEU B 1 38 ? -4.631  18.750  -5.514  1.00 40.72  ? 138  LEU B CD1 1 
ATOM   1070 C CD2 . LEU B 1 38 ? -6.922  19.798  -5.479  1.00 29.40  ? 138  LEU B CD2 1 
ATOM   1071 N N   . PRO B 1 39 ? -5.864  24.230  -5.848  1.00 27.71  ? 139  PRO B N   1 
ATOM   1072 C CA  . PRO B 1 39 ? -5.387  25.606  -5.704  1.00 30.29  ? 139  PRO B CA  1 
ATOM   1073 C C   . PRO B 1 39 ? -3.906  25.669  -5.345  1.00 20.93  ? 139  PRO B C   1 
ATOM   1074 O O   . PRO B 1 39 ? -3.366  24.672  -4.880  1.00 23.24  ? 139  PRO B O   1 
ATOM   1075 C CB  . PRO B 1 39 ? -6.194  26.142  -4.509  1.00 33.41  ? 139  PRO B CB  1 
ATOM   1076 C CG  . PRO B 1 39 ? -6.478  24.911  -3.708  1.00 29.89  ? 139  PRO B CG  1 
ATOM   1077 C CD  . PRO B 1 39 ? -6.755  23.846  -4.741  1.00 32.72  ? 139  PRO B CD  1 
ATOM   1078 N N   . GLY B 1 40 ? -3.328  26.836  -5.567  1.00 20.56  ? 140  GLY B N   1 
ATOM   1079 C CA  . GLY B 1 40 ? -1.997  27.234  -5.173  1.00 23.82  ? 140  GLY B CA  1 
ATOM   1080 C C   . GLY B 1 40 ? -0.874  26.737  -6.052  1.00 24.59  ? 140  GLY B C   1 
ATOM   1081 O O   . GLY B 1 40 ? -1.065  26.232  -7.156  1.00 29.59  ? 140  GLY B O   1 
ATOM   1082 N N   . ARG B 1 41 ? 0.356   26.886  -5.572  1.00 20.98  ? 141  ARG B N   1 
ATOM   1083 C CA  . ARG B 1 41 ? 1.513   26.432  -6.331  1.00 23.43  ? 141  ARG B CA  1 
ATOM   1084 C C   . ARG B 1 41 ? 1.799   24.963  -6.064  1.00 21.42  ? 141  ARG B C   1 
ATOM   1085 O O   . ARG B 1 41 ? 1.399   24.438  -5.029  1.00 22.63  ? 141  ARG B O   1 
ATOM   1086 C CB  . ARG B 1 41 ? 2.739   27.285  -5.953  1.00 19.20  ? 141  ARG B CB  1 
ATOM   1087 C CG  . ARG B 1 41 ? 2.477   28.750  -6.240  1.00 18.30  ? 141  ARG B CG  1 
ATOM   1088 C CD  . ARG B 1 41 ? 3.685   29.636  -6.119  1.00 19.90  ? 141  ARG B CD  1 
ATOM   1089 N NE  . ARG B 1 41 ? 4.878   29.135  -6.768  1.00 24.21  ? 141  ARG B NE  1 
ATOM   1090 C CZ  . ARG B 1 41 ? 5.251   29.324  -8.028  1.00 27.25  ? 141  ARG B CZ  1 
ATOM   1091 N NH1 . ARG B 1 41 ? 4.537   30.027  -8.899  1.00 10.90  ? 141  ARG B NH1 1 
ATOM   1092 N NH2 . ARG B 1 41 ? 6.394   28.785  -8.440  1.00 18.73  ? 141  ARG B NH2 1 
ATOM   1093 N N   . TRP B 1 42 ? 2.489   24.299  -6.976  1.00 21.64  ? 142  TRP B N   1 
ATOM   1094 C CA  . TRP B 1 42 ? 3.012   22.975  -6.688  1.00 16.73  ? 142  TRP B CA  1 
ATOM   1095 C C   . TRP B 1 42 ? 4.537   22.966  -6.837  1.00 26.03  ? 142  TRP B C   1 
ATOM   1096 O O   . TRP B 1 42 ? 5.131   23.918  -7.356  1.00 19.21  ? 142  TRP B O   1 
ATOM   1097 C CB  . TRP B 1 42 ? 2.386   21.920  -7.591  1.00 16.19  ? 142  TRP B CB  1 
ATOM   1098 C CG  . TRP B 1 42 ? 2.521   22.236  -9.049  1.00 20.28  ? 142  TRP B CG  1 
ATOM   1099 C CD1 . TRP B 1 42 ? 1.831   23.126  -9.813  1.00 18.06  ? 142  TRP B CD1 1 
ATOM   1100 C CD2 . TRP B 1 42 ? 3.473   21.598  -9.911  1.00 19.93  ? 142  TRP B CD2 1 
ATOM   1101 N NE1 . TRP B 1 42 ? 2.291   23.090  -11.122 1.00 19.00  ? 142  TRP B NE1 1 
ATOM   1102 C CE2 . TRP B 1 42 ? 3.300   22.155  -11.195 1.00 23.52  ? 142  TRP B CE2 1 
ATOM   1103 C CE3 . TRP B 1 42 ? 4.438   20.616  -9.683  1.00 15.16  ? 142  TRP B CE3 1 
ATOM   1104 C CZ2 . TRP B 1 42 ? 4.087   21.737  -12.268 1.00 18.34  ? 142  TRP B CZ2 1 
ATOM   1105 C CZ3 . TRP B 1 42 ? 5.216   20.204  -10.752 1.00 19.61  ? 142  TRP B CZ3 1 
ATOM   1106 C CH2 . TRP B 1 42 ? 5.028   20.768  -12.023 1.00 21.68  ? 142  TRP B CH2 1 
ATOM   1107 N N   . LYS B 1 43 ? 5.117   21.887  -6.357  1.00 20.25  ? 143  LYS B N   1 
ATOM   1108 C CA  . LYS B 1 43 ? 6.529   21.567  -6.321  1.00 26.44  ? 143  LYS B CA  1 
ATOM   1109 C C   . LYS B 1 43 ? 6.738   20.177  -6.932  1.00 22.04  ? 143  LYS B C   1 
ATOM   1110 O O   . LYS B 1 43 ? 5.856   19.321  -6.842  1.00 18.56  ? 143  LYS B O   1 
ATOM   1111 C CB  . LYS B 1 43 ? 7.069   21.539  -4.893  1.00 30.33  ? 143  LYS B CB  1 
ATOM   1112 C CG  . LYS B 1 43 ? 7.458   22.873  -4.284  1.00 42.90  ? 143  LYS B CG  1 
ATOM   1113 C CD  . LYS B 1 43 ? 7.346   22.749  -2.761  1.00 47.32  ? 143  LYS B CD  1 
ATOM   1114 C CE  . LYS B 1 43 ? 7.186   21.281  -2.396  1.00 51.66  ? 143  LYS B CE  1 
ATOM   1115 N NZ  . LYS B 1 43 ? 8.417   20.709  -1.785  1.00 72.11  ? 143  LYS B NZ  1 
ATOM   1116 N N   . PRO B 1 44 ? 7.894   19.947  -7.544  1.00 22.11  ? 144  PRO B N   1 
ATOM   1117 C CA  . PRO B 1 44 ? 8.150   18.635  -8.138  1.00 20.61  ? 144  PRO B CA  1 
ATOM   1118 C C   . PRO B 1 44 ? 8.454   17.604  -7.057  1.00 17.66  ? 144  PRO B C   1 
ATOM   1119 O O   . PRO B 1 44 ? 8.961   17.882  -5.979  1.00 15.90  ? 144  PRO B O   1 
ATOM   1120 C CB  . PRO B 1 44 ? 9.384   18.863  -9.000  1.00 22.61  ? 144  PRO B CB  1 
ATOM   1121 C CG  . PRO B 1 44 ? 10.089  19.995  -8.326  1.00 25.83  ? 144  PRO B CG  1 
ATOM   1122 C CD  . PRO B 1 44 ? 9.022   20.870  -7.727  1.00 22.14  ? 144  PRO B CD  1 
ATOM   1123 N N   . LYS B 1 45 ? 8.136   16.365  -7.397  1.00 20.00  ? 145  LYS B N   1 
ATOM   1124 C CA  . LYS B 1 45 ? 8.396   15.311  -6.436  1.00 15.65  ? 145  LYS B CA  1 
ATOM   1125 C C   . LYS B 1 45 ? 8.594   13.992  -7.175  1.00 27.13  ? 145  LYS B C   1 
ATOM   1126 O O   . LYS B 1 45 ? 7.883   13.698  -8.135  1.00 22.92  ? 145  LYS B O   1 
ATOM   1127 C CB  . LYS B 1 45 ? 7.220   15.213  -5.465  1.00 26.16  ? 145  LYS B CB  1 
ATOM   1128 C CG  . LYS B 1 45 ? 7.158   13.856  -4.775  1.00 26.18  ? 145  LYS B CG  1 
ATOM   1129 C CD  . LYS B 1 45 ? 7.854   13.925  -3.424  1.00 28.92  ? 145  LYS B CD  1 
ATOM   1130 C CE  . LYS B 1 45 ? 7.341   12.792  -2.528  1.00 31.10  ? 145  LYS B CE  1 
ATOM   1131 N NZ  . LYS B 1 45 ? 8.222   12.676  -1.334  1.00 41.49  ? 145  LYS B NZ  1 
ATOM   1132 N N   . MET B 1 46 ? 9.562   13.234  -6.702  1.00 24.92  ? 146  MET B N   1 
ATOM   1133 C CA  . MET B 1 46 ? 9.906   11.926  -7.230  1.00 34.41  ? 146  MET B CA  1 
ATOM   1134 C C   . MET B 1 46 ? 9.262   10.864  -6.349  1.00 31.52  ? 146  MET B C   1 
ATOM   1135 O O   . MET B 1 46 ? 9.424   10.950  -5.135  1.00 33.79  ? 146  MET B O   1 
ATOM   1136 C CB  . MET B 1 46 ? 11.421  11.717  -7.257  1.00 47.47  ? 146  MET B CB  1 
ATOM   1137 C CG  . MET B 1 46 ? 11.979  11.202  -8.574  1.00 58.36  ? 146  MET B CG  1 
ATOM   1138 S SD  . MET B 1 46 ? 11.771  12.393  -9.919  1.00 54.31  ? 146  MET B SD  1 
ATOM   1139 C CE  . MET B 1 46 ? 11.054  11.336  -11.177 1.00 157.91 ? 146  MET B CE  1 
ATOM   1140 N N   . ILE B 1 47 ? 8.552   9.911   -6.948  1.00 29.42  ? 147  ILE B N   1 
ATOM   1141 C CA  . ILE B 1 47 ? 8.046   8.804   -6.136  1.00 28.21  ? 147  ILE B CA  1 
ATOM   1142 C C   . ILE B 1 47 ? 8.401   7.498   -6.855  1.00 28.98  ? 147  ILE B C   1 
ATOM   1143 O O   . ILE B 1 47 ? 8.285   7.418   -8.079  1.00 28.55  ? 147  ILE B O   1 
ATOM   1144 C CB  . ILE B 1 47 ? 6.535   8.844   -5.875  1.00 32.15  ? 147  ILE B CB  1 
ATOM   1145 C CG1 . ILE B 1 47 ? 5.682   8.742   -7.140  1.00 32.33  ? 147  ILE B CG1 1 
ATOM   1146 C CG2 . ILE B 1 47 ? 6.165   10.068  -5.044  1.00 30.43  ? 147  ILE B CG2 1 
ATOM   1147 C CD1 . ILE B 1 47 ? 4.198   8.585   -6.876  1.00 33.25  ? 147  ILE B CD1 1 
ATOM   1148 N N   . GLY B 1 48 ? 8.837   6.539   -6.050  1.00 23.46  ? 148  GLY B N   1 
ATOM   1149 C CA  . GLY B 1 48 ? 9.254   5.248   -6.545  1.00 17.36  ? 148  GLY B CA  1 
ATOM   1150 C C   . GLY B 1 48 ? 8.187   4.215   -6.211  1.00 22.48  ? 148  GLY B C   1 
ATOM   1151 O O   . GLY B 1 48 ? 7.699   4.252   -5.081  1.00 23.45  ? 148  GLY B O   1 
ATOM   1152 N N   . GLY B 1 49 ? 7.858   3.353   -7.157  1.00 24.92  ? 149  GLY B N   1 
ATOM   1153 C CA  . GLY B 1 49 ? 6.975   2.232   -6.879  1.00 27.97  ? 149  GLY B CA  1 
ATOM   1154 C C   . GLY B 1 49 ? 7.514   0.929   -7.435  1.00 24.74  ? 149  GLY B C   1 
ATOM   1155 O O   . GLY B 1 49 ? 8.714   0.748   -7.646  1.00 19.46  ? 149  GLY B O   1 
ATOM   1156 N N   . ILE B 1 50 ? 6.605   -0.003  -7.690  1.00 27.87  ? 150  ILE B N   1 
ATOM   1157 C CA  . ILE B 1 50 ? 6.950   -1.346  -8.133  1.00 32.29  ? 150  ILE B CA  1 
ATOM   1158 C C   . ILE B 1 50 ? 7.723   -1.368  -9.444  1.00 34.69  ? 150  ILE B C   1 
ATOM   1159 O O   . ILE B 1 50 ? 8.604   -2.220  -9.611  1.00 37.28  ? 150  ILE B O   1 
ATOM   1160 C CB  . ILE B 1 50 ? 5.677   -2.216  -8.261  1.00 44.70  ? 150  ILE B CB  1 
ATOM   1161 C CG1 . ILE B 1 50 ? 5.923   -3.701  -7.991  1.00 46.63  ? 150  ILE B CG1 1 
ATOM   1162 C CG2 . ILE B 1 50 ? 4.991   -2.023  -9.606  1.00 29.27  ? 150  ILE B CG2 1 
ATOM   1163 C CD1 . ILE B 1 50 ? 6.012   -4.062  -6.528  1.00 34.09  ? 150  ILE B CD1 1 
ATOM   1164 N N   . GLY B 1 51 ? 7.435   -0.470  -10.375 1.00 22.01  ? 151  GLY B N   1 
ATOM   1165 C CA  . GLY B 1 51 ? 8.109   -0.454  -11.669 1.00 28.56  ? 151  GLY B CA  1 
ATOM   1166 C C   . GLY B 1 51 ? 9.259   0.529   -11.752 1.00 39.83  ? 151  GLY B C   1 
ATOM   1167 O O   . GLY B 1 51 ? 10.133  0.426   -12.618 1.00 45.19  ? 151  GLY B O   1 
ATOM   1168 N N   . GLY B 1 52 ? 9.300   1.498   -10.843 1.00 42.58  ? 152  GLY B N   1 
ATOM   1169 C CA  . GLY B 1 52 ? 10.380  2.464   -10.755 1.00 43.68  ? 152  GLY B CA  1 
ATOM   1170 C C   . GLY B 1 52 ? 9.924   3.814   -10.233 1.00 43.41  ? 152  GLY B C   1 
ATOM   1171 O O   . GLY B 1 52 ? 8.967   3.898   -9.464  1.00 26.34  ? 152  GLY B O   1 
ATOM   1172 N N   . PHE B 1 53 ? 10.614  4.871   -10.654 1.00 42.45  ? 153  PHE B N   1 
ATOM   1173 C CA  . PHE B 1 53 ? 10.340  6.226   -10.191 1.00 29.92  ? 153  PHE B CA  1 
ATOM   1174 C C   . PHE B 1 53 ? 9.517   7.028   -11.177 1.00 39.84  ? 153  PHE B C   1 
ATOM   1175 O O   . PHE B 1 53 ? 9.601   6.841   -12.393 1.00 61.25  ? 153  PHE B O   1 
ATOM   1176 C CB  . PHE B 1 53 ? 11.674  6.931   -9.909  1.00 33.42  ? 153  PHE B CB  1 
ATOM   1177 C CG  . PHE B 1 53 ? 12.239  6.507   -8.560  1.00 41.20  ? 153  PHE B CG  1 
ATOM   1178 C CD1 . PHE B 1 53 ? 12.905  5.302   -8.430  1.00 48.45  ? 153  PHE B CD1 1 
ATOM   1179 C CD2 . PHE B 1 53 ? 12.086  7.318   -7.449  1.00 45.89  ? 153  PHE B CD2 1 
ATOM   1180 C CE1 . PHE B 1 53 ? 13.404  4.905   -7.201  1.00 52.36  ? 153  PHE B CE1 1 
ATOM   1181 C CE2 . PHE B 1 53 ? 12.583  6.922   -6.221  1.00 51.52  ? 153  PHE B CE2 1 
ATOM   1182 C CZ  . PHE B 1 53 ? 13.241  5.711   -6.090  1.00 50.80  ? 153  PHE B CZ  1 
ATOM   1183 N N   . ILE B 1 54 ? 8.690   7.934   -10.662 1.00 38.33  ? 154  ILE B N   1 
ATOM   1184 C CA  . ILE B 1 54 ? 7.975   8.877   -11.500 1.00 38.96  ? 154  ILE B CA  1 
ATOM   1185 C C   . ILE B 1 54 ? 7.911   10.262  -10.836 1.00 39.30  ? 154  ILE B C   1 
ATOM   1186 O O   . ILE B 1 54 ? 8.021   10.400  -9.621  1.00 35.07  ? 154  ILE B O   1 
ATOM   1187 C CB  . ILE B 1 54 ? 6.521   8.507   -11.839 1.00 39.91  ? 154  ILE B CB  1 
ATOM   1188 C CG1 . ILE B 1 54 ? 5.511   9.147   -10.879 1.00 48.66  ? 154  ILE B CG1 1 
ATOM   1189 C CG2 . ILE B 1 54 ? 6.313   7.008   -11.936 1.00 61.29  ? 154  ILE B CG2 1 
ATOM   1190 C CD1 . ILE B 1 54 ? 4.158   8.465   -10.862 1.00 38.88  ? 154  ILE B CD1 1 
ATOM   1191 N N   . LYS B 1 55 ? 7.725   11.239  -11.710 1.00 32.07  ? 155  LYS B N   1 
ATOM   1192 C CA  . LYS B 1 55 ? 7.626   12.642  -11.369 1.00 34.17  ? 155  LYS B CA  1 
ATOM   1193 C C   . LYS B 1 55 ? 6.191   13.012  -11.085 1.00 25.27  ? 155  LYS B C   1 
ATOM   1194 O O   . LYS B 1 55 ? 5.295   12.730  -11.886 1.00 33.31  ? 155  LYS B O   1 
ATOM   1195 C CB  . LYS B 1 55 ? 8.123   13.524  -12.533 1.00 40.79  ? 155  LYS B CB  1 
ATOM   1196 C CG  . LYS B 1 55 ? 9.549   14.000  -12.414 1.00 46.18  ? 155  LYS B CG  1 
ATOM   1197 C CD  . LYS B 1 55 ? 9.787   15.307  -13.153 1.00 56.21  ? 155  LYS B CD  1 
ATOM   1198 C CE  . LYS B 1 55 ? 11.189  15.845  -12.889 1.00 61.23  ? 155  LYS B CE  1 
ATOM   1199 N NZ  . LYS B 1 55 ? 11.166  17.238  -12.355 1.00 51.18  ? 155  LYS B NZ  1 
ATOM   1200 N N   . VAL B 1 56 ? 5.857   13.653  -9.971  1.00 25.41  ? 156  VAL B N   1 
ATOM   1201 C CA  . VAL B 1 56 ? 4.440   14.023  -9.850  1.00 20.57  ? 156  VAL B CA  1 
ATOM   1202 C C   . VAL B 1 56 ? 4.348   15.458  -9.345  1.00 22.23  ? 156  VAL B C   1 
ATOM   1203 O O   . VAL B 1 56 ? 5.377   16.107  -9.157  1.00 28.59  ? 156  VAL B O   1 
ATOM   1204 C CB  . VAL B 1 56 ? 3.663   13.089  -8.910  1.00 16.37  ? 156  VAL B CB  1 
ATOM   1205 C CG1 . VAL B 1 56 ? 3.772   11.632  -9.334  1.00 26.46  ? 156  VAL B CG1 1 
ATOM   1206 C CG2 . VAL B 1 56 ? 4.194   13.247  -7.498  1.00 27.57  ? 156  VAL B CG2 1 
ATOM   1207 N N   . ARG B 1 57 ? 3.144   15.975  -9.132  1.00 18.80  ? 157  ARG B N   1 
ATOM   1208 C CA  . ARG B 1 57 ? 2.980   17.332  -8.635  1.00 18.93  ? 157  ARG B CA  1 
ATOM   1209 C C   . ARG B 1 57 ? 2.567   17.338  -7.172  1.00 19.54  ? 157  ARG B C   1 
ATOM   1210 O O   . ARG B 1 57 ? 1.572   16.687  -6.825  1.00 16.25  ? 157  ARG B O   1 
ATOM   1211 C CB  . ARG B 1 57 ? 1.934   18.098  -9.441  1.00 24.80  ? 157  ARG B CB  1 
ATOM   1212 C CG  . ARG B 1 57 ? 2.121   17.957  -10.954 1.00 25.51  ? 157  ARG B CG  1 
ATOM   1213 C CD  . ARG B 1 57 ? 1.525   19.186  -11.624 1.00 23.26  ? 157  ARG B CD  1 
ATOM   1214 N NE  . ARG B 1 57 ? 0.072   19.223  -11.424 1.00 29.22  ? 157  ARG B NE  1 
ATOM   1215 C CZ  . ARG B 1 57 ? -0.764  18.419  -12.073 1.00 37.11  ? 157  ARG B CZ  1 
ATOM   1216 N NH1 . ARG B 1 57 ? -0.338  17.518  -12.950 1.00 44.37  ? 157  ARG B NH1 1 
ATOM   1217 N NH2 . ARG B 1 57 ? -2.068  18.502  -11.851 1.00 26.72  ? 157  ARG B NH2 1 
ATOM   1218 N N   . GLN B 1 58 ? 3.348   18.075  -6.400  1.00 16.30  ? 158  GLN B N   1 
ATOM   1219 C CA  . GLN B 1 58 ? 3.111   18.144  -4.967  1.00 19.48  ? 158  GLN B CA  1 
ATOM   1220 C C   . GLN B 1 58 ? 2.424   19.450  -4.594  1.00 22.02  ? 158  GLN B C   1 
ATOM   1221 O O   . GLN B 1 58 ? 2.946   20.522  -4.898  1.00 20.08  ? 158  GLN B O   1 
ATOM   1222 C CB  . GLN B 1 58 ? 4.447   18.039  -4.212  1.00 15.12  ? 158  GLN B CB  1 
ATOM   1223 C CG  . GLN B 1 58 ? 4.268   18.109  -2.703  1.00 17.65  ? 158  GLN B CG  1 
ATOM   1224 C CD  . GLN B 1 58 ? 5.500   17.764  -1.896  1.00 25.05  ? 158  GLN B CD  1 
ATOM   1225 O OE1 . GLN B 1 58 ? 6.326   16.943  -2.277  1.00 24.55  ? 158  GLN B OE1 1 
ATOM   1226 N NE2 . GLN B 1 58 ? 5.638   18.391  -0.734  1.00 19.90  ? 158  GLN B NE2 1 
ATOM   1227 N N   . TYR B 1 59 ? 1.281   19.357  -3.940  1.00 17.73  ? 159  TYR B N   1 
ATOM   1228 C CA  . TYR B 1 59 ? 0.500   20.467  -3.422  1.00 19.54  ? 159  TYR B CA  1 
ATOM   1229 C C   . TYR B 1 59 ? 0.402   20.361  -1.892  1.00 29.20  ? 159  TYR B C   1 
ATOM   1230 O O   . TYR B 1 59 ? 0.089   19.282  -1.356  1.00 17.94  ? 159  TYR B O   1 
ATOM   1231 C CB  . TYR B 1 59 ? -0.911  20.487  -4.011  1.00 20.02  ? 159  TYR B CB  1 
ATOM   1232 C CG  . TYR B 1 59 ? -1.037  20.715  -5.504  1.00 18.61  ? 159  TYR B CG  1 
ATOM   1233 C CD1 . TYR B 1 59 ? -1.007  19.657  -6.393  1.00 12.76  ? 159  TYR B CD1 1 
ATOM   1234 C CD2 . TYR B 1 59 ? -1.203  21.989  -6.039  1.00 20.12  ? 159  TYR B CD2 1 
ATOM   1235 C CE1 . TYR B 1 59 ? -1.124  19.824  -7.755  1.00 12.70  ? 159  TYR B CE1 1 
ATOM   1236 C CE2 . TYR B 1 59 ? -1.316  22.181  -7.412  1.00 24.65  ? 159  TYR B CE2 1 
ATOM   1237 C CZ  . TYR B 1 59 ? -1.273  21.109  -8.265  1.00 20.16  ? 159  TYR B CZ  1 
ATOM   1238 O OH  . TYR B 1 59 ? -1.395  21.286  -9.637  1.00 22.37  ? 159  TYR B OH  1 
ATOM   1239 N N   . ASP B 1 60 ? 0.644   21.464  -1.185  1.00 21.56  ? 160  ASP B N   1 
ATOM   1240 C CA  . ASP B 1 60 ? 0.620   21.417  0.281   1.00 24.73  ? 160  ASP B CA  1 
ATOM   1241 C C   . ASP B 1 60 ? -0.664  21.966  0.891   1.00 23.60  ? 160  ASP B C   1 
ATOM   1242 O O   . ASP B 1 60 ? -1.372  22.769  0.294   1.00 26.14  ? 160  ASP B O   1 
ATOM   1243 C CB  . ASP B 1 60 ? 1.829   22.194  0.821   1.00 23.85  ? 160  ASP B CB  1 
ATOM   1244 C CG  . ASP B 1 60 ? 3.135   21.551  0.392   1.00 38.99  ? 160  ASP B CG  1 
ATOM   1245 O OD1 . ASP B 1 60 ? 3.079   20.584  -0.399  1.00 59.07  ? 160  ASP B OD1 1 
ATOM   1246 O OD2 . ASP B 1 60 ? 4.210   22.001  0.844   1.00 49.13  ? 160  ASP B OD2 1 
ATOM   1247 N N   . GLN B 1 61 ? -0.979  21.521  2.104   1.00 18.75  ? 161  GLN B N   1 
ATOM   1248 C CA  . GLN B 1 61 ? -2.062  22.048  2.923   1.00 22.37  ? 161  GLN B CA  1 
ATOM   1249 C C   . GLN B 1 61 ? -3.392  22.017  2.186   1.00 20.26  ? 161  GLN B C   1 
ATOM   1250 O O   . GLN B 1 61 ? -4.211  22.948  2.211   1.00 20.54  ? 161  GLN B O   1 
ATOM   1251 C CB  . GLN B 1 61 ? -1.701  23.468  3.387   1.00 29.97  ? 161  GLN B CB  1 
ATOM   1252 C CG  . GLN B 1 61 ? -1.980  23.788  4.846   1.00 38.21  ? 161  GLN B CG  1 
ATOM   1253 C CD  . GLN B 1 61 ? -1.271  25.044  5.328   1.00 43.04  ? 161  GLN B CD  1 
ATOM   1254 O OE1 . GLN B 1 61 ? -0.112  25.305  5.009   1.00 39.76  ? 161  GLN B OE1 1 
ATOM   1255 N NE2 . GLN B 1 61 ? -1.946  25.864  6.121   1.00 38.80  ? 161  GLN B NE2 1 
ATOM   1256 N N   . ILE B 1 62 ? -3.637  20.906  1.504   1.00 16.78  ? 162  ILE B N   1 
ATOM   1257 C CA  . ILE B 1 62 ? -4.898  20.735  0.773   1.00 14.38  ? 162  ILE B CA  1 
ATOM   1258 C C   . ILE B 1 62 ? -5.941  20.140  1.694   1.00 18.46  ? 162  ILE B C   1 
ATOM   1259 O O   . ILE B 1 62 ? -5.664  19.180  2.414   1.00 20.27  ? 162  ILE B O   1 
ATOM   1260 C CB  . ILE B 1 62 ? -4.734  19.813  -0.441  1.00 13.46  ? 162  ILE B CB  1 
ATOM   1261 C CG1 . ILE B 1 62 ? -3.726  20.329  -1.467  1.00 12.77  ? 162  ILE B CG1 1 
ATOM   1262 C CG2 . ILE B 1 62 ? -6.071  19.561  -1.121  1.00 22.57  ? 162  ILE B CG2 1 
ATOM   1263 C CD1 . ILE B 1 62 ? -4.241  21.613  -2.114  1.00 18.15  ? 162  ILE B CD1 1 
ATOM   1264 N N   . ILE B 1 63 ? -7.138  20.712  1.689   1.00 20.09  ? 163  ILE B N   1 
ATOM   1265 C CA  . ILE B 1 63 ? -8.160  20.245  2.614   1.00 18.02  ? 163  ILE B CA  1 
ATOM   1266 C C   . ILE B 1 63 ? -8.880  19.044  2.015   1.00 24.04  ? 163  ILE B C   1 
ATOM   1267 O O   . ILE B 1 63 ? -9.285  19.078  0.854   1.00 21.36  ? 163  ILE B O   1 
ATOM   1268 C CB  . ILE B 1 63 ? -9.178  21.349  2.930   1.00 31.73  ? 163  ILE B CB  1 
ATOM   1269 C CG1 . ILE B 1 63 ? -8.587  22.582  3.632   1.00 23.38  ? 163  ILE B CG1 1 
ATOM   1270 C CG2 . ILE B 1 63 ? -10.360 20.792  3.723   1.00 32.43  ? 163  ILE B CG2 1 
ATOM   1271 C CD1 . ILE B 1 63 ? -9.476  23.798  3.457   1.00 25.17  ? 163  ILE B CD1 1 
ATOM   1272 N N   . ILE B 1 64 ? -9.035  17.994  2.807   1.00 15.93  ? 164  ILE B N   1 
ATOM   1273 C CA  . ILE B 1 64 ? -9.664  16.793  2.280   1.00 25.35  ? 164  ILE B CA  1 
ATOM   1274 C C   . ILE B 1 64 ? -10.417 16.103  3.411   1.00 25.34  ? 164  ILE B C   1 
ATOM   1275 O O   . ILE B 1 64 ? -9.939  16.093  4.551   1.00 18.01  ? 164  ILE B O   1 
ATOM   1276 C CB  . ILE B 1 64 ? -8.604  15.860  1.676   1.00 24.62  ? 164  ILE B CB  1 
ATOM   1277 C CG1 . ILE B 1 64 ? -9.123  14.561  1.049   1.00 20.51  ? 164  ILE B CG1 1 
ATOM   1278 C CG2 . ILE B 1 64 ? -7.558  15.545  2.743   1.00 35.25  ? 164  ILE B CG2 1 
ATOM   1279 C CD1 . ILE B 1 64 ? -8.045  13.898  0.201   1.00 29.46  ? 164  ILE B CD1 1 
ATOM   1280 N N   . GLU B 1 65 ? -11.574 15.557  3.062   1.00 24.44  ? 165  GLU B N   1 
ATOM   1281 C CA  . GLU B 1 65 ? -12.362 14.769  4.010   1.00 16.91  ? 165  GLU B CA  1 
ATOM   1282 C C   . GLU B 1 65 ? -12.152 13.307  3.648   1.00 17.94  ? 165  GLU B C   1 
ATOM   1283 O O   . GLU B 1 65 ? -12.259 12.969  2.468   1.00 19.48  ? 165  GLU B O   1 
ATOM   1284 C CB  . GLU B 1 65 ? -13.849 15.143  3.979   1.00 22.41  ? 165  GLU B CB  1 
ATOM   1285 C CG  . GLU B 1 65 ? -14.738 14.217  4.781   1.00 43.00  ? 165  GLU B CG  1 
ATOM   1286 C CD  . GLU B 1 65 ? -15.853 13.512  4.039   1.00 57.83  ? 165  GLU B CD  1 
ATOM   1287 O OE1 . GLU B 1 65 ? -16.983 14.060  4.042   1.00 62.41  ? 165  GLU B OE1 1 
ATOM   1288 O OE2 . GLU B 1 65 ? -15.658 12.409  3.465   1.00 38.94  ? 165  GLU B OE2 1 
ATOM   1289 N N   . ILE B 1 66 ? -11.855 12.454  4.616   1.00 19.05  ? 166  ILE B N   1 
ATOM   1290 C CA  . ILE B 1 66 ? -11.618 11.049  4.320   1.00 15.39  ? 166  ILE B CA  1 
ATOM   1291 C C   . ILE B 1 66 ? -12.577 10.216  5.165   1.00 16.87  ? 166  ILE B C   1 
ATOM   1292 O O   . ILE B 1 66 ? -12.435 10.275  6.385   1.00 19.51  ? 166  ILE B O   1 
ATOM   1293 C CB  . ILE B 1 66 ? -10.173 10.640  4.657   1.00 19.01  ? 166  ILE B CB  1 
ATOM   1294 C CG1 . ILE B 1 66 ? -9.137  11.316  3.750   1.00 22.94  ? 166  ILE B CG1 1 
ATOM   1295 C CG2 . ILE B 1 66 ? -9.998  9.133   4.655   1.00 14.91  ? 166  ILE B CG2 1 
ATOM   1296 C CD1 . ILE B 1 66 ? -7.838  11.679  4.444   1.00 21.07  ? 166  ILE B CD1 1 
ATOM   1297 N N   . ALA B 1 67 ? -13.492 9.530   4.510   1.00 17.54  ? 167  ALA B N   1 
ATOM   1298 C CA  . ALA B 1 67 ? -14.465 8.722   5.251   1.00 23.77  ? 167  ALA B CA  1 
ATOM   1299 C C   . ALA B 1 67 ? -15.111 9.543   6.359   1.00 29.34  ? 167  ALA B C   1 
ATOM   1300 O O   . ALA B 1 67 ? -15.308 9.078   7.481   1.00 27.47  ? 167  ALA B O   1 
ATOM   1301 C CB  . ALA B 1 67 ? -13.741 7.509   5.821   1.00 26.09  ? 167  ALA B CB  1 
ATOM   1302 N N   . GLY B 1 68 ? -15.378 10.812  6.053   1.00 26.21  ? 168  GLY B N   1 
ATOM   1303 C CA  . GLY B 1 68 ? -15.980 11.722  6.999   1.00 22.54  ? 168  GLY B CA  1 
ATOM   1304 C C   . GLY B 1 68 ? -15.022 12.291  8.015   1.00 32.24  ? 168  GLY B C   1 
ATOM   1305 O O   . GLY B 1 68 ? -15.476 13.033  8.895   1.00 31.89  ? 168  GLY B O   1 
ATOM   1306 N N   . HIS B 1 69 ? -13.715 12.019  7.974   1.00 27.23  ? 169  HIS B N   1 
ATOM   1307 C CA  . HIS B 1 69 ? -12.834 12.692  8.942   1.00 18.67  ? 169  HIS B CA  1 
ATOM   1308 C C   . HIS B 1 69 ? -12.017 13.784  8.245   1.00 25.24  ? 169  HIS B C   1 
ATOM   1309 O O   . HIS B 1 69 ? -11.590 13.500  7.120   1.00 23.16  ? 169  HIS B O   1 
ATOM   1310 C CB  . HIS B 1 69 ? -11.841 11.743  9.589   1.00 23.08  ? 169  HIS B CB  1 
ATOM   1311 C CG  . HIS B 1 69 ? -12.446 10.555  10.256  1.00 30.05  ? 169  HIS B CG  1 
ATOM   1312 N ND1 . HIS B 1 69 ? -12.705 10.522  11.607  1.00 42.18  ? 169  HIS B ND1 1 
ATOM   1313 C CD2 . HIS B 1 69 ? -12.842 9.365   9.753   1.00 35.23  ? 169  HIS B CD2 1 
ATOM   1314 C CE1 . HIS B 1 69 ? -13.240 9.350   11.912  1.00 40.53  ? 169  HIS B CE1 1 
ATOM   1315 N NE2 . HIS B 1 69 ? -13.334 8.625   10.809  1.00 41.52  ? 169  HIS B NE2 1 
ATOM   1316 N N   . LYS B 1 70 ? -11.822 14.921  8.888   1.00 22.78  ? 170  LYS B N   1 
ATOM   1317 C CA  . LYS B 1 70 ? -11.199 16.083  8.261   1.00 27.52  ? 170  LYS B CA  1 
ATOM   1318 C C   . LYS B 1 70 ? -9.679  15.989  8.247   1.00 32.34  ? 170  LYS B C   1 
ATOM   1319 O O   . LYS B 1 70 ? -9.070  15.686  9.271   1.00 24.12  ? 170  LYS B O   1 
ATOM   1320 C CB  . LYS B 1 70 ? -11.620 17.365  8.987   1.00 39.38  ? 170  LYS B CB  1 
ATOM   1321 C CG  . LYS B 1 70 ? -12.432 18.340  8.158   1.00 58.20  ? 170  LYS B CG  1 
ATOM   1322 C CD  . LYS B 1 70 ? -11.593 19.106  7.146   1.00 64.33  ? 170  LYS B CD  1 
ATOM   1323 C CE  . LYS B 1 70 ? -12.440 20.062  6.319   1.00 71.95  ? 170  LYS B CE  1 
ATOM   1324 N NZ  . LYS B 1 70 ? -13.180 19.385  5.212   1.00 57.68  ? 170  LYS B NZ  1 
ATOM   1325 N N   . ALA B 1 71 ? -9.050  16.239  7.090   1.00 20.24  ? 171  ALA B N   1 
ATOM   1326 C CA  . ALA B 1 71 ? -7.595  16.264  7.081   1.00 18.56  ? 171  ALA B CA  1 
ATOM   1327 C C   . ALA B 1 71 ? -7.154  17.439  6.202   1.00 23.52  ? 171  ALA B C   1 
ATOM   1328 O O   . ALA B 1 71 ? -7.898  17.856  5.314   1.00 25.21  ? 171  ALA B O   1 
ATOM   1329 C CB  . ALA B 1 71 ? -6.937  14.996  6.572   1.00 14.95  ? 171  ALA B CB  1 
ATOM   1330 N N   . ILE B 1 72 ? -5.958  17.919  6.500   1.00 17.98  ? 172  ILE B N   1 
ATOM   1331 C CA  . ILE B 1 72 ? -5.331  18.959  5.703   1.00 11.19  ? 172  ILE B CA  1 
ATOM   1332 C C   . ILE B 1 72 ? -3.864  18.627  5.535   1.00 22.23  ? 172  ILE B C   1 
ATOM   1333 O O   . ILE B 1 72 ? -3.091  18.519  6.487   1.00 18.52  ? 172  ILE B O   1 
ATOM   1334 C CB  . ILE B 1 72 ? -5.476  20.355  6.345   1.00 12.47  ? 172  ILE B CB  1 
ATOM   1335 C CG1 . ILE B 1 72 ? -6.891  20.664  6.820   1.00 18.46  ? 172  ILE B CG1 1 
ATOM   1336 C CG2 . ILE B 1 72 ? -4.960  21.405  5.370   1.00 16.84  ? 172  ILE B CG2 1 
ATOM   1337 C CD1 . ILE B 1 72 ? -7.006  21.855  7.732   1.00 17.72  ? 172  ILE B CD1 1 
ATOM   1338 N N   . GLY B 1 73 ? -3.396  18.432  4.298   1.00 19.41  ? 173  GLY B N   1 
ATOM   1339 C CA  . GLY B 1 73 ? -1.954  18.129  4.255   1.00 19.18  ? 173  GLY B CA  1 
ATOM   1340 C C   . GLY B 1 73 ? -1.555  17.973  2.806   1.00 22.32  ? 173  GLY B C   1 
ATOM   1341 O O   . GLY B 1 73 ? -2.268  18.498  1.951   1.00 22.65  ? 173  GLY B O   1 
ATOM   1342 N N   . THR B 1 74 ? -0.464  17.273  2.554   1.00 16.60  ? 174  THR B N   1 
ATOM   1343 C CA  . THR B 1 74 ? 0.050   17.144  1.198   1.00 14.66  ? 174  THR B CA  1 
ATOM   1344 C C   . THR B 1 74 ? -0.717  16.182  0.324   1.00 20.52  ? 174  THR B C   1 
ATOM   1345 O O   . THR B 1 74 ? -1.039  15.053  0.681   1.00 15.53  ? 174  THR B O   1 
ATOM   1346 C CB  . THR B 1 74 ? 1.512   16.640  1.271   1.00 18.92  ? 174  THR B CB  1 
ATOM   1347 O OG1 . THR B 1 74 ? 2.243   17.636  1.990   1.00 22.20  ? 174  THR B OG1 1 
ATOM   1348 C CG2 . THR B 1 74 ? 2.101   16.493  -0.109  1.00 12.03  ? 174  THR B CG2 1 
ATOM   1349 N N   . VAL B 1 75 ? -1.017  16.611  -0.894  1.00 20.54  ? 175  VAL B N   1 
ATOM   1350 C CA  . VAL B 1 75 ? -1.619  15.672  -1.854  1.00 19.10  ? 175  VAL B CA  1 
ATOM   1351 C C   . VAL B 1 75 ? -0.721  15.649  -3.078  1.00 16.42  ? 175  VAL B C   1 
ATOM   1352 O O   . VAL B 1 75 ? -0.318  16.717  -3.548  1.00 19.84  ? 175  VAL B O   1 
ATOM   1353 C CB  . VAL B 1 75 ? -3.049  16.129  -2.165  1.00 24.90  ? 175  VAL B CB  1 
ATOM   1354 C CG1 . VAL B 1 75 ? -3.652  15.370  -3.330  1.00 28.91  ? 175  VAL B CG1 1 
ATOM   1355 C CG2 . VAL B 1 75 ? -3.935  15.965  -0.926  1.00 29.86  ? 175  VAL B CG2 1 
ATOM   1356 N N   . LEU B 1 76 ? -0.374  14.486  -3.628  1.00 15.49  ? 176  LEU B N   1 
ATOM   1357 C CA  . LEU B 1 76 ? 0.384   14.468  -4.879  1.00 16.75  ? 176  LEU B CA  1 
ATOM   1358 C C   . LEU B 1 76 ? -0.582  14.156  -6.016  1.00 23.63  ? 176  LEU B C   1 
ATOM   1359 O O   . LEU B 1 76 ? -1.505  13.371  -5.825  1.00 20.03  ? 176  LEU B O   1 
ATOM   1360 C CB  . LEU B 1 76 ? 1.525   13.443  -4.911  1.00 13.95  ? 176  LEU B CB  1 
ATOM   1361 C CG  . LEU B 1 76 ? 2.360   13.339  -3.620  1.00 20.77  ? 176  LEU B CG  1 
ATOM   1362 C CD1 . LEU B 1 76 ? 3.391   12.219  -3.700  1.00 18.31  ? 176  LEU B CD1 1 
ATOM   1363 C CD2 . LEU B 1 76 ? 3.030   14.662  -3.320  1.00 17.16  ? 176  LEU B CD2 1 
ATOM   1364 N N   . VAL B 1 77 ? -0.361  14.780  -7.165  1.00 16.91  ? 177  VAL B N   1 
ATOM   1365 C CA  . VAL B 1 77 ? -1.197  14.497  -8.340  1.00 18.16  ? 177  VAL B CA  1 
ATOM   1366 C C   . VAL B 1 77 ? -0.348  13.828  -9.417  1.00 21.68  ? 177  VAL B C   1 
ATOM   1367 O O   . VAL B 1 77 ? 0.675   14.413  -9.793  1.00 29.71  ? 177  VAL B O   1 
ATOM   1368 C CB  . VAL B 1 77 ? -1.869  15.786  -8.842  1.00 24.65  ? 177  VAL B CB  1 
ATOM   1369 C CG1 . VAL B 1 77 ? -2.762  15.528  -10.049 1.00 28.39  ? 177  VAL B CG1 1 
ATOM   1370 C CG2 . VAL B 1 77 ? -2.681  16.422  -7.719  1.00 20.92  ? 177  VAL B CG2 1 
ATOM   1371 N N   . GLY B 1 78 ? -0.731  12.656  -9.891  1.00 26.29  ? 178  GLY B N   1 
ATOM   1372 C CA  . GLY B 1 78 ? -0.047  11.885  -10.912 1.00 37.46  ? 178  GLY B CA  1 
ATOM   1373 C C   . GLY B 1 78 ? -0.839  10.678  -11.387 1.00 50.95  ? 178  GLY B C   1 
ATOM   1374 O O   . GLY B 1 78 ? -1.919  10.401  -10.860 1.00 42.30  ? 178  GLY B O   1 
ATOM   1375 N N   . PRO B 1 79 ? -0.339  9.951   -12.382 1.00 54.88  ? 179  PRO B N   1 
ATOM   1376 C CA  . PRO B 1 79 ? -1.024  8.818   -13.012 1.00 43.09  ? 179  PRO B CA  1 
ATOM   1377 C C   . PRO B 1 79 ? -1.299  7.589   -12.169 1.00 38.30  ? 179  PRO B C   1 
ATOM   1378 O O   . PRO B 1 79 ? -0.453  6.729   -11.917 1.00 41.83  ? 179  PRO B O   1 
ATOM   1379 C CB  . PRO B 1 79 ? -0.029  8.398   -14.121 1.00 53.12  ? 179  PRO B CB  1 
ATOM   1380 C CG  . PRO B 1 79 ? 0.766   9.639   -14.388 1.00 54.86  ? 179  PRO B CG  1 
ATOM   1381 C CD  . PRO B 1 79 ? 0.972   10.231  -13.016 1.00 59.12  ? 179  PRO B CD  1 
ATOM   1382 N N   . THR B 1 80 ? -2.551  7.411   -11.722 1.00 22.67  ? 180  THR B N   1 
ATOM   1383 C CA  . THR B 1 80 ? -2.871  6.169   -11.045 1.00 24.81  ? 180  THR B CA  1 
ATOM   1384 C C   . THR B 1 80 ? -4.285  5.729   -11.374 1.00 24.69  ? 180  THR B C   1 
ATOM   1385 O O   . THR B 1 80 ? -5.200  6.514   -11.617 1.00 31.80  ? 180  THR B O   1 
ATOM   1386 C CB  . THR B 1 80 ? -2.687  6.348   -9.519  1.00 42.95  ? 180  THR B CB  1 
ATOM   1387 O OG1 . THR B 1 80 ? -3.304  5.274   -8.807  1.00 42.45  ? 180  THR B OG1 1 
ATOM   1388 C CG2 . THR B 1 80 ? -3.376  7.620   -9.045  1.00 58.86  ? 180  THR B CG2 1 
ATOM   1389 N N   . PRO B 1 81 ? -4.524  4.430   -11.359 1.00 24.81  ? 181  PRO B N   1 
ATOM   1390 C CA  . PRO B 1 81 ? -5.879  3.938   -11.610 1.00 29.04  ? 181  PRO B CA  1 
ATOM   1391 C C   . PRO B 1 81 ? -6.852  4.363   -10.523 1.00 39.10  ? 181  PRO B C   1 
ATOM   1392 O O   . PRO B 1 81 ? -8.079  4.278   -10.680 1.00 38.96  ? 181  PRO B O   1 
ATOM   1393 C CB  . PRO B 1 81 ? -5.701  2.415   -11.577 1.00 35.22  ? 181  PRO B CB  1 
ATOM   1394 C CG  . PRO B 1 81 ? -4.465  2.213   -10.752 1.00 36.08  ? 181  PRO B CG  1 
ATOM   1395 C CD  . PRO B 1 81 ? -3.552  3.354   -11.124 1.00 27.87  ? 181  PRO B CD  1 
ATOM   1396 N N   . VAL B 1 82 ? -6.325  4.809   -9.382  1.00 46.19  ? 182  VAL B N   1 
ATOM   1397 C CA  . VAL B 1 82 ? -7.169  5.160   -8.248  1.00 44.44  ? 182  VAL B CA  1 
ATOM   1398 C C   . VAL B 1 82 ? -6.480  6.127   -7.283  1.00 23.96  ? 182  VAL B C   1 
ATOM   1399 O O   . VAL B 1 82 ? -5.259  6.242   -7.219  1.00 26.61  ? 182  VAL B O   1 
ATOM   1400 C CB  . VAL B 1 82 ? -7.601  3.958   -7.375  1.00 54.24  ? 182  VAL B CB  1 
ATOM   1401 C CG1 . VAL B 1 82 ? -8.653  3.107   -8.067  1.00 85.14  ? 182  VAL B CG1 1 
ATOM   1402 C CG2 . VAL B 1 82 ? -6.383  3.135   -6.984  1.00 34.43  ? 182  VAL B CG2 1 
ATOM   1403 N N   . ASN B 1 83 ? -7.333  6.806   -6.526  1.00 20.16  ? 183  ASN B N   1 
ATOM   1404 C CA  . ASN B 1 83 ? -6.847  7.703   -5.486  1.00 16.64  ? 183  ASN B CA  1 
ATOM   1405 C C   . ASN B 1 83 ? -6.367  6.874   -4.295  1.00 25.06  ? 183  ASN B C   1 
ATOM   1406 O O   . ASN B 1 83 ? -7.086  5.976   -3.848  1.00 19.25  ? 183  ASN B O   1 
ATOM   1407 C CB  . ASN B 1 83 ? -7.924  8.695   -5.054  1.00 17.22  ? 183  ASN B CB  1 
ATOM   1408 C CG  . ASN B 1 83 ? -8.504  9.429   -6.253  1.00 16.80  ? 183  ASN B CG  1 
ATOM   1409 O OD1 . ASN B 1 83 ? -7.781  10.188  -6.904  1.00 21.16  ? 183  ASN B OD1 1 
ATOM   1410 N ND2 . ASN B 1 83 ? -9.767  9.190   -6.565  1.00 23.28  ? 183  ASN B ND2 1 
ATOM   1411 N N   . ILE B 1 84 ? -5.163  7.228   -3.860  1.00 18.58  ? 184  ILE B N   1 
ATOM   1412 C CA  . ILE B 1 84 ? -4.464  6.544   -2.779  1.00 15.04  ? 184  ILE B CA  1 
ATOM   1413 C C   . ILE B 1 84 ? -4.275  7.461   -1.582  1.00 19.30  ? 184  ILE B C   1 
ATOM   1414 O O   . ILE B 1 84 ? -3.546  8.447   -1.618  1.00 24.68  ? 184  ILE B O   1 
ATOM   1415 C CB  . ILE B 1 84 ? -3.091  6.039   -3.263  1.00 20.19  ? 184  ILE B CB  1 
ATOM   1416 C CG1 . ILE B 1 84 ? -3.174  4.990   -4.371  1.00 21.76  ? 184  ILE B CG1 1 
ATOM   1417 C CG2 . ILE B 1 84 ? -2.251  5.525   -2.107  1.00 21.43  ? 184  ILE B CG2 1 
ATOM   1418 C CD1 . ILE B 1 84 ? -1.890  4.823   -5.149  1.00 27.98  ? 184  ILE B CD1 1 
ATOM   1419 N N   . ILE B 1 85 ? -4.967  7.119   -0.493  1.00 18.35  ? 185  ILE B N   1 
ATOM   1420 C CA  . ILE B 1 85 ? -4.757  7.819   0.768   1.00 12.69  ? 185  ILE B CA  1 
ATOM   1421 C C   . ILE B 1 85 ? -3.633  7.122   1.516   1.00 17.26  ? 185  ILE B C   1 
ATOM   1422 O O   . ILE B 1 85 ? -3.772  5.962   1.927   1.00 21.59  ? 185  ILE B O   1 
ATOM   1423 C CB  . ILE B 1 85 ? -6.020  7.765   1.639   1.00 14.90  ? 185  ILE B CB  1 
ATOM   1424 C CG1 . ILE B 1 85 ? -7.267  8.278   0.904   1.00 22.30  ? 185  ILE B CG1 1 
ATOM   1425 C CG2 . ILE B 1 85 ? -5.745  8.476   2.948   1.00 15.76  ? 185  ILE B CG2 1 
ATOM   1426 C CD1 . ILE B 1 85 ? -7.083  9.670   0.317   1.00 18.07  ? 185  ILE B CD1 1 
ATOM   1427 N N   . ALA B 1 86 ? -2.520  7.796   1.681   1.00 15.39  ? 186  ALA B N   1 
ATOM   1428 C CA  . ALA B 1 86 ? -1.320  7.253   2.293   1.00 17.32  ? 186  ALA B CA  1 
ATOM   1429 C C   . ALA B 1 86 ? -1.118  7.630   3.756   1.00 22.25  ? 186  ALA B C   1 
ATOM   1430 O O   . ALA B 1 86 ? -1.929  8.268   4.415   1.00 17.01  ? 186  ALA B O   1 
ATOM   1431 C CB  . ALA B 1 86 ? -0.106  7.763   1.506   1.00 17.50  ? 186  ALA B CB  1 
ATOM   1432 N N   . ARG B 1 87 ? 0.048   7.211   4.258   1.00 15.33  ? 187  ARG B N   1 
ATOM   1433 C CA  . ARG B 1 87 ? 0.327   7.343   5.683   1.00 16.70  ? 187  ARG B CA  1 
ATOM   1434 C C   . ARG B 1 87 ? 0.216   8.780   6.133   1.00 12.51  ? 187  ARG B C   1 
ATOM   1435 O O   . ARG B 1 87 ? -0.155  9.039   7.276   1.00 20.98  ? 187  ARG B O   1 
ATOM   1436 C CB  . ARG B 1 87 ? 1.721   6.768   5.999   1.00 17.29  ? 187  ARG B CB  1 
ATOM   1437 C CG  . ARG B 1 87 ? 1.767   5.243   5.878   1.00 19.84  ? 187  ARG B CG  1 
ATOM   1438 C CD  . ARG B 1 87 ? 3.053   4.664   6.446   1.00 18.82  ? 187  ARG B CD  1 
ATOM   1439 N NE  . ARG B 1 87 ? 4.229   5.174   5.750   1.00 18.89  ? 187  ARG B NE  1 
ATOM   1440 C CZ  . ARG B 1 87 ? 4.995   6.164   6.209   1.00 24.84  ? 187  ARG B CZ  1 
ATOM   1441 N NH1 . ARG B 1 87 ? 4.716   6.748   7.364   1.00 24.55  ? 187  ARG B NH1 1 
ATOM   1442 N NH2 . ARG B 1 87 ? 6.050   6.577   5.508   1.00 27.44  ? 187  ARG B NH2 1 
ATOM   1443 N N   . ASN B 1 88 ? 0.544   9.742   5.251   1.00 15.49  ? 188  ASN B N   1 
ATOM   1444 C CA  . ASN B 1 88 ? 0.574   11.121  5.744   1.00 19.08  ? 188  ASN B CA  1 
ATOM   1445 C C   . ASN B 1 88 ? -0.810  11.546  6.226   1.00 23.84  ? 188  ASN B C   1 
ATOM   1446 O O   . ASN B 1 88 ? -0.910  12.193  7.268   1.00 24.72  ? 188  ASN B O   1 
ATOM   1447 C CB  . ASN B 1 88 ? 1.113   12.097  4.695   1.00 19.78  ? 188  ASN B CB  1 
ATOM   1448 C CG  . ASN B 1 88 ? 0.178   12.411  3.558   1.00 19.26  ? 188  ASN B CG  1 
ATOM   1449 O OD1 . ASN B 1 88 ? -0.332  11.527  2.873   1.00 16.88  ? 188  ASN B OD1 1 
ATOM   1450 N ND2 . ASN B 1 88 ? -0.051  13.714  3.333   1.00 19.21  ? 188  ASN B ND2 1 
ATOM   1451 N N   . LEU B 1 89 ? -1.856  11.163  5.495   1.00 15.36  ? 189  LEU B N   1 
ATOM   1452 C CA  . LEU B 1 89 ? -3.205  11.545  5.923   1.00 14.56  ? 189  LEU B CA  1 
ATOM   1453 C C   . LEU B 1 89 ? -3.795  10.503  6.851   1.00 13.99  ? 189  LEU B C   1 
ATOM   1454 O O   . LEU B 1 89 ? -4.614  10.795  7.727   1.00 19.98  ? 189  LEU B O   1 
ATOM   1455 C CB  . LEU B 1 89 ? -4.110  11.786  4.703   1.00 14.61  ? 189  LEU B CB  1 
ATOM   1456 C CG  . LEU B 1 89 ? -3.620  12.947  3.810   1.00 17.95  ? 189  LEU B CG  1 
ATOM   1457 C CD1 . LEU B 1 89 ? -4.596  13.227  2.683   1.00 21.50  ? 189  LEU B CD1 1 
ATOM   1458 C CD2 . LEU B 1 89 ? -3.389  14.204  4.640   1.00 20.62  ? 189  LEU B CD2 1 
ATOM   1459 N N   . LEU B 1 90 ? -3.402  9.237   6.668   1.00 16.60  ? 190  LEU B N   1 
ATOM   1460 C CA  . LEU B 1 90 ? -3.963  8.225   7.574   1.00 11.26  ? 190  LEU B CA  1 
ATOM   1461 C C   . LEU B 1 90 ? -3.561  8.539   9.003   1.00 10.85  ? 190  LEU B C   1 
ATOM   1462 O O   . LEU B 1 90 ? -4.306  8.318   9.962   1.00 22.30  ? 190  LEU B O   1 
ATOM   1463 C CB  . LEU B 1 90 ? -3.475  6.828   7.185   1.00 17.22  ? 190  LEU B CB  1 
ATOM   1464 C CG  . LEU B 1 90 ? -4.108  6.234   5.924   1.00 20.08  ? 190  LEU B CG  1 
ATOM   1465 C CD1 . LEU B 1 90 ? -3.331  4.998   5.502   1.00 26.30  ? 190  LEU B CD1 1 
ATOM   1466 C CD2 . LEU B 1 90 ? -5.574  5.926   6.164   1.00 19.86  ? 190  LEU B CD2 1 
ATOM   1467 N N   . THR B 1 91 ? -2.352  9.060   9.180   1.00 13.81  ? 191  THR B N   1 
ATOM   1468 C CA  . THR B 1 91 ? -1.973  9.413   10.551  1.00 19.50  ? 191  THR B CA  1 
ATOM   1469 C C   . THR B 1 91 ? -2.792  10.574  11.092  1.00 27.13  ? 191  THR B C   1 
ATOM   1470 O O   . THR B 1 91 ? -3.135  10.603  12.280  1.00 20.43  ? 191  THR B O   1 
ATOM   1471 C CB  . THR B 1 91 ? -0.491  9.827   10.620  1.00 19.81  ? 191  THR B CB  1 
ATOM   1472 O OG1 . THR B 1 91 ? -0.292  10.814  9.605   1.00 32.25  ? 191  THR B OG1 1 
ATOM   1473 C CG2 . THR B 1 91 ? 0.426   8.669   10.273  1.00 15.88  ? 191  THR B CG2 1 
ATOM   1474 N N   . GLN B 1 92 ? -3.109  11.543  10.219  1.00 18.74  ? 192  GLN B N   1 
ATOM   1475 C CA  . GLN B 1 92 ? -3.925  12.652  10.699  1.00 18.85  ? 192  GLN B CA  1 
ATOM   1476 C C   . GLN B 1 92 ? -5.303  12.232  11.190  1.00 26.63  ? 192  GLN B C   1 
ATOM   1477 O O   . GLN B 1 92 ? -5.776  12.895  12.117  1.00 32.19  ? 192  GLN B O   1 
ATOM   1478 C CB  . GLN B 1 92 ? -4.168  13.710  9.627   1.00 18.10  ? 192  GLN B CB  1 
ATOM   1479 C CG  . GLN B 1 92 ? -2.927  14.483  9.249   1.00 17.17  ? 192  GLN B CG  1 
ATOM   1480 C CD  . GLN B 1 92 ? -3.297  15.735  8.463   1.00 19.44  ? 192  GLN B CD  1 
ATOM   1481 O OE1 . GLN B 1 92 ? -4.456  16.149  8.452   1.00 20.38  ? 192  GLN B OE1 1 
ATOM   1482 N NE2 . GLN B 1 92 ? -2.294  16.309  7.832   1.00 19.94  ? 192  GLN B NE2 1 
ATOM   1483 N N   . ILE B 1 93 ? -5.933  11.222  10.596  1.00 20.58  ? 193  ILE B N   1 
ATOM   1484 C CA  . ILE B 1 93 ? -7.237  10.785  11.091  1.00 27.00  ? 193  ILE B CA  1 
ATOM   1485 C C   . ILE B 1 93 ? -7.151  9.646   12.110  1.00 31.08  ? 193  ILE B C   1 
ATOM   1486 O O   . ILE B 1 93 ? -8.178  9.010   12.398  1.00 26.30  ? 193  ILE B O   1 
ATOM   1487 C CB  . ILE B 1 93 ? -8.146  10.329  9.936   1.00 21.81  ? 193  ILE B CB  1 
ATOM   1488 C CG1 . ILE B 1 93 ? -7.630  9.080   9.222   1.00 20.41  ? 193  ILE B CG1 1 
ATOM   1489 C CG2 . ILE B 1 93 ? -8.361  11.481  8.960   1.00 28.54  ? 193  ILE B CG2 1 
ATOM   1490 C CD1 . ILE B 1 93 ? -8.338  8.825   7.914   1.00 28.10  ? 193  ILE B CD1 1 
ATOM   1491 N N   . GLY B 1 94 ? -5.967  9.386   12.646  1.00 22.65  ? 194  GLY B N   1 
ATOM   1492 C CA  . GLY B 1 94 ? -5.710  8.435   13.708  1.00 28.95  ? 194  GLY B CA  1 
ATOM   1493 C C   . GLY B 1 94 ? -5.829  6.990   13.287  1.00 30.09  ? 194  GLY B C   1 
ATOM   1494 O O   . GLY B 1 94 ? -6.203  6.112   14.070  1.00 24.88  ? 194  GLY B O   1 
ATOM   1495 N N   . ALA B 1 95 ? -5.519  6.672   12.020  1.00 24.07  ? 195  ALA B N   1 
ATOM   1496 C CA  . ALA B 1 95 ? -5.617  5.243   11.660  1.00 19.24  ? 195  ALA B CA  1 
ATOM   1497 C C   . ALA B 1 95 ? -4.378  4.496   12.116  1.00 21.57  ? 195  ALA B C   1 
ATOM   1498 O O   . ALA B 1 95 ? -3.248  4.996   12.139  1.00 24.39  ? 195  ALA B O   1 
ATOM   1499 C CB  . ALA B 1 95 ? -5.843  5.081   10.164  1.00 22.63  ? 195  ALA B CB  1 
ATOM   1500 N N   . THR B 1 96 ? -4.586  3.238   12.515  1.00 22.95  ? 196  THR B N   1 
ATOM   1501 C CA  . THR B 1 96 ? -3.471  2.367   12.835  1.00 20.62  ? 196  THR B CA  1 
ATOM   1502 C C   . THR B 1 96 ? -3.764  0.957   12.329  1.00 24.23  ? 196  THR B C   1 
ATOM   1503 O O   . THR B 1 96 ? -4.932  0.631   12.086  1.00 21.92  ? 196  THR B O   1 
ATOM   1504 C CB  . THR B 1 96 ? -3.215  2.273   14.349  1.00 30.97  ? 196  THR B CB  1 
ATOM   1505 O OG1 . THR B 1 96 ? -4.400  1.766   14.982  1.00 31.20  ? 196  THR B OG1 1 
ATOM   1506 C CG2 . THR B 1 96 ? -2.954  3.641   14.963  1.00 42.24  ? 196  THR B CG2 1 
ATOM   1507 N N   . LEU B 1 97 ? -2.724  0.149   12.205  1.00 17.57  ? 197  LEU B N   1 
ATOM   1508 C CA  . LEU B 1 97 ? -2.865  -1.268  11.886  1.00 20.81  ? 197  LEU B CA  1 
ATOM   1509 C C   . LEU B 1 97 ? -2.839  -2.125  13.146  1.00 20.55  ? 197  LEU B C   1 
ATOM   1510 O O   . LEU B 1 97 ? -2.079  -1.901  14.089  1.00 25.57  ? 197  LEU B O   1 
ATOM   1511 C CB  . LEU B 1 97 ? -1.746  -1.753  10.973  1.00 24.69  ? 197  LEU B CB  1 
ATOM   1512 C CG  . LEU B 1 97 ? -1.952  -1.629  9.471   1.00 31.80  ? 197  LEU B CG  1 
ATOM   1513 C CD1 . LEU B 1 97 ? -0.618  -1.791  8.756   1.00 32.65  ? 197  LEU B CD1 1 
ATOM   1514 C CD2 . LEU B 1 97 ? -2.961  -2.663  8.988   1.00 29.41  ? 197  LEU B CD2 1 
ATOM   1515 N N   . ASN B 1 98 ? -3.700  -3.140  13.169  1.00 21.80  ? 198  ASN B N   1 
ATOM   1516 C CA  . ASN B 1 98 ? -3.778  -3.942  14.396  1.00 24.71  ? 198  ASN B CA  1 
ATOM   1517 C C   . ASN B 1 98 ? -3.809  -5.428  14.062  1.00 28.26  ? 198  ASN B C   1 
ATOM   1518 O O   . ASN B 1 98 ? -4.568  -5.808  13.164  1.00 27.58  ? 198  ASN B O   1 
ATOM   1519 C CB  . ASN B 1 98 ? -5.017  -3.555  15.200  1.00 23.24  ? 198  ASN B CB  1 
ATOM   1520 C CG  . ASN B 1 98 ? -5.026  -2.110  15.642  1.00 31.57  ? 198  ASN B CG  1 
ATOM   1521 O OD1 . ASN B 1 98 ? -4.563  -1.789  16.734  1.00 40.82  ? 198  ASN B OD1 1 
ATOM   1522 N ND2 . ASN B 1 98 ? -5.553  -1.223  14.804  1.00 28.50  ? 198  ASN B ND2 1 
ATOM   1523 N N   . PHE B 1 99 ? -3.018  -6.249  14.735  1.00 30.96  ? 199  PHE B N   1 
ATOM   1524 C CA  . PHE B 1 99 ? -3.098  -7.700  14.559  1.00 39.01  ? 199  PHE B CA  1 
ATOM   1525 C C   . PHE B 1 99 ? -2.517  -8.488  15.735  1.00 51.20  ? 199  PHE B C   1 
ATOM   1526 O O   . PHE B 1 99 ? -3.161  -9.444  16.194  1.00 59.48  ? 199  PHE B O   1 
ATOM   1527 C CB  . PHE B 1 99 ? -2.398  -8.122  13.276  1.00 36.81  ? 199  PHE B CB  1 
ATOM   1528 C CG  . PHE B 1 99 ? -0.918  -7.840  13.148  1.00 41.66  ? 199  PHE B CG  1 
ATOM   1529 C CD1 . PHE B 1 99 ? -0.481  -6.686  12.514  1.00 44.58  ? 199  PHE B CD1 1 
ATOM   1530 C CD2 . PHE B 1 99 ? 0.027   -8.720  13.648  1.00 39.59  ? 199  PHE B CD2 1 
ATOM   1531 C CE1 . PHE B 1 99 ? 0.865   -6.418  12.376  1.00 48.21  ? 199  PHE B CE1 1 
ATOM   1532 C CE2 . PHE B 1 99 ? 1.377   -8.454  13.518  1.00 38.80  ? 199  PHE B CE2 1 
ATOM   1533 C CZ  . PHE B 1 99 ? 1.801   -7.300  12.887  1.00 41.55  ? 199  PHE B CZ  1 
ATOM   1534 O OXT . PHE B 1 99 ? -1.399  -8.165  16.188  1.00 66.23  ? 199  PHE B OXT 1 
HETATM 1535 C C1  . DMP C 2 .  ? 2.866   0.686   -5.679  1.00 24.27  ? 323  DMP A C1  1 
HETATM 1536 C C3  . DMP C 2 .  ? 2.844   0.894   -3.236  1.00 26.56  ? 323  DMP A C3  1 
HETATM 1537 C C4  . DMP C 2 .  ? 1.393   0.849   -2.879  1.00 21.19  ? 323  DMP A C4  1 
HETATM 1538 C C5  . DMP C 2 .  ? 0.594   -0.240  -3.554  1.00 24.56  ? 323  DMP A C5  1 
HETATM 1539 C C6  . DMP C 2 .  ? 0.549   -0.039  -5.069  1.00 21.71  ? 323  DMP A C6  1 
HETATM 1540 C C20 . DMP C 2 .  ? 4.093   2.499   -4.754  1.00 15.40  ? 323  DMP A C20 1 
HETATM 1541 C C21 . DMP C 2 .  ? 3.846   3.801   -4.086  1.00 16.80  ? 323  DMP A C21 1 
HETATM 1542 C C22 . DMP C 2 .  ? 2.607   4.462   -4.168  1.00 19.34  ? 323  DMP A C22 1 
HETATM 1543 C C23 . DMP C 2 .  ? 2.416   5.748   -3.640  1.00 20.21  ? 323  DMP A C23 1 
HETATM 1544 C C24 . DMP C 2 .  ? 3.532   6.393   -3.078  1.00 19.11  ? 323  DMP A C24 1 
HETATM 1545 C C25 . DMP C 2 .  ? 4.763   5.729   -2.953  1.00 20.63  ? 323  DMP A C25 1 
HETATM 1546 C C26 . DMP C 2 .  ? 4.901   4.396   -3.405  1.00 15.95  ? 323  DMP A C26 1 
HETATM 1547 C C27 . DMP C 2 .  ? 3.339   7.733   -2.467  1.00 19.23  ? 323  DMP A C27 1 
HETATM 1548 C C30 . DMP C 2 .  ? 3.682   -0.335  -2.921  1.00 24.40  ? 323  DMP A C30 1 
HETATM 1549 C C31 . DMP C 2 .  ? 5.174   -0.067  -3.003  1.00 23.81  ? 323  DMP A C31 1 
HETATM 1550 C C32 . DMP C 2 .  ? 5.881   -0.389  -4.185  1.00 31.70  ? 323  DMP A C32 1 
HETATM 1551 C C33 . DMP C 2 .  ? 7.260   -0.140  -4.284  1.00 31.73  ? 323  DMP A C33 1 
HETATM 1552 C C34 . DMP C 2 .  ? 7.944   0.423   -3.193  1.00 28.68  ? 323  DMP A C34 1 
HETATM 1553 C C35 . DMP C 2 .  ? 7.250   0.748   -2.005  1.00 32.76  ? 323  DMP A C35 1 
HETATM 1554 C C36 . DMP C 2 .  ? 5.863   0.493   -1.914  1.00 23.45  ? 323  DMP A C36 1 
HETATM 1555 C C60 . DMP C 2 .  ? -0.064  1.327   -5.459  1.00 25.08  ? 323  DMP A C60 1 
HETATM 1556 C C61 . DMP C 2 .  ? -0.439  1.438   -6.916  1.00 21.64  ? 323  DMP A C61 1 
HETATM 1557 C C62 . DMP C 2 .  ? -1.607  0.730   -7.355  1.00 33.14  ? 323  DMP A C62 1 
HETATM 1558 C C63 . DMP C 2 .  ? -1.820  0.685   -8.748  1.00 35.92  ? 323  DMP A C63 1 
HETATM 1559 C C64 . DMP C 2 .  ? -1.109  1.555   -9.605  1.00 44.30  ? 323  DMP A C64 1 
HETATM 1560 C C65 . DMP C 2 .  ? -0.152  2.460   -9.104  1.00 44.28  ? 323  DMP A C65 1 
HETATM 1561 C C66 . DMP C 2 .  ? 0.025   2.518   -7.693  1.00 39.68  ? 323  DMP A C66 1 
HETATM 1562 C C70 . DMP C 2 .  ? 1.861   -1.154  -6.890  1.00 17.64  ? 323  DMP A C70 1 
HETATM 1563 C C71 . DMP C 2 .  ? 1.566   -2.621  -6.655  1.00 23.54  ? 323  DMP A C71 1 
HETATM 1564 C C72 . DMP C 2 .  ? 0.711   -3.294  -7.561  1.00 16.26  ? 323  DMP A C72 1 
HETATM 1565 C C73 . DMP C 2 .  ? 0.415   -4.644  -7.344  1.00 22.03  ? 323  DMP A C73 1 
HETATM 1566 C C74 . DMP C 2 .  ? 0.946   -5.299  -6.216  1.00 26.23  ? 323  DMP A C74 1 
HETATM 1567 C C75 . DMP C 2 .  ? 1.850   -4.652  -5.343  1.00 19.96  ? 323  DMP A C75 1 
HETATM 1568 C C76 . DMP C 2 .  ? 2.155   -3.307  -5.578  1.00 19.68  ? 323  DMP A C76 1 
HETATM 1569 C C77 . DMP C 2 .  ? 0.627   -6.757  -5.965  1.00 28.59  ? 323  DMP A C77 1 
HETATM 1570 N N2  . DMP C 2 .  ? 3.168   1.384   -4.588  1.00 19.60  ? 323  DMP A N2  1 
HETATM 1571 N N7  . DMP C 2 .  ? 1.860   -0.224  -5.736  1.00 21.63  ? 323  DMP A N7  1 
HETATM 1572 O O1  . DMP C 2 .  ? 3.540   0.896   -6.666  1.00 30.17  ? 323  DMP A O1  1 
HETATM 1573 O O4  . DMP C 2 .  ? 1.385   0.732   -1.496  1.00 30.00  ? 323  DMP A O4  1 
HETATM 1574 O O5  . DMP C 2 .  ? -0.771  -0.080  -3.227  1.00 35.80  ? 323  DMP A O5  1 
HETATM 1575 O O27 . DMP C 2 .  ? 4.315   7.868   -1.433  1.00 24.45  ? 323  DMP A O27 1 
HETATM 1576 O O77 . DMP C 2 .  ? -0.778  -6.828  -5.742  1.00 30.40  ? 323  DMP A O77 1 
HETATM 1577 O O   . HOH D 3 .  ? -3.581  -16.091 -1.497  1.00 8.00   ? 1001 HOH A O   1 
HETATM 1578 O O   . HOH D 3 .  ? 15.162  -7.835  3.530   1.00 30.38  ? 1005 HOH A O   1 
HETATM 1579 O O   . HOH D 3 .  ? -5.970  -3.439  -1.807  1.00 30.22  ? 1008 HOH A O   1 
HETATM 1580 O O   . HOH D 3 .  ? 8.766   -7.986  13.207  1.00 33.43  ? 1012 HOH A O   1 
HETATM 1581 O O   . HOH D 3 .  ? -3.372  -18.849 6.348   1.00 29.09  ? 1014 HOH A O   1 
HETATM 1582 O O   . HOH D 3 .  ? 17.426  -17.820 -2.833  1.00 23.99  ? 1015 HOH A O   1 
HETATM 1583 O O   . HOH D 3 .  ? -8.790  -10.780 8.923   1.00 19.01  ? 1016 HOH A O   1 
HETATM 1584 O O   . HOH D 3 .  ? 10.288  -7.150  -15.330 1.00 25.38  ? 1017 HOH A O   1 
HETATM 1585 O O   . HOH D 3 .  ? 10.355  -20.681 6.723   1.00 38.77  ? 1021 HOH A O   1 
HETATM 1586 O O   . HOH D 3 .  ? 3.044   -24.281 -4.810  0.50 14.26  ? 1023 HOH A O   1 
HETATM 1587 O O   . HOH D 3 .  ? 6.329   -15.061 -20.001 0.50 17.78  ? 1025 HOH A O   1 
HETATM 1588 O O   . HOH D 3 .  ? 9.637   5.562   7.502   1.00 33.20  ? 1029 HOH A O   1 
HETATM 1589 O O   . HOH D 3 .  ? 6.794   -24.002 -13.302 1.00 40.39  ? 1030 HOH A O   1 
HETATM 1590 O O   . HOH D 3 .  ? -1.228  -4.987  -11.086 1.00 32.27  ? 1032 HOH A O   1 
HETATM 1591 O O   . HOH D 3 .  ? 6.997   8.486   -1.531  1.00 38.15  ? 1033 HOH A O   1 
HETATM 1592 O O   . HOH D 3 .  ? 1.936   -18.745 14.200  0.50 21.20  ? 1034 HOH A O   1 
HETATM 1593 O O   . HOH D 3 .  ? -9.725  -8.922  -2.798  1.00 34.01  ? 1037 HOH A O   1 
HETATM 1594 O O   . HOH D 3 .  ? 5.004   4.786   13.437  1.00 27.28  ? 1038 HOH A O   1 
HETATM 1595 O O   . HOH D 3 .  ? 11.890  -5.070  1.609   1.00 28.94  ? 1039 HOH A O   1 
HETATM 1596 O O   . HOH D 3 .  ? 17.998  -15.343 6.732   1.00 30.16  ? 1042 HOH A O   1 
HETATM 1597 O O   . HOH D 3 .  ? 4.232   -24.916 -2.526  1.00 31.89  ? 1044 HOH A O   1 
HETATM 1598 O O   . HOH D 3 .  ? 8.210   -20.706 3.198   1.00 23.91  ? 1045 HOH A O   1 
HETATM 1599 O O   . HOH D 3 .  ? -7.405  -12.652 1.764   1.00 22.74  ? 1047 HOH A O   1 
HETATM 1600 O O   . HOH D 3 .  ? 1.120   -20.835 -9.744  0.50 25.39  ? 1048 HOH A O   1 
HETATM 1601 O O   . HOH D 3 .  ? 14.764  -2.825  -7.901  1.00 50.97  ? 1049 HOH A O   1 
HETATM 1602 O O   . HOH D 3 .  ? 8.076   4.875   -2.168  0.50 32.10  ? 1051 HOH A O   1 
HETATM 1603 O O   . HOH D 3 .  ? -5.293  -16.082 12.951  0.50 35.62  ? 1052 HOH A O   1 
HETATM 1604 O O   . HOH D 3 .  ? -3.213  -23.614 -4.818  0.50 39.83  ? 1055 HOH A O   1 
HETATM 1605 O O   . HOH D 3 .  ? 6.219   0.298   12.202  0.50 20.85  ? 1057 HOH A O   1 
HETATM 1606 O O   . HOH D 3 .  ? -1.575  3.673   19.223  0.50 30.69  ? 1058 HOH A O   1 
HETATM 1607 O O   . HOH D 3 .  ? 8.044   -16.531 -18.018 0.50 30.71  ? 1060 HOH A O   1 
HETATM 1608 O O   . HOH D 3 .  ? 6.370   -6.789  14.870  0.50 37.81  ? 1061 HOH A O   1 
HETATM 1609 O O   . HOH D 3 .  ? 4.627   2.194   11.624  0.50 18.92  ? 1067 HOH A O   1 
HETATM 1610 O O   . HOH D 3 .  ? -1.983  -20.114 -2.549  1.00 34.50  ? 1068 HOH A O   1 
HETATM 1611 O O   . HOH D 3 .  ? 0.620   -16.848 -17.329 1.00 37.08  ? 1071 HOH A O   1 
HETATM 1612 O O   . HOH D 3 .  ? 5.816   -23.233 1.918   1.00 37.06  ? 1072 HOH A O   1 
HETATM 1613 O O   . HOH D 3 .  ? -6.370  -10.330 -1.833  1.00 35.87  ? 1073 HOH A O   1 
HETATM 1614 O O   . HOH D 3 .  ? -5.474  -2.476  -4.550  1.00 39.24  ? 1076 HOH A O   1 
HETATM 1615 O O   . HOH D 3 .  ? -2.312  -14.287 -9.654  0.50 23.87  ? 1078 HOH A O   1 
HETATM 1616 O O   . HOH D 3 .  ? 10.971  -13.174 13.075  0.50 37.27  ? 1079 HOH A O   1 
HETATM 1617 O O   . HOH D 3 .  ? -9.007  -9.650  13.648  0.50 34.69  ? 1081 HOH A O   1 
HETATM 1618 O O   . HOH D 3 .  ? 4.765   -23.429 -5.567  0.50 16.43  ? 1085 HOH A O   1 
HETATM 1619 O O   . HOH E 3 .  ? -11.953 -11.418 9.905   1.00 11.73  ? 1002 HOH B O   1 
HETATM 1620 O O   . HOH E 3 .  ? 0.964   15.942  5.004   1.00 10.13  ? 1003 HOH B O   1 
HETATM 1621 O O   . HOH E 3 .  ? -8.543  -8.492  7.523   1.00 20.17  ? 1004 HOH B O   1 
HETATM 1622 O O   . HOH E 3 .  ? -13.301 -6.694  4.079   1.00 24.86  ? 1006 HOH B O   1 
HETATM 1623 O O   . HOH E 3 .  ? 11.830  14.353  -5.028  1.00 28.40  ? 1007 HOH B O   1 
HETATM 1624 O O   . HOH E 3 .  ? -1.033  6.123   12.850  1.00 28.71  ? 1009 HOH B O   1 
HETATM 1625 O O   . HOH E 3 .  ? -7.824  22.793  -0.042  1.00 25.97  ? 1010 HOH B O   1 
HETATM 1626 O O   . HOH E 3 .  ? -13.465 -2.171  2.853   1.00 32.97  ? 1011 HOH B O   1 
HETATM 1627 O O   . HOH E 3 .  ? -1.716  20.827  7.193   1.00 21.93  ? 1013 HOH B O   1 
HETATM 1628 O O   . HOH E 3 .  ? -11.973 -6.351  -3.715  1.00 35.18  ? 1018 HOH B O   1 
HETATM 1629 O O   . HOH E 3 .  ? 10.878  2.351   -7.240  1.00 28.51  ? 1019 HOH B O   1 
HETATM 1630 O O   . HOH E 3 .  ? 6.482   26.290  -5.675  1.00 36.18  ? 1020 HOH B O   1 
HETATM 1631 O O   . HOH E 3 .  ? -11.376 -3.595  3.026   1.00 21.07  ? 1022 HOH B O   1 
HETATM 1632 O O   . HOH E 3 .  ? 0.866   20.061  3.664   1.00 29.85  ? 1024 HOH B O   1 
HETATM 1633 O O   . HOH E 3 .  ? -19.608 14.945  -5.718  0.50 21.03  ? 1026 HOH B O   1 
HETATM 1634 O O   . HOH E 3 .  ? 0.526   24.243  -2.373  1.00 43.79  ? 1027 HOH B O   1 
HETATM 1635 O O   . HOH E 3 .  ? -12.472 14.961  11.896  1.00 46.13  ? 1028 HOH B O   1 
HETATM 1636 O O   . HOH E 3 .  ? 6.011   15.140  1.295   0.50 37.61  ? 1031 HOH B O   1 
HETATM 1637 O O   . HOH E 3 .  ? -10.544 20.627  -1.103  1.00 31.27  ? 1035 HOH B O   1 
HETATM 1638 O O   . HOH E 3 .  ? 4.083   10.232  5.421   0.50 12.78  ? 1036 HOH B O   1 
HETATM 1639 O O   . HOH E 3 .  ? -5.250  8.593   -13.881 1.00 39.27  ? 1040 HOH B O   1 
HETATM 1640 O O   . HOH E 3 .  ? 0.706   20.297  7.058   1.00 38.23  ? 1041 HOH B O   1 
HETATM 1641 O O   . HOH E 3 .  ? 0.415   14.730  7.727   0.50 23.83  ? 1043 HOH B O   1 
HETATM 1642 O O   . HOH E 3 .  ? 1.707   12.735  9.100   0.50 21.60  ? 1046 HOH B O   1 
HETATM 1643 O O   . HOH E 3 .  ? -17.942 8.818   -5.649  1.00 46.21  ? 1050 HOH B O   1 
HETATM 1644 O O   . HOH E 3 .  ? -5.019  23.509  -10.842 0.50 29.03  ? 1053 HOH B O   1 
HETATM 1645 O O   . HOH E 3 .  ? 8.860   27.279  -6.364  1.00 32.50  ? 1054 HOH B O   1 
HETATM 1646 O O   . HOH E 3 .  ? 9.034   17.715  -3.573  0.50 22.55  ? 1056 HOH B O   1 
HETATM 1647 O O   . HOH E 3 .  ? -13.416 0.778   3.687   0.50 25.93  ? 1059 HOH B O   1 
HETATM 1648 O O   . HOH E 3 .  ? -14.445 19.964  -0.335  0.50 12.44  ? 1062 HOH B O   1 
HETATM 1649 O O   . HOH E 3 .  ? -16.377 6.075   3.052   0.50 11.18  ? 1063 HOH B O   1 
HETATM 1650 O O   . HOH E 3 .  ? -8.870  21.988  -1.974  0.50 20.97  ? 1064 HOH B O   1 
HETATM 1651 O O   . HOH E 3 .  ? -20.969 19.955  -1.022  1.00 29.59  ? 1065 HOH B O   1 
HETATM 1652 O O   . HOH E 3 .  ? 4.624   3.223   3.994   1.00 28.31  ? 1066 HOH B O   1 
HETATM 1653 O O   . HOH E 3 .  ? -4.813  29.330  -6.908  1.00 37.24  ? 1069 HOH B O   1 
HETATM 1654 O O   . HOH E 3 .  ? -13.273 8.361   -7.869  1.00 37.53  ? 1070 HOH B O   1 
HETATM 1655 O O   . HOH E 3 .  ? 0.196   28.218  -3.100  0.50 25.78  ? 1074 HOH B O   1 
HETATM 1656 O O   . HOH E 3 .  ? -10.852 10.174  -9.005  0.50 23.24  ? 1075 HOH B O   1 
HETATM 1657 O O   . HOH E 3 .  ? -1.852  7.337   16.021  0.50 24.80  ? 1077 HOH B O   1 
HETATM 1658 O O   . HOH E 3 .  ? 7.247   10.819  0.338   0.50 26.67  ? 1080 HOH B O   1 
HETATM 1659 O O   . HOH E 3 .  ? -6.599  3.776   15.583  0.50 25.53  ? 1082 HOH B O   1 
HETATM 1660 O O   . HOH E 3 .  ? 13.137  18.593  -11.634 0.50 51.46  ? 1083 HOH B O   1 
HETATM 1661 O O   . HOH E 3 .  ? 3.064   14.527  9.512   0.50 42.95  ? 1084 HOH B O   1 
# 
loop_
_pdbx_poly_seq_scheme.asym_id 
_pdbx_poly_seq_scheme.entity_id 
_pdbx_poly_seq_scheme.seq_id 
_pdbx_poly_seq_scheme.mon_id 
_pdbx_poly_seq_scheme.ndb_seq_num 
_pdbx_poly_seq_scheme.pdb_seq_num 
_pdbx_poly_seq_scheme.auth_seq_num 
_pdbx_poly_seq_scheme.pdb_mon_id 
_pdbx_poly_seq_scheme.auth_mon_id 
_pdbx_poly_seq_scheme.pdb_strand_id 
_pdbx_poly_seq_scheme.pdb_ins_code 
_pdbx_poly_seq_scheme.hetero 
A 1 1  PRO 1  1   1   PRO PRO A . n 
A 1 2  GLN 2  2   2   GLN GLN A . n 
A 1 3  ILE 3  3   3   ILE ILE A . n 
A 1 4  THR 4  4   4   THR THR A . n 
A 1 5  LEU 5  5   5   LEU LEU A . n 
A 1 6  TRP 6  6   6   TRP TRP A . n 
A 1 7  LYS 7  7   7   LYS LYS A . n 
A 1 8  ARG 8  8   8   ARG ARG A . n 
A 1 9  PRO 9  9   9   PRO PRO A . n 
A 1 10 LEU 10 10  10  LEU LEU A . n 
A 1 11 VAL 11 11  11  VAL VAL A . n 
A 1 12 THR 12 12  12  THR THR A . n 
A 1 13 ILE 13 13  13  ILE ILE A . n 
A 1 14 LYS 14 14  14  LYS LYS A . n 
A 1 15 ILE 15 15  15  ILE ILE A . n 
A 1 16 GLY 16 16  16  GLY GLY A . n 
A 1 17 GLY 17 17  17  GLY GLY A . n 
A 1 18 GLN 18 18  18  GLN GLN A . n 
A 1 19 LEU 19 19  19  LEU LEU A . n 
A 1 20 LYS 20 20  20  LYS LYS A . n 
A 1 21 GLU 21 21  21  GLU GLU A . n 
A 1 22 ALA 22 22  22  ALA ALA A . n 
A 1 23 LEU 23 23  23  LEU LEU A . n 
A 1 24 LEU 24 24  24  LEU LEU A . n 
A 1 25 ASP 25 25  25  ASP ASP A . n 
A 1 26 THR 26 26  26  THR THR A . n 
A 1 27 GLY 27 27  27  GLY GLY A . n 
A 1 28 ALA 28 28  28  ALA ALA A . n 
A 1 29 ASP 29 29  29  ASP ASP A . n 
A 1 30 ASP 30 30  30  ASP ASP A . n 
A 1 31 THR 31 31  31  THR THR A . n 
A 1 32 VAL 32 32  32  VAL VAL A . n 
A 1 33 ILE 33 33  33  ILE ILE A . n 
A 1 34 GLU 34 34  34  GLU GLU A . n 
A 1 35 GLU 35 35  35  GLU GLU A . n 
A 1 36 MET 36 36  36  MET MET A . n 
A 1 37 SER 37 37  37  SER SER A . n 
A 1 38 LEU 38 38  38  LEU LEU A . n 
A 1 39 PRO 39 39  39  PRO PRO A . n 
A 1 40 GLY 40 40  40  GLY GLY A . n 
A 1 41 ARG 41 41  41  ARG ARG A . n 
A 1 42 TRP 42 42  42  TRP TRP A . n 
A 1 43 LYS 43 43  43  LYS LYS A . n 
A 1 44 PRO 44 44  44  PRO PRO A . n 
A 1 45 LYS 45 45  45  LYS LYS A . n 
A 1 46 MET 46 46  46  MET MET A . n 
A 1 47 ILE 47 47  47  ILE ILE A . n 
A 1 48 GLY 48 48  48  GLY GLY A . n 
A 1 49 GLY 49 49  49  GLY GLY A . n 
A 1 50 ILE 50 50  50  ILE ILE A . n 
A 1 51 GLY 51 51  51  GLY GLY A . n 
A 1 52 GLY 52 52  52  GLY GLY A . n 
A 1 53 PHE 53 53  53  PHE PHE A . n 
A 1 54 ILE 54 54  54  ILE ILE A . n 
A 1 55 LYS 55 55  55  LYS LYS A . n 
A 1 56 VAL 56 56  56  VAL VAL A . n 
A 1 57 ARG 57 57  57  ARG ARG A . n 
A 1 58 GLN 58 58  58  GLN GLN A . n 
A 1 59 TYR 59 59  59  TYR TYR A . n 
A 1 60 ASP 60 60  60  ASP ASP A . n 
A 1 61 GLN 61 61  61  GLN GLN A . n 
A 1 62 ILE 62 62  62  ILE ILE A . n 
A 1 63 ILE 63 63  63  ILE ILE A . n 
A 1 64 ILE 64 64  64  ILE ILE A . n 
A 1 65 GLU 65 65  65  GLU GLU A . n 
A 1 66 ILE 66 66  66  ILE ILE A . n 
A 1 67 ALA 67 67  67  ALA ALA A . n 
A 1 68 GLY 68 68  68  GLY GLY A . n 
A 1 69 HIS 69 69  69  HIS HIS A . n 
A 1 70 LYS 70 70  70  LYS LYS A . n 
A 1 71 ALA 71 71  71  ALA ALA A . n 
A 1 72 ILE 72 72  72  ILE ILE A . n 
A 1 73 GLY 73 73  73  GLY GLY A . n 
A 1 74 THR 74 74  74  THR THR A . n 
A 1 75 VAL 75 75  75  VAL VAL A . n 
A 1 76 LEU 76 76  76  LEU LEU A . n 
A 1 77 VAL 77 77  77  VAL VAL A . n 
A 1 78 GLY 78 78  78  GLY GLY A . n 
A 1 79 PRO 79 79  79  PRO PRO A . n 
A 1 80 THR 80 80  80  THR THR A . n 
A 1 81 PRO 81 81  81  PRO PRO A . n 
A 1 82 VAL 82 82  82  VAL VAL A . n 
A 1 83 ASN 83 83  83  ASN ASN A . n 
A 1 84 ILE 84 84  84  ILE ILE A . n 
A 1 85 ILE 85 85  85  ILE ILE A . n 
A 1 86 ALA 86 86  86  ALA ALA A . n 
A 1 87 ARG 87 87  87  ARG ARG A . n 
A 1 88 ASN 88 88  88  ASN ASN A . n 
A 1 89 LEU 89 89  89  LEU LEU A . n 
A 1 90 LEU 90 90  90  LEU LEU A . n 
A 1 91 THR 91 91  91  THR THR A . n 
A 1 92 GLN 92 92  92  GLN GLN A . n 
A 1 93 ILE 93 93  93  ILE ILE A . n 
A 1 94 GLY 94 94  94  GLY GLY A . n 
A 1 95 ALA 95 95  95  ALA ALA A . n 
A 1 96 THR 96 96  96  THR THR A . n 
A 1 97 LEU 97 97  97  LEU LEU A . n 
A 1 98 ASN 98 98  98  ASN ASN A . n 
A 1 99 PHE 99 99  99  PHE PHE A . n 
B 1 1  PRO 1  101 101 PRO PRO B . n 
B 1 2  GLN 2  102 102 GLN GLN B . n 
B 1 3  ILE 3  103 103 ILE ILE B . n 
B 1 4  THR 4  104 104 THR THR B . n 
B 1 5  LEU 5  105 105 LEU LEU B . n 
B 1 6  TRP 6  106 106 TRP TRP B . n 
B 1 7  LYS 7  107 107 LYS LYS B . n 
B 1 8  ARG 8  108 108 ARG ARG B . n 
B 1 9  PRO 9  109 109 PRO PRO B . n 
B 1 10 LEU 10 110 110 LEU LEU B . n 
B 1 11 VAL 11 111 111 VAL VAL B . n 
B 1 12 THR 12 112 112 THR THR B . n 
B 1 13 ILE 13 113 113 ILE ILE B . n 
B 1 14 LYS 14 114 114 LYS LYS B . n 
B 1 15 ILE 15 115 115 ILE ILE B . n 
B 1 16 GLY 16 116 116 GLY GLY B . n 
B 1 17 GLY 17 117 117 GLY GLY B . n 
B 1 18 GLN 18 118 118 GLN GLN B . n 
B 1 19 LEU 19 119 119 LEU LEU B . n 
B 1 20 LYS 20 120 120 LYS LYS B . n 
B 1 21 GLU 21 121 121 GLU GLU B . n 
B 1 22 ALA 22 122 122 ALA ALA B . n 
B 1 23 LEU 23 123 123 LEU LEU B . n 
B 1 24 LEU 24 124 124 LEU LEU B . n 
B 1 25 ASP 25 125 125 ASP ASP B . n 
B 1 26 THR 26 126 126 THR THR B . n 
B 1 27 GLY 27 127 127 GLY GLY B . n 
B 1 28 ALA 28 128 128 ALA ALA B . n 
B 1 29 ASP 29 129 129 ASP ASP B . n 
B 1 30 ASP 30 130 130 ASP ASP B . n 
B 1 31 THR 31 131 131 THR THR B . n 
B 1 32 VAL 32 132 132 VAL VAL B . n 
B 1 33 ILE 33 133 133 ILE ILE B . n 
B 1 34 GLU 34 134 134 GLU GLU B . n 
B 1 35 GLU 35 135 135 GLU GLU B . n 
B 1 36 MET 36 136 136 MET MET B . n 
B 1 37 SER 37 137 137 SER SER B . n 
B 1 38 LEU 38 138 138 LEU LEU B . n 
B 1 39 PRO 39 139 139 PRO PRO B . n 
B 1 40 GLY 40 140 140 GLY GLY B . n 
B 1 41 ARG 41 141 141 ARG ARG B . n 
B 1 42 TRP 42 142 142 TRP TRP B . n 
B 1 43 LYS 43 143 143 LYS LYS B . n 
B 1 44 PRO 44 144 144 PRO PRO B . n 
B 1 45 LYS 45 145 145 LYS LYS B . n 
B 1 46 MET 46 146 146 MET MET B . n 
B 1 47 ILE 47 147 147 ILE ILE B . n 
B 1 48 GLY 48 148 148 GLY GLY B . n 
B 1 49 GLY 49 149 149 GLY GLY B . n 
B 1 50 ILE 50 150 150 ILE ILE B . n 
B 1 51 GLY 51 151 151 GLY GLY B . n 
B 1 52 GLY 52 152 152 GLY GLY B . n 
B 1 53 PHE 53 153 153 PHE PHE B . n 
B 1 54 ILE 54 154 154 ILE ILE B . n 
B 1 55 LYS 55 155 155 LYS LYS B . n 
B 1 56 VAL 56 156 156 VAL VAL B . n 
B 1 57 ARG 57 157 157 ARG ARG B . n 
B 1 58 GLN 58 158 158 GLN GLN B . n 
B 1 59 TYR 59 159 159 TYR TYR B . n 
B 1 60 ASP 60 160 160 ASP ASP B . n 
B 1 61 GLN 61 161 161 GLN GLN B . n 
B 1 62 ILE 62 162 162 ILE ILE B . n 
B 1 63 ILE 63 163 163 ILE ILE B . n 
B 1 64 ILE 64 164 164 ILE ILE B . n 
B 1 65 GLU 65 165 165 GLU GLU B . n 
B 1 66 ILE 66 166 166 ILE ILE B . n 
B 1 67 ALA 67 167 167 ALA ALA B . n 
B 1 68 GLY 68 168 168 GLY GLY B . n 
B 1 69 HIS 69 169 169 HIS HIS B . n 
B 1 70 LYS 70 170 170 LYS LYS B . n 
B 1 71 ALA 71 171 171 ALA ALA B . n 
B 1 72 ILE 72 172 172 ILE ILE B . n 
B 1 73 GLY 73 173 173 GLY GLY B . n 
B 1 74 THR 74 174 174 THR THR B . n 
B 1 75 VAL 75 175 175 VAL VAL B . n 
B 1 76 LEU 76 176 176 LEU LEU B . n 
B 1 77 VAL 77 177 177 VAL VAL B . n 
B 1 78 GLY 78 178 178 GLY GLY B . n 
B 1 79 PRO 79 179 179 PRO PRO B . n 
B 1 80 THR 80 180 180 THR THR B . n 
B 1 81 PRO 81 181 181 PRO PRO B . n 
B 1 82 VAL 82 182 182 VAL VAL B . n 
B 1 83 ASN 83 183 183 ASN ASN B . n 
B 1 84 ILE 84 184 184 ILE ILE B . n 
B 1 85 ILE 85 185 185 ILE ILE B . n 
B 1 86 ALA 86 186 186 ALA ALA B . n 
B 1 87 ARG 87 187 187 ARG ARG B . n 
B 1 88 ASN 88 188 188 ASN ASN B . n 
B 1 89 LEU 89 189 189 LEU LEU B . n 
B 1 90 LEU 90 190 190 LEU LEU B . n 
B 1 91 THR 91 191 191 THR THR B . n 
B 1 92 GLN 92 192 192 GLN GLN B . n 
B 1 93 ILE 93 193 193 ILE ILE B . n 
B 1 94 GLY 94 194 194 GLY GLY B . n 
B 1 95 ALA 95 195 195 ALA ALA B . n 
B 1 96 THR 96 196 196 THR THR B . n 
B 1 97 LEU 97 197 197 LEU LEU B . n 
B 1 98 ASN 98 198 198 ASN ASN B . n 
B 1 99 PHE 99 199 199 PHE PHE B . n 
# 
loop_
_pdbx_nonpoly_scheme.asym_id 
_pdbx_nonpoly_scheme.entity_id 
_pdbx_nonpoly_scheme.mon_id 
_pdbx_nonpoly_scheme.ndb_seq_num 
_pdbx_nonpoly_scheme.pdb_seq_num 
_pdbx_nonpoly_scheme.auth_seq_num 
_pdbx_nonpoly_scheme.pdb_mon_id 
_pdbx_nonpoly_scheme.auth_mon_id 
_pdbx_nonpoly_scheme.pdb_strand_id 
_pdbx_nonpoly_scheme.pdb_ins_code 
C 2 DMP 1  323  323  DMP DMP A . 
D 3 HOH 1  1001 1001 HOH HOH A . 
D 3 HOH 2  1005 1005 HOH HOH A . 
D 3 HOH 3  1008 1008 HOH HOH A . 
D 3 HOH 4  1012 1012 HOH HOH A . 
D 3 HOH 5  1014 1014 HOH HOH A . 
D 3 HOH 6  1015 1015 HOH HOH A . 
D 3 HOH 7  1016 1016 HOH HOH A . 
D 3 HOH 8  1017 1017 HOH HOH A . 
D 3 HOH 9  1021 1021 HOH HOH A . 
D 3 HOH 10 1023 1023 HOH HOH A . 
D 3 HOH 11 1025 1025 HOH HOH A . 
D 3 HOH 12 1029 1029 HOH HOH A . 
D 3 HOH 13 1030 1030 HOH HOH A . 
D 3 HOH 14 1032 1032 HOH HOH A . 
D 3 HOH 15 1033 1033 HOH HOH A . 
D 3 HOH 16 1034 1034 HOH HOH A . 
D 3 HOH 17 1037 1037 HOH HOH A . 
D 3 HOH 18 1038 1038 HOH HOH A . 
D 3 HOH 19 1039 1039 HOH HOH A . 
D 3 HOH 20 1042 1042 HOH HOH A . 
D 3 HOH 21 1044 1044 HOH HOH A . 
D 3 HOH 22 1045 1045 HOH HOH A . 
D 3 HOH 23 1047 1047 HOH HOH A . 
D 3 HOH 24 1048 1048 HOH HOH A . 
D 3 HOH 25 1049 1049 HOH HOH A . 
D 3 HOH 26 1051 1051 HOH HOH A . 
D 3 HOH 27 1052 1052 HOH HOH A . 
D 3 HOH 28 1055 1055 HOH HOH A . 
D 3 HOH 29 1057 1057 HOH HOH A . 
D 3 HOH 30 1058 1058 HOH HOH A . 
D 3 HOH 31 1060 1060 HOH HOH A . 
D 3 HOH 32 1061 1061 HOH HOH A . 
D 3 HOH 33 1067 1067 HOH HOH A . 
D 3 HOH 34 1068 1068 HOH HOH A . 
D 3 HOH 35 1071 1071 HOH HOH A . 
D 3 HOH 36 1072 1072 HOH HOH A . 
D 3 HOH 37 1073 1073 HOH HOH A . 
D 3 HOH 38 1076 1076 HOH HOH A . 
D 3 HOH 39 1078 1078 HOH HOH A . 
D 3 HOH 40 1079 1079 HOH HOH A . 
D 3 HOH 41 1081 1081 HOH HOH A . 
D 3 HOH 42 1085 1085 HOH HOH A . 
E 3 HOH 1  1002 1002 HOH HOH B . 
E 3 HOH 2  1003 1003 HOH HOH B . 
E 3 HOH 3  1004 1004 HOH HOH B . 
E 3 HOH 4  1006 1006 HOH HOH B . 
E 3 HOH 5  1007 1007 HOH HOH B . 
E 3 HOH 6  1009 1009 HOH HOH B . 
E 3 HOH 7  1010 1010 HOH HOH B . 
E 3 HOH 8  1011 1011 HOH HOH B . 
E 3 HOH 9  1013 1013 HOH HOH B . 
E 3 HOH 10 1018 1018 HOH HOH B . 
E 3 HOH 11 1019 1019 HOH HOH B . 
E 3 HOH 12 1020 1020 HOH HOH B . 
E 3 HOH 13 1022 1022 HOH HOH B . 
E 3 HOH 14 1024 1024 HOH HOH B . 
E 3 HOH 15 1026 1026 HOH HOH B . 
E 3 HOH 16 1027 1027 HOH HOH B . 
E 3 HOH 17 1028 1028 HOH HOH B . 
E 3 HOH 18 1031 1031 HOH HOH B . 
E 3 HOH 19 1035 1035 HOH HOH B . 
E 3 HOH 20 1036 1036 HOH HOH B . 
E 3 HOH 21 1040 1040 HOH HOH B . 
E 3 HOH 22 1041 1041 HOH HOH B . 
E 3 HOH 23 1043 1043 HOH HOH B . 
E 3 HOH 24 1046 1046 HOH HOH B . 
E 3 HOH 25 1050 1050 HOH HOH B . 
E 3 HOH 26 1053 1053 HOH HOH B . 
E 3 HOH 27 1054 1054 HOH HOH B . 
E 3 HOH 28 1056 1056 HOH HOH B . 
E 3 HOH 29 1059 1059 HOH HOH B . 
E 3 HOH 30 1062 1062 HOH HOH B . 
E 3 HOH 31 1063 1063 HOH HOH B . 
E 3 HOH 32 1064 1064 HOH HOH B . 
E 3 HOH 33 1065 1065 HOH HOH B . 
E 3 HOH 34 1066 1066 HOH HOH B . 
E 3 HOH 35 1069 1069 HOH HOH B . 
E 3 HOH 36 1070 1070 HOH HOH B . 
E 3 HOH 37 1074 1074 HOH HOH B . 
E 3 HOH 38 1075 1075 HOH HOH B . 
E 3 HOH 39 1077 1077 HOH HOH B . 
E 3 HOH 40 1080 1080 HOH HOH B . 
E 3 HOH 41 1082 1082 HOH HOH B . 
E 3 HOH 42 1083 1083 HOH HOH B . 
E 3 HOH 43 1084 1084 HOH HOH B . 
# 
_pdbx_struct_assembly.id                   1 
_pdbx_struct_assembly.details              author_and_software_defined_assembly 
_pdbx_struct_assembly.method_details       PISA 
_pdbx_struct_assembly.oligomeric_details   dimeric 
_pdbx_struct_assembly.oligomeric_count     2 
# 
_pdbx_struct_assembly_gen.assembly_id       1 
_pdbx_struct_assembly_gen.oper_expression   1 
_pdbx_struct_assembly_gen.asym_id_list      A,B,C,D,E 
# 
loop_
_pdbx_struct_assembly_prop.biol_id 
_pdbx_struct_assembly_prop.type 
_pdbx_struct_assembly_prop.value 
_pdbx_struct_assembly_prop.details 
1 'ABSA (A^2)' 4880 ? 
1 MORE         -36  ? 
1 'SSA (A^2)'  9370 ? 
# 
_pdbx_struct_oper_list.id                   1 
_pdbx_struct_oper_list.type                 'identity operation' 
_pdbx_struct_oper_list.name                 1_555 
_pdbx_struct_oper_list.symmetry_operation   x,y,z 
_pdbx_struct_oper_list.matrix[1][1]         1.0000000000 
_pdbx_struct_oper_list.matrix[1][2]         0.0000000000 
_pdbx_struct_oper_list.matrix[1][3]         0.0000000000 
_pdbx_struct_oper_list.vector[1]            0.0000000000 
_pdbx_struct_oper_list.matrix[2][1]         0.0000000000 
_pdbx_struct_oper_list.matrix[2][2]         1.0000000000 
_pdbx_struct_oper_list.matrix[2][3]         0.0000000000 
_pdbx_struct_oper_list.vector[2]            0.0000000000 
_pdbx_struct_oper_list.matrix[3][1]         0.0000000000 
_pdbx_struct_oper_list.matrix[3][2]         0.0000000000 
_pdbx_struct_oper_list.matrix[3][3]         1.0000000000 
_pdbx_struct_oper_list.vector[3]            0.0000000000 
# 
loop_
_pdbx_audit_revision_history.ordinal 
_pdbx_audit_revision_history.data_content_type 
_pdbx_audit_revision_history.major_revision 
_pdbx_audit_revision_history.minor_revision 
_pdbx_audit_revision_history.revision_date 
1 'Structure model' 1 0 2009-12-08 
2 'Structure model' 1 1 2011-07-13 
3 'Structure model' 1 2 2017-11-01 
4 'Structure model' 1 3 2021-10-13 
5 'Structure model' 1 4 2023-09-06 
# 
_pdbx_audit_revision_details.ordinal             1 
_pdbx_audit_revision_details.revision_ordinal    1 
_pdbx_audit_revision_details.data_content_type   'Structure model' 
_pdbx_audit_revision_details.provider            repository 
_pdbx_audit_revision_details.type                'Initial release' 
_pdbx_audit_revision_details.description         ? 
_pdbx_audit_revision_details.details             ? 
# 
loop_
_pdbx_audit_revision_group.ordinal 
_pdbx_audit_revision_group.revision_ordinal 
_pdbx_audit_revision_group.data_content_type 
_pdbx_audit_revision_group.group 
1 2 'Structure model' 'Version format compliance' 
2 3 'Structure model' 'Refinement description'    
3 4 'Structure model' 'Database references'       
4 4 'Structure model' 'Derived calculations'      
5 4 'Structure model' 'Structure summary'         
6 5 'Structure model' 'Data collection'           
7 5 'Structure model' 'Refinement description'    
# 
loop_
_pdbx_audit_revision_category.ordinal 
_pdbx_audit_revision_category.revision_ordinal 
_pdbx_audit_revision_category.data_content_type 
_pdbx_audit_revision_category.category 
1  3 'Structure model' software                      
2  4 'Structure model' chem_comp                     
3  4 'Structure model' database_2                    
4  4 'Structure model' entity                        
5  4 'Structure model' pdbx_entity_nonpoly           
6  4 'Structure model' struct_ref_seq_dif            
7  4 'Structure model' struct_site                   
8  5 'Structure model' chem_comp_atom                
9  5 'Structure model' chem_comp_bond                
10 5 'Structure model' pdbx_initial_refinement_model 
# 
loop_
_pdbx_audit_revision_item.ordinal 
_pdbx_audit_revision_item.revision_ordinal 
_pdbx_audit_revision_item.data_content_type 
_pdbx_audit_revision_item.item 
1  3 'Structure model' '_software.name'                      
2  4 'Structure model' '_chem_comp.name'                     
3  4 'Structure model' '_database_2.pdbx_DOI'                
4  4 'Structure model' '_database_2.pdbx_database_accession' 
5  4 'Structure model' '_entity.pdbx_description'            
6  4 'Structure model' '_pdbx_entity_nonpoly.name'           
7  4 'Structure model' '_struct_ref_seq_dif.details'         
8  4 'Structure model' '_struct_site.pdbx_auth_asym_id'      
9  4 'Structure model' '_struct_site.pdbx_auth_comp_id'      
10 4 'Structure model' '_struct_site.pdbx_auth_seq_id'       
# 
loop_
_software.name 
_software.classification 
_software.version 
_software.citation_id 
_software.pdbx_ordinal 
MAR345    'data collection' . ? 1 
AMoRE     phasing           . ? 2 
SHELXL-97 refinement        . ? 3 
HKL-2000  'data reduction'  . ? 4 
HKL-2000  'data scaling'    . ? 5 
# 
_pdbx_validate_rmsd_angle.id                         1 
_pdbx_validate_rmsd_angle.PDB_model_num              1 
_pdbx_validate_rmsd_angle.auth_atom_id_1             CD 
_pdbx_validate_rmsd_angle.auth_asym_id_1             A 
_pdbx_validate_rmsd_angle.auth_comp_id_1             ARG 
_pdbx_validate_rmsd_angle.auth_seq_id_1              57 
_pdbx_validate_rmsd_angle.PDB_ins_code_1             ? 
_pdbx_validate_rmsd_angle.label_alt_id_1             ? 
_pdbx_validate_rmsd_angle.auth_atom_id_2             NE 
_pdbx_validate_rmsd_angle.auth_asym_id_2             A 
_pdbx_validate_rmsd_angle.auth_comp_id_2             ARG 
_pdbx_validate_rmsd_angle.auth_seq_id_2              57 
_pdbx_validate_rmsd_angle.PDB_ins_code_2             ? 
_pdbx_validate_rmsd_angle.label_alt_id_2             ? 
_pdbx_validate_rmsd_angle.auth_atom_id_3             CZ 
_pdbx_validate_rmsd_angle.auth_asym_id_3             A 
_pdbx_validate_rmsd_angle.auth_comp_id_3             ARG 
_pdbx_validate_rmsd_angle.auth_seq_id_3              57 
_pdbx_validate_rmsd_angle.PDB_ins_code_3             ? 
_pdbx_validate_rmsd_angle.label_alt_id_3             ? 
_pdbx_validate_rmsd_angle.angle_value                133.35 
_pdbx_validate_rmsd_angle.angle_target_value         123.60 
_pdbx_validate_rmsd_angle.angle_deviation            9.75 
_pdbx_validate_rmsd_angle.angle_standard_deviation   1.40 
_pdbx_validate_rmsd_angle.linker_flag                N 
# 
loop_
_chem_comp_atom.comp_id 
_chem_comp_atom.atom_id 
_chem_comp_atom.type_symbol 
_chem_comp_atom.pdbx_aromatic_flag 
_chem_comp_atom.pdbx_stereo_config 
_chem_comp_atom.pdbx_ordinal 
ALA N    N N N 1   
ALA CA   C N S 2   
ALA C    C N N 3   
ALA O    O N N 4   
ALA CB   C N N 5   
ALA OXT  O N N 6   
ALA H    H N N 7   
ALA H2   H N N 8   
ALA HA   H N N 9   
ALA HB1  H N N 10  
ALA HB2  H N N 11  
ALA HB3  H N N 12  
ALA HXT  H N N 13  
ARG N    N N N 14  
ARG CA   C N S 15  
ARG C    C N N 16  
ARG O    O N N 17  
ARG CB   C N N 18  
ARG CG   C N N 19  
ARG CD   C N N 20  
ARG NE   N N N 21  
ARG CZ   C N N 22  
ARG NH1  N N N 23  
ARG NH2  N N N 24  
ARG OXT  O N N 25  
ARG H    H N N 26  
ARG H2   H N N 27  
ARG HA   H N N 28  
ARG HB2  H N N 29  
ARG HB3  H N N 30  
ARG HG2  H N N 31  
ARG HG3  H N N 32  
ARG HD2  H N N 33  
ARG HD3  H N N 34  
ARG HE   H N N 35  
ARG HH11 H N N 36  
ARG HH12 H N N 37  
ARG HH21 H N N 38  
ARG HH22 H N N 39  
ARG HXT  H N N 40  
ASN N    N N N 41  
ASN CA   C N S 42  
ASN C    C N N 43  
ASN O    O N N 44  
ASN CB   C N N 45  
ASN CG   C N N 46  
ASN OD1  O N N 47  
ASN ND2  N N N 48  
ASN OXT  O N N 49  
ASN H    H N N 50  
ASN H2   H N N 51  
ASN HA   H N N 52  
ASN HB2  H N N 53  
ASN HB3  H N N 54  
ASN HD21 H N N 55  
ASN HD22 H N N 56  
ASN HXT  H N N 57  
ASP N    N N N 58  
ASP CA   C N S 59  
ASP C    C N N 60  
ASP O    O N N 61  
ASP CB   C N N 62  
ASP CG   C N N 63  
ASP OD1  O N N 64  
ASP OD2  O N N 65  
ASP OXT  O N N 66  
ASP H    H N N 67  
ASP H2   H N N 68  
ASP HA   H N N 69  
ASP HB2  H N N 70  
ASP HB3  H N N 71  
ASP HD2  H N N 72  
ASP HXT  H N N 73  
CYS N    N N N 74  
CYS CA   C N R 75  
CYS C    C N N 76  
CYS O    O N N 77  
CYS CB   C N N 78  
CYS SG   S N N 79  
CYS OXT  O N N 80  
CYS H    H N N 81  
CYS H2   H N N 82  
CYS HA   H N N 83  
CYS HB2  H N N 84  
CYS HB3  H N N 85  
CYS HG   H N N 86  
CYS HXT  H N N 87  
DMP C1   C N N 88  
DMP C3   C N R 89  
DMP C4   C N S 90  
DMP C5   C N S 91  
DMP C6   C N R 92  
DMP C20  C N N 93  
DMP C21  C Y N 94  
DMP C22  C Y N 95  
DMP C23  C Y N 96  
DMP C24  C Y N 97  
DMP C25  C Y N 98  
DMP C26  C Y N 99  
DMP C27  C N N 100 
DMP C30  C N N 101 
DMP C31  C Y N 102 
DMP C32  C Y N 103 
DMP C33  C Y N 104 
DMP C34  C Y N 105 
DMP C35  C Y N 106 
DMP C36  C Y N 107 
DMP C60  C N N 108 
DMP C61  C Y N 109 
DMP C62  C Y N 110 
DMP C63  C Y N 111 
DMP C64  C Y N 112 
DMP C65  C Y N 113 
DMP C66  C Y N 114 
DMP C70  C N N 115 
DMP C71  C Y N 116 
DMP C72  C Y N 117 
DMP C73  C Y N 118 
DMP C74  C Y N 119 
DMP C75  C Y N 120 
DMP C76  C Y N 121 
DMP C77  C N N 122 
DMP N2   N N N 123 
DMP N7   N N N 124 
DMP O1   O N N 125 
DMP O4   O N N 126 
DMP O5   O N N 127 
DMP O27  O N N 128 
DMP O77  O N N 129 
DMP H3   H N N 130 
DMP H4   H N N 131 
DMP H5   H N N 132 
DMP H6   H N N 133 
DMP H201 H N N 134 
DMP H202 H N N 135 
DMP H22  H N N 136 
DMP H23  H N N 137 
DMP H25  H N N 138 
DMP H26  H N N 139 
DMP H271 H N N 140 
DMP H272 H N N 141 
DMP H301 H N N 142 
DMP H302 H N N 143 
DMP H32  H N N 144 
DMP H33  H N N 145 
DMP H34  H N N 146 
DMP H35  H N N 147 
DMP H36  H N N 148 
DMP H601 H N N 149 
DMP H602 H N N 150 
DMP H62  H N N 151 
DMP H63  H N N 152 
DMP H64  H N N 153 
DMP H65  H N N 154 
DMP H66  H N N 155 
DMP H701 H N N 156 
DMP H702 H N N 157 
DMP H72  H N N 158 
DMP H73  H N N 159 
DMP H75  H N N 160 
DMP H76  H N N 161 
DMP H771 H N N 162 
DMP H772 H N N 163 
DMP HO4  H N N 164 
DMP HO5  H N N 165 
DMP HO27 H N N 166 
DMP HO77 H N N 167 
GLN N    N N N 168 
GLN CA   C N S 169 
GLN C    C N N 170 
GLN O    O N N 171 
GLN CB   C N N 172 
GLN CG   C N N 173 
GLN CD   C N N 174 
GLN OE1  O N N 175 
GLN NE2  N N N 176 
GLN OXT  O N N 177 
GLN H    H N N 178 
GLN H2   H N N 179 
GLN HA   H N N 180 
GLN HB2  H N N 181 
GLN HB3  H N N 182 
GLN HG2  H N N 183 
GLN HG3  H N N 184 
GLN HE21 H N N 185 
GLN HE22 H N N 186 
GLN HXT  H N N 187 
GLU N    N N N 188 
GLU CA   C N S 189 
GLU C    C N N 190 
GLU O    O N N 191 
GLU CB   C N N 192 
GLU CG   C N N 193 
GLU CD   C N N 194 
GLU OE1  O N N 195 
GLU OE2  O N N 196 
GLU OXT  O N N 197 
GLU H    H N N 198 
GLU H2   H N N 199 
GLU HA   H N N 200 
GLU HB2  H N N 201 
GLU HB3  H N N 202 
GLU HG2  H N N 203 
GLU HG3  H N N 204 
GLU HE2  H N N 205 
GLU HXT  H N N 206 
GLY N    N N N 207 
GLY CA   C N N 208 
GLY C    C N N 209 
GLY O    O N N 210 
GLY OXT  O N N 211 
GLY H    H N N 212 
GLY H2   H N N 213 
GLY HA2  H N N 214 
GLY HA3  H N N 215 
GLY HXT  H N N 216 
HIS N    N N N 217 
HIS CA   C N S 218 
HIS C    C N N 219 
HIS O    O N N 220 
HIS CB   C N N 221 
HIS CG   C Y N 222 
HIS ND1  N Y N 223 
HIS CD2  C Y N 224 
HIS CE1  C Y N 225 
HIS NE2  N Y N 226 
HIS OXT  O N N 227 
HIS H    H N N 228 
HIS H2   H N N 229 
HIS HA   H N N 230 
HIS HB2  H N N 231 
HIS HB3  H N N 232 
HIS HD1  H N N 233 
HIS HD2  H N N 234 
HIS HE1  H N N 235 
HIS HE2  H N N 236 
HIS HXT  H N N 237 
HOH O    O N N 238 
HOH H1   H N N 239 
HOH H2   H N N 240 
ILE N    N N N 241 
ILE CA   C N S 242 
ILE C    C N N 243 
ILE O    O N N 244 
ILE CB   C N S 245 
ILE CG1  C N N 246 
ILE CG2  C N N 247 
ILE CD1  C N N 248 
ILE OXT  O N N 249 
ILE H    H N N 250 
ILE H2   H N N 251 
ILE HA   H N N 252 
ILE HB   H N N 253 
ILE HG12 H N N 254 
ILE HG13 H N N 255 
ILE HG21 H N N 256 
ILE HG22 H N N 257 
ILE HG23 H N N 258 
ILE HD11 H N N 259 
ILE HD12 H N N 260 
ILE HD13 H N N 261 
ILE HXT  H N N 262 
LEU N    N N N 263 
LEU CA   C N S 264 
LEU C    C N N 265 
LEU O    O N N 266 
LEU CB   C N N 267 
LEU CG   C N N 268 
LEU CD1  C N N 269 
LEU CD2  C N N 270 
LEU OXT  O N N 271 
LEU H    H N N 272 
LEU H2   H N N 273 
LEU HA   H N N 274 
LEU HB2  H N N 275 
LEU HB3  H N N 276 
LEU HG   H N N 277 
LEU HD11 H N N 278 
LEU HD12 H N N 279 
LEU HD13 H N N 280 
LEU HD21 H N N 281 
LEU HD22 H N N 282 
LEU HD23 H N N 283 
LEU HXT  H N N 284 
LYS N    N N N 285 
LYS CA   C N S 286 
LYS C    C N N 287 
LYS O    O N N 288 
LYS CB   C N N 289 
LYS CG   C N N 290 
LYS CD   C N N 291 
LYS CE   C N N 292 
LYS NZ   N N N 293 
LYS OXT  O N N 294 
LYS H    H N N 295 
LYS H2   H N N 296 
LYS HA   H N N 297 
LYS HB2  H N N 298 
LYS HB3  H N N 299 
LYS HG2  H N N 300 
LYS HG3  H N N 301 
LYS HD2  H N N 302 
LYS HD3  H N N 303 
LYS HE2  H N N 304 
LYS HE3  H N N 305 
LYS HZ1  H N N 306 
LYS HZ2  H N N 307 
LYS HZ3  H N N 308 
LYS HXT  H N N 309 
MET N    N N N 310 
MET CA   C N S 311 
MET C    C N N 312 
MET O    O N N 313 
MET CB   C N N 314 
MET CG   C N N 315 
MET SD   S N N 316 
MET CE   C N N 317 
MET OXT  O N N 318 
MET H    H N N 319 
MET H2   H N N 320 
MET HA   H N N 321 
MET HB2  H N N 322 
MET HB3  H N N 323 
MET HG2  H N N 324 
MET HG3  H N N 325 
MET HE1  H N N 326 
MET HE2  H N N 327 
MET HE3  H N N 328 
MET HXT  H N N 329 
PHE N    N N N 330 
PHE CA   C N S 331 
PHE C    C N N 332 
PHE O    O N N 333 
PHE CB   C N N 334 
PHE CG   C Y N 335 
PHE CD1  C Y N 336 
PHE CD2  C Y N 337 
PHE CE1  C Y N 338 
PHE CE2  C Y N 339 
PHE CZ   C Y N 340 
PHE OXT  O N N 341 
PHE H    H N N 342 
PHE H2   H N N 343 
PHE HA   H N N 344 
PHE HB2  H N N 345 
PHE HB3  H N N 346 
PHE HD1  H N N 347 
PHE HD2  H N N 348 
PHE HE1  H N N 349 
PHE HE2  H N N 350 
PHE HZ   H N N 351 
PHE HXT  H N N 352 
PRO N    N N N 353 
PRO CA   C N S 354 
PRO C    C N N 355 
PRO O    O N N 356 
PRO CB   C N N 357 
PRO CG   C N N 358 
PRO CD   C N N 359 
PRO OXT  O N N 360 
PRO H    H N N 361 
PRO HA   H N N 362 
PRO HB2  H N N 363 
PRO HB3  H N N 364 
PRO HG2  H N N 365 
PRO HG3  H N N 366 
PRO HD2  H N N 367 
PRO HD3  H N N 368 
PRO HXT  H N N 369 
SER N    N N N 370 
SER CA   C N S 371 
SER C    C N N 372 
SER O    O N N 373 
SER CB   C N N 374 
SER OG   O N N 375 
SER OXT  O N N 376 
SER H    H N N 377 
SER H2   H N N 378 
SER HA   H N N 379 
SER HB2  H N N 380 
SER HB3  H N N 381 
SER HG   H N N 382 
SER HXT  H N N 383 
THR N    N N N 384 
THR CA   C N S 385 
THR C    C N N 386 
THR O    O N N 387 
THR CB   C N R 388 
THR OG1  O N N 389 
THR CG2  C N N 390 
THR OXT  O N N 391 
THR H    H N N 392 
THR H2   H N N 393 
THR HA   H N N 394 
THR HB   H N N 395 
THR HG1  H N N 396 
THR HG21 H N N 397 
THR HG22 H N N 398 
THR HG23 H N N 399 
THR HXT  H N N 400 
TRP N    N N N 401 
TRP CA   C N S 402 
TRP C    C N N 403 
TRP O    O N N 404 
TRP CB   C N N 405 
TRP CG   C Y N 406 
TRP CD1  C Y N 407 
TRP CD2  C Y N 408 
TRP NE1  N Y N 409 
TRP CE2  C Y N 410 
TRP CE3  C Y N 411 
TRP CZ2  C Y N 412 
TRP CZ3  C Y N 413 
TRP CH2  C Y N 414 
TRP OXT  O N N 415 
TRP H    H N N 416 
TRP H2   H N N 417 
TRP HA   H N N 418 
TRP HB2  H N N 419 
TRP HB3  H N N 420 
TRP HD1  H N N 421 
TRP HE1  H N N 422 
TRP HE3  H N N 423 
TRP HZ2  H N N 424 
TRP HZ3  H N N 425 
TRP HH2  H N N 426 
TRP HXT  H N N 427 
TYR N    N N N 428 
TYR CA   C N S 429 
TYR C    C N N 430 
TYR O    O N N 431 
TYR CB   C N N 432 
TYR CG   C Y N 433 
TYR CD1  C Y N 434 
TYR CD2  C Y N 435 
TYR CE1  C Y N 436 
TYR CE2  C Y N 437 
TYR CZ   C Y N 438 
TYR OH   O N N 439 
TYR OXT  O N N 440 
TYR H    H N N 441 
TYR H2   H N N 442 
TYR HA   H N N 443 
TYR HB2  H N N 444 
TYR HB3  H N N 445 
TYR HD1  H N N 446 
TYR HD2  H N N 447 
TYR HE1  H N N 448 
TYR HE2  H N N 449 
TYR HH   H N N 450 
TYR HXT  H N N 451 
VAL N    N N N 452 
VAL CA   C N S 453 
VAL C    C N N 454 
VAL O    O N N 455 
VAL CB   C N N 456 
VAL CG1  C N N 457 
VAL CG2  C N N 458 
VAL OXT  O N N 459 
VAL H    H N N 460 
VAL H2   H N N 461 
VAL HA   H N N 462 
VAL HB   H N N 463 
VAL HG11 H N N 464 
VAL HG12 H N N 465 
VAL HG13 H N N 466 
VAL HG21 H N N 467 
VAL HG22 H N N 468 
VAL HG23 H N N 469 
VAL HXT  H N N 470 
# 
loop_
_chem_comp_bond.comp_id 
_chem_comp_bond.atom_id_1 
_chem_comp_bond.atom_id_2 
_chem_comp_bond.value_order 
_chem_comp_bond.pdbx_aromatic_flag 
_chem_comp_bond.pdbx_stereo_config 
_chem_comp_bond.pdbx_ordinal 
ALA N   CA   sing N N 1   
ALA N   H    sing N N 2   
ALA N   H2   sing N N 3   
ALA CA  C    sing N N 4   
ALA CA  CB   sing N N 5   
ALA CA  HA   sing N N 6   
ALA C   O    doub N N 7   
ALA C   OXT  sing N N 8   
ALA CB  HB1  sing N N 9   
ALA CB  HB2  sing N N 10  
ALA CB  HB3  sing N N 11  
ALA OXT HXT  sing N N 12  
ARG N   CA   sing N N 13  
ARG N   H    sing N N 14  
ARG N   H2   sing N N 15  
ARG CA  C    sing N N 16  
ARG CA  CB   sing N N 17  
ARG CA  HA   sing N N 18  
ARG C   O    doub N N 19  
ARG C   OXT  sing N N 20  
ARG CB  CG   sing N N 21  
ARG CB  HB2  sing N N 22  
ARG CB  HB3  sing N N 23  
ARG CG  CD   sing N N 24  
ARG CG  HG2  sing N N 25  
ARG CG  HG3  sing N N 26  
ARG CD  NE   sing N N 27  
ARG CD  HD2  sing N N 28  
ARG CD  HD3  sing N N 29  
ARG NE  CZ   sing N N 30  
ARG NE  HE   sing N N 31  
ARG CZ  NH1  sing N N 32  
ARG CZ  NH2  doub N N 33  
ARG NH1 HH11 sing N N 34  
ARG NH1 HH12 sing N N 35  
ARG NH2 HH21 sing N N 36  
ARG NH2 HH22 sing N N 37  
ARG OXT HXT  sing N N 38  
ASN N   CA   sing N N 39  
ASN N   H    sing N N 40  
ASN N   H2   sing N N 41  
ASN CA  C    sing N N 42  
ASN CA  CB   sing N N 43  
ASN CA  HA   sing N N 44  
ASN C   O    doub N N 45  
ASN C   OXT  sing N N 46  
ASN CB  CG   sing N N 47  
ASN CB  HB2  sing N N 48  
ASN CB  HB3  sing N N 49  
ASN CG  OD1  doub N N 50  
ASN CG  ND2  sing N N 51  
ASN ND2 HD21 sing N N 52  
ASN ND2 HD22 sing N N 53  
ASN OXT HXT  sing N N 54  
ASP N   CA   sing N N 55  
ASP N   H    sing N N 56  
ASP N   H2   sing N N 57  
ASP CA  C    sing N N 58  
ASP CA  CB   sing N N 59  
ASP CA  HA   sing N N 60  
ASP C   O    doub N N 61  
ASP C   OXT  sing N N 62  
ASP CB  CG   sing N N 63  
ASP CB  HB2  sing N N 64  
ASP CB  HB3  sing N N 65  
ASP CG  OD1  doub N N 66  
ASP CG  OD2  sing N N 67  
ASP OD2 HD2  sing N N 68  
ASP OXT HXT  sing N N 69  
CYS N   CA   sing N N 70  
CYS N   H    sing N N 71  
CYS N   H2   sing N N 72  
CYS CA  C    sing N N 73  
CYS CA  CB   sing N N 74  
CYS CA  HA   sing N N 75  
CYS C   O    doub N N 76  
CYS C   OXT  sing N N 77  
CYS CB  SG   sing N N 78  
CYS CB  HB2  sing N N 79  
CYS CB  HB3  sing N N 80  
CYS SG  HG   sing N N 81  
CYS OXT HXT  sing N N 82  
DMP C1  N2   sing N N 83  
DMP C1  N7   sing N N 84  
DMP C1  O1   doub N N 85  
DMP C3  C4   sing N N 86  
DMP C3  C30  sing N N 87  
DMP C3  N2   sing N N 88  
DMP C3  H3   sing N N 89  
DMP C4  C5   sing N N 90  
DMP C4  O4   sing N N 91  
DMP C4  H4   sing N N 92  
DMP C5  C6   sing N N 93  
DMP C5  O5   sing N N 94  
DMP C5  H5   sing N N 95  
DMP C6  C60  sing N N 96  
DMP C6  N7   sing N N 97  
DMP C6  H6   sing N N 98  
DMP C20 C21  sing N N 99  
DMP C20 N2   sing N N 100 
DMP C20 H201 sing N N 101 
DMP C20 H202 sing N N 102 
DMP C21 C22  doub Y N 103 
DMP C21 C26  sing Y N 104 
DMP C22 C23  sing Y N 105 
DMP C22 H22  sing N N 106 
DMP C23 C24  doub Y N 107 
DMP C23 H23  sing N N 108 
DMP C24 C25  sing Y N 109 
DMP C24 C27  sing N N 110 
DMP C25 C26  doub Y N 111 
DMP C25 H25  sing N N 112 
DMP C26 H26  sing N N 113 
DMP C27 O27  sing N N 114 
DMP C27 H271 sing N N 115 
DMP C27 H272 sing N N 116 
DMP C30 C31  sing N N 117 
DMP C30 H301 sing N N 118 
DMP C30 H302 sing N N 119 
DMP C31 C32  doub Y N 120 
DMP C31 C36  sing Y N 121 
DMP C32 C33  sing Y N 122 
DMP C32 H32  sing N N 123 
DMP C33 C34  doub Y N 124 
DMP C33 H33  sing N N 125 
DMP C34 C35  sing Y N 126 
DMP C34 H34  sing N N 127 
DMP C35 C36  doub Y N 128 
DMP C35 H35  sing N N 129 
DMP C36 H36  sing N N 130 
DMP C60 C61  sing N N 131 
DMP C60 H601 sing N N 132 
DMP C60 H602 sing N N 133 
DMP C61 C62  doub Y N 134 
DMP C61 C66  sing Y N 135 
DMP C62 C63  sing Y N 136 
DMP C62 H62  sing N N 137 
DMP C63 C64  doub Y N 138 
DMP C63 H63  sing N N 139 
DMP C64 C65  sing Y N 140 
DMP C64 H64  sing N N 141 
DMP C65 C66  doub Y N 142 
DMP C65 H65  sing N N 143 
DMP C66 H66  sing N N 144 
DMP C70 C71  sing N N 145 
DMP C70 N7   sing N N 146 
DMP C70 H701 sing N N 147 
DMP C70 H702 sing N N 148 
DMP C71 C72  doub Y N 149 
DMP C71 C76  sing Y N 150 
DMP C72 C73  sing Y N 151 
DMP C72 H72  sing N N 152 
DMP C73 C74  doub Y N 153 
DMP C73 H73  sing N N 154 
DMP C74 C75  sing Y N 155 
DMP C74 C77  sing N N 156 
DMP C75 C76  doub Y N 157 
DMP C75 H75  sing N N 158 
DMP C76 H76  sing N N 159 
DMP C77 O77  sing N N 160 
DMP C77 H771 sing N N 161 
DMP C77 H772 sing N N 162 
DMP O4  HO4  sing N N 163 
DMP O5  HO5  sing N N 164 
DMP O27 HO27 sing N N 165 
DMP O77 HO77 sing N N 166 
GLN N   CA   sing N N 167 
GLN N   H    sing N N 168 
GLN N   H2   sing N N 169 
GLN CA  C    sing N N 170 
GLN CA  CB   sing N N 171 
GLN CA  HA   sing N N 172 
GLN C   O    doub N N 173 
GLN C   OXT  sing N N 174 
GLN CB  CG   sing N N 175 
GLN CB  HB2  sing N N 176 
GLN CB  HB3  sing N N 177 
GLN CG  CD   sing N N 178 
GLN CG  HG2  sing N N 179 
GLN CG  HG3  sing N N 180 
GLN CD  OE1  doub N N 181 
GLN CD  NE2  sing N N 182 
GLN NE2 HE21 sing N N 183 
GLN NE2 HE22 sing N N 184 
GLN OXT HXT  sing N N 185 
GLU N   CA   sing N N 186 
GLU N   H    sing N N 187 
GLU N   H2   sing N N 188 
GLU CA  C    sing N N 189 
GLU CA  CB   sing N N 190 
GLU CA  HA   sing N N 191 
GLU C   O    doub N N 192 
GLU C   OXT  sing N N 193 
GLU CB  CG   sing N N 194 
GLU CB  HB2  sing N N 195 
GLU CB  HB3  sing N N 196 
GLU CG  CD   sing N N 197 
GLU CG  HG2  sing N N 198 
GLU CG  HG3  sing N N 199 
GLU CD  OE1  doub N N 200 
GLU CD  OE2  sing N N 201 
GLU OE2 HE2  sing N N 202 
GLU OXT HXT  sing N N 203 
GLY N   CA   sing N N 204 
GLY N   H    sing N N 205 
GLY N   H2   sing N N 206 
GLY CA  C    sing N N 207 
GLY CA  HA2  sing N N 208 
GLY CA  HA3  sing N N 209 
GLY C   O    doub N N 210 
GLY C   OXT  sing N N 211 
GLY OXT HXT  sing N N 212 
HIS N   CA   sing N N 213 
HIS N   H    sing N N 214 
HIS N   H2   sing N N 215 
HIS CA  C    sing N N 216 
HIS CA  CB   sing N N 217 
HIS CA  HA   sing N N 218 
HIS C   O    doub N N 219 
HIS C   OXT  sing N N 220 
HIS CB  CG   sing N N 221 
HIS CB  HB2  sing N N 222 
HIS CB  HB3  sing N N 223 
HIS CG  ND1  sing Y N 224 
HIS CG  CD2  doub Y N 225 
HIS ND1 CE1  doub Y N 226 
HIS ND1 HD1  sing N N 227 
HIS CD2 NE2  sing Y N 228 
HIS CD2 HD2  sing N N 229 
HIS CE1 NE2  sing Y N 230 
HIS CE1 HE1  sing N N 231 
HIS NE2 HE2  sing N N 232 
HIS OXT HXT  sing N N 233 
HOH O   H1   sing N N 234 
HOH O   H2   sing N N 235 
ILE N   CA   sing N N 236 
ILE N   H    sing N N 237 
ILE N   H2   sing N N 238 
ILE CA  C    sing N N 239 
ILE CA  CB   sing N N 240 
ILE CA  HA   sing N N 241 
ILE C   O    doub N N 242 
ILE C   OXT  sing N N 243 
ILE CB  CG1  sing N N 244 
ILE CB  CG2  sing N N 245 
ILE CB  HB   sing N N 246 
ILE CG1 CD1  sing N N 247 
ILE CG1 HG12 sing N N 248 
ILE CG1 HG13 sing N N 249 
ILE CG2 HG21 sing N N 250 
ILE CG2 HG22 sing N N 251 
ILE CG2 HG23 sing N N 252 
ILE CD1 HD11 sing N N 253 
ILE CD1 HD12 sing N N 254 
ILE CD1 HD13 sing N N 255 
ILE OXT HXT  sing N N 256 
LEU N   CA   sing N N 257 
LEU N   H    sing N N 258 
LEU N   H2   sing N N 259 
LEU CA  C    sing N N 260 
LEU CA  CB   sing N N 261 
LEU CA  HA   sing N N 262 
LEU C   O    doub N N 263 
LEU C   OXT  sing N N 264 
LEU CB  CG   sing N N 265 
LEU CB  HB2  sing N N 266 
LEU CB  HB3  sing N N 267 
LEU CG  CD1  sing N N 268 
LEU CG  CD2  sing N N 269 
LEU CG  HG   sing N N 270 
LEU CD1 HD11 sing N N 271 
LEU CD1 HD12 sing N N 272 
LEU CD1 HD13 sing N N 273 
LEU CD2 HD21 sing N N 274 
LEU CD2 HD22 sing N N 275 
LEU CD2 HD23 sing N N 276 
LEU OXT HXT  sing N N 277 
LYS N   CA   sing N N 278 
LYS N   H    sing N N 279 
LYS N   H2   sing N N 280 
LYS CA  C    sing N N 281 
LYS CA  CB   sing N N 282 
LYS CA  HA   sing N N 283 
LYS C   O    doub N N 284 
LYS C   OXT  sing N N 285 
LYS CB  CG   sing N N 286 
LYS CB  HB2  sing N N 287 
LYS CB  HB3  sing N N 288 
LYS CG  CD   sing N N 289 
LYS CG  HG2  sing N N 290 
LYS CG  HG3  sing N N 291 
LYS CD  CE   sing N N 292 
LYS CD  HD2  sing N N 293 
LYS CD  HD3  sing N N 294 
LYS CE  NZ   sing N N 295 
LYS CE  HE2  sing N N 296 
LYS CE  HE3  sing N N 297 
LYS NZ  HZ1  sing N N 298 
LYS NZ  HZ2  sing N N 299 
LYS NZ  HZ3  sing N N 300 
LYS OXT HXT  sing N N 301 
MET N   CA   sing N N 302 
MET N   H    sing N N 303 
MET N   H2   sing N N 304 
MET CA  C    sing N N 305 
MET CA  CB   sing N N 306 
MET CA  HA   sing N N 307 
MET C   O    doub N N 308 
MET C   OXT  sing N N 309 
MET CB  CG   sing N N 310 
MET CB  HB2  sing N N 311 
MET CB  HB3  sing N N 312 
MET CG  SD   sing N N 313 
MET CG  HG2  sing N N 314 
MET CG  HG3  sing N N 315 
MET SD  CE   sing N N 316 
MET CE  HE1  sing N N 317 
MET CE  HE2  sing N N 318 
MET CE  HE3  sing N N 319 
MET OXT HXT  sing N N 320 
PHE N   CA   sing N N 321 
PHE N   H    sing N N 322 
PHE N   H2   sing N N 323 
PHE CA  C    sing N N 324 
PHE CA  CB   sing N N 325 
PHE CA  HA   sing N N 326 
PHE C   O    doub N N 327 
PHE C   OXT  sing N N 328 
PHE CB  CG   sing N N 329 
PHE CB  HB2  sing N N 330 
PHE CB  HB3  sing N N 331 
PHE CG  CD1  doub Y N 332 
PHE CG  CD2  sing Y N 333 
PHE CD1 CE1  sing Y N 334 
PHE CD1 HD1  sing N N 335 
PHE CD2 CE2  doub Y N 336 
PHE CD2 HD2  sing N N 337 
PHE CE1 CZ   doub Y N 338 
PHE CE1 HE1  sing N N 339 
PHE CE2 CZ   sing Y N 340 
PHE CE2 HE2  sing N N 341 
PHE CZ  HZ   sing N N 342 
PHE OXT HXT  sing N N 343 
PRO N   CA   sing N N 344 
PRO N   CD   sing N N 345 
PRO N   H    sing N N 346 
PRO CA  C    sing N N 347 
PRO CA  CB   sing N N 348 
PRO CA  HA   sing N N 349 
PRO C   O    doub N N 350 
PRO C   OXT  sing N N 351 
PRO CB  CG   sing N N 352 
PRO CB  HB2  sing N N 353 
PRO CB  HB3  sing N N 354 
PRO CG  CD   sing N N 355 
PRO CG  HG2  sing N N 356 
PRO CG  HG3  sing N N 357 
PRO CD  HD2  sing N N 358 
PRO CD  HD3  sing N N 359 
PRO OXT HXT  sing N N 360 
SER N   CA   sing N N 361 
SER N   H    sing N N 362 
SER N   H2   sing N N 363 
SER CA  C    sing N N 364 
SER CA  CB   sing N N 365 
SER CA  HA   sing N N 366 
SER C   O    doub N N 367 
SER C   OXT  sing N N 368 
SER CB  OG   sing N N 369 
SER CB  HB2  sing N N 370 
SER CB  HB3  sing N N 371 
SER OG  HG   sing N N 372 
SER OXT HXT  sing N N 373 
THR N   CA   sing N N 374 
THR N   H    sing N N 375 
THR N   H2   sing N N 376 
THR CA  C    sing N N 377 
THR CA  CB   sing N N 378 
THR CA  HA   sing N N 379 
THR C   O    doub N N 380 
THR C   OXT  sing N N 381 
THR CB  OG1  sing N N 382 
THR CB  CG2  sing N N 383 
THR CB  HB   sing N N 384 
THR OG1 HG1  sing N N 385 
THR CG2 HG21 sing N N 386 
THR CG2 HG22 sing N N 387 
THR CG2 HG23 sing N N 388 
THR OXT HXT  sing N N 389 
TRP N   CA   sing N N 390 
TRP N   H    sing N N 391 
TRP N   H2   sing N N 392 
TRP CA  C    sing N N 393 
TRP CA  CB   sing N N 394 
TRP CA  HA   sing N N 395 
TRP C   O    doub N N 396 
TRP C   OXT  sing N N 397 
TRP CB  CG   sing N N 398 
TRP CB  HB2  sing N N 399 
TRP CB  HB3  sing N N 400 
TRP CG  CD1  doub Y N 401 
TRP CG  CD2  sing Y N 402 
TRP CD1 NE1  sing Y N 403 
TRP CD1 HD1  sing N N 404 
TRP CD2 CE2  doub Y N 405 
TRP CD2 CE3  sing Y N 406 
TRP NE1 CE2  sing Y N 407 
TRP NE1 HE1  sing N N 408 
TRP CE2 CZ2  sing Y N 409 
TRP CE3 CZ3  doub Y N 410 
TRP CE3 HE3  sing N N 411 
TRP CZ2 CH2  doub Y N 412 
TRP CZ2 HZ2  sing N N 413 
TRP CZ3 CH2  sing Y N 414 
TRP CZ3 HZ3  sing N N 415 
TRP CH2 HH2  sing N N 416 
TRP OXT HXT  sing N N 417 
TYR N   CA   sing N N 418 
TYR N   H    sing N N 419 
TYR N   H2   sing N N 420 
TYR CA  C    sing N N 421 
TYR CA  CB   sing N N 422 
TYR CA  HA   sing N N 423 
TYR C   O    doub N N 424 
TYR C   OXT  sing N N 425 
TYR CB  CG   sing N N 426 
TYR CB  HB2  sing N N 427 
TYR CB  HB3  sing N N 428 
TYR CG  CD1  doub Y N 429 
TYR CG  CD2  sing Y N 430 
TYR CD1 CE1  sing Y N 431 
TYR CD1 HD1  sing N N 432 
TYR CD2 CE2  doub Y N 433 
TYR CD2 HD2  sing N N 434 
TYR CE1 CZ   doub Y N 435 
TYR CE1 HE1  sing N N 436 
TYR CE2 CZ   sing Y N 437 
TYR CE2 HE2  sing N N 438 
TYR CZ  OH   sing N N 439 
TYR OH  HH   sing N N 440 
TYR OXT HXT  sing N N 441 
VAL N   CA   sing N N 442 
VAL N   H    sing N N 443 
VAL N   H2   sing N N 444 
VAL CA  C    sing N N 445 
VAL CA  CB   sing N N 446 
VAL CA  HA   sing N N 447 
VAL C   O    doub N N 448 
VAL C   OXT  sing N N 449 
VAL CB  CG1  sing N N 450 
VAL CB  CG2  sing N N 451 
VAL CB  HB   sing N N 452 
VAL CG1 HG11 sing N N 453 
VAL CG1 HG12 sing N N 454 
VAL CG1 HG13 sing N N 455 
VAL CG2 HG21 sing N N 456 
VAL CG2 HG22 sing N N 457 
VAL CG2 HG23 sing N N 458 
VAL OXT HXT  sing N N 459 
# 
loop_
_pdbx_entity_nonpoly.entity_id 
_pdbx_entity_nonpoly.name 
_pdbx_entity_nonpoly.comp_id 
2 
;[4-R-(-4-ALPHA,5-ALPHA,6-BETA,7-BETA)]-HEXAHYDRO-5,6-BIS(HYDROXY)-[1,3-BIS([4-HYDROXYMETHYL-PHENYL]METHYL)-4,7-BIS(PHEN YLMETHYL)]-2H-1,3-DIAZEPINONE
;
DMP 
3 water HOH 
# 
_pdbx_initial_refinement_model.id               1 
_pdbx_initial_refinement_model.entity_id_list   ? 
_pdbx_initial_refinement_model.type             'experimental model' 
_pdbx_initial_refinement_model.source_name      PDB 
_pdbx_initial_refinement_model.accession_code   2IEN 
_pdbx_initial_refinement_model.details          'PDB entry 2IEN' 
# 
